data_1FFT
#
_entry.id   1FFT
#
_cell.length_a   92.100
_cell.length_b   372.500
_cell.length_c   232.700
_cell.angle_alpha   90.00
_cell.angle_beta   90.00
_cell.angle_gamma   90.00
#
_symmetry.space_group_name_H-M   'C 2 2 21'
#
loop_
_entity.id
_entity.type
_entity.pdbx_description
1 polymer 'UBIQUINOL OXIDASE'
2 polymer 'UBIQUINOL OXIDASE'
3 polymer 'UBIQUINOL OXIDASE'
4 polymer 'UBIQUINOL OXIDASE'
5 non-polymer 'COPPER (II) ION'
6 non-polymer 'PROTOPORPHYRIN IX CONTAINING FE'
7 non-polymer 'HEME O'
#
loop_
_entity_poly.entity_id
_entity_poly.type
_entity_poly.pdbx_seq_one_letter_code
_entity_poly.pdbx_strand_id
1 'polypeptide(L)'
;MFGKLSLDAVPFHEPIVMVTIAGIILGGLALVGLITYFGKWTYLWKEWLTSVDHKRLGIMYIIVAIVMLLRGFADAIMMR
SQQALASAGEAGFLPPHHYDQIFTAHGVIMIFFVAMPFVIGLMNLVVPLQIGARDVAFPFLNNLSFWFTVVGVILVNVSL
GVGEFAQTGWLAYPPLSGIEYSPGVGVDYWIWSLQLSGIGTTLTGINFFVTILKMRAPGMTMFKMPVFTWASLCANVLII
ASFPILTVTVALLTLDRYLGTHFFTNDMGGNMMMYINLIWAWGHPEVYILILPVFGVFSEIAATFSRKRLFGYTSLVWAT
VCITVLSFIVWLHHFFTMGAGANVNAFFGITTMIIAIPTGVKIFNWLFTMYQGRIVFHSAMLWTIGFIVTFSVGGMTGVL
LAVPGADFVLHNSLFLIAHFHNVIIGGVVFGCFAGMTYWWPKAFGFKLNETWGKRAFWFWIIGFFVAFMPLYALGFMGMT
RRLSQQIDPQFHTMLMIAASGAVLIALGILCLVIQMYVSIRDRDQNRDLTGDPWGGRTLEWATSSPPPFYNFAVVPHVHE
RDAFWEMKEKGEAYKKPDHYEEIHMPKNSGAGIVIAAFSTIFGFAMIWHIWWLAIVGFAGMIITWIVKSFDEDVDYYVPV
AEIEKLENQHFDEITKAGLKNGN
;
A,F
2 'polypeptide(L)'
;MRLRKYNKSLGWLSLFAGTVLLSGCNSALLDPKGQIGLEQRSLILTAFGLMLIVVIPAILMAVGFAWKYRASNKDAKYSP
NWSHSNKVEAVVWTVPILIIIFLAVLTWKTTHALEPSKPLAHDEKPITIEVVSMDWKWFFIYPEQGIATVNEIAFPANTP
VYFKVTSNSVMNSFFIPRLGSQIYAMAGMQTRLHLIANEPGTYDGISASYSGPGFSGMKFKAIATPDRAAFDQWVAKAKQ
SPNTMSDMAAFEKLAAPSEYNQVEYFSNVKPDLFADVINKFMAHGKSMDMTQPEGEHSAHEGMEGMDMSHAESAH
;
B,G
3 'polypeptide(L)'
;MATDTLTHATAHAHEHGHHDAGGTKIFGFWIYLMSDCILFSILFATYAVLVNGTAGGPTGKDIFELPFVLVETFLLLFSS
ITYGMAAIAMYKNNKSQVISWLALTWLFGAGFIGMEIYEFHHLIVNGMGPDRSGFLSAFFALVGTHGLHVTSGLIWMAVL
MVQIARRGLTSTNRTRIMCLSLFWHFLDVVWICVFTVVYLMGAM
;
C,H
4 'polypeptide(L)'
;(UNK)(UNK)(UNK)(UNK)(UNK)(UNK)(UNK)(UNK)(UNK)(UNK)(UNK)(UNK)(UNK)(UNK)(UNK)(UNK)
(UNK)(UNK)(UNK)(UNK)(UNK)(UNK)(UNK)(UNK)(UNK)(UNK)(UNK)(UNK)(UNK)(UNK)(UNK)(UNK)
(UNK)(UNK)(UNK)(UNK)(UNK)(UNK)(UNK)(UNK)(UNK)(UNK)(UNK)(UNK)(UNK)(UNK)(UNK)(UNK)
(UNK)(UNK)(UNK)(UNK)(UNK)(UNK)(UNK)(UNK)(UNK)(UNK)(UNK)(UNK)(UNK)(UNK)(UNK)(UNK)
(UNK)(UNK)(UNK)(UNK)(UNK)(UNK)(UNK)(UNK)(UNK)(UNK)(UNK)(UNK)(UNK)(UNK)(UNK)(UNK)
(UNK)(UNK)(UNK)(UNK)(UNK)(UNK)(UNK)(UNK)(UNK)(UNK)(UNK)(UNK)(UNK)(UNK)(UNK)(UNK)
(UNK)(UNK)(UNK)(UNK)(UNK)(UNK)(UNK)(UNK)(UNK)(UNK)(UNK)(UNK)(UNK)
;
D,I
#
loop_
_chem_comp.id
_chem_comp.type
_chem_comp.name
_chem_comp.formula
CU non-polymer 'COPPER (II) ION' 'Cu 2'
HEM non-polymer 'PROTOPORPHYRIN IX CONTAINING FE' 'C34 H32 Fe N4 O4'
HEO non-polymer 'HEME O' 'C49 H58 Fe N4 O5 2'
#
# COMPACT_ATOMS: atom_id res chain seq x y z
N VAL A 52 -8.18 -51.01 -85.49
CA VAL A 52 -9.44 -51.64 -85.95
C VAL A 52 -9.18 -53.10 -86.33
N ASP A 53 -7.97 -53.56 -86.01
CA ASP A 53 -7.57 -54.94 -86.30
C ASP A 53 -7.57 -55.71 -84.97
N HIS A 54 -8.32 -56.81 -84.89
CA HIS A 54 -8.40 -57.60 -83.67
C HIS A 54 -7.07 -57.69 -82.91
N LYS A 55 -6.02 -58.12 -83.60
CA LYS A 55 -4.70 -58.27 -83.00
C LYS A 55 -4.29 -57.05 -82.18
N ARG A 56 -4.15 -55.91 -82.82
CA ARG A 56 -3.75 -54.69 -82.12
C ARG A 56 -4.76 -54.29 -81.03
N LEU A 57 -6.05 -54.55 -81.25
CA LEU A 57 -7.05 -54.22 -80.23
C LEU A 57 -6.69 -55.05 -79.01
N GLY A 58 -6.26 -56.27 -79.28
CA GLY A 58 -5.86 -57.16 -78.21
C GLY A 58 -4.97 -56.40 -77.25
N ILE A 59 -3.81 -55.96 -77.74
CA ILE A 59 -2.91 -55.19 -76.91
C ILE A 59 -3.75 -54.06 -76.32
N MET A 60 -4.43 -53.34 -77.21
CA MET A 60 -5.29 -52.21 -76.84
C MET A 60 -5.85 -52.41 -75.44
N TYR A 61 -6.32 -53.62 -75.17
CA TYR A 61 -6.86 -53.94 -73.87
C TYR A 61 -5.76 -53.87 -72.84
N ILE A 62 -4.93 -54.91 -72.82
CA ILE A 62 -3.83 -54.98 -71.88
C ILE A 62 -3.39 -53.59 -71.44
N ILE A 63 -3.16 -52.69 -72.40
CA ILE A 63 -2.74 -51.34 -72.05
C ILE A 63 -3.64 -50.79 -70.97
N VAL A 64 -4.92 -50.63 -71.30
CA VAL A 64 -5.91 -50.12 -70.36
C VAL A 64 -5.71 -50.75 -68.99
N ALA A 65 -5.70 -52.08 -68.95
CA ALA A 65 -5.52 -52.81 -67.70
C ALA A 65 -4.30 -52.31 -66.93
N ILE A 66 -3.13 -52.45 -67.55
CA ILE A 66 -1.87 -52.03 -66.95
C ILE A 66 -1.90 -50.59 -66.46
N VAL A 67 -2.27 -49.68 -67.34
CA VAL A 67 -2.33 -48.28 -66.97
C VAL A 67 -3.24 -48.11 -65.76
N MET A 68 -4.29 -48.94 -65.71
CA MET A 68 -5.26 -48.87 -64.62
C MET A 68 -4.85 -49.54 -63.31
N LEU A 69 -4.11 -50.64 -63.39
CA LEU A 69 -3.65 -51.29 -62.16
C LEU A 69 -2.68 -50.36 -61.49
N LEU A 70 -2.16 -49.40 -62.25
CA LEU A 70 -1.24 -48.43 -61.70
C LEU A 70 -2.09 -47.56 -60.81
N ARG A 71 -3.40 -47.59 -61.05
CA ARG A 71 -4.36 -46.81 -60.26
C ARG A 71 -4.99 -47.64 -59.13
N GLY A 72 -5.58 -48.77 -59.49
CA GLY A 72 -6.20 -49.64 -58.50
C GLY A 72 -5.23 -49.98 -57.39
N PHE A 73 -4.14 -50.64 -57.76
CA PHE A 73 -3.10 -51.00 -56.81
C PHE A 73 -2.86 -49.78 -55.95
N ALA A 74 -2.32 -48.74 -56.55
CA ALA A 74 -2.06 -47.53 -55.81
C ALA A 74 -3.18 -47.36 -54.79
N ASP A 75 -4.41 -47.23 -55.30
CA ASP A 75 -5.56 -47.06 -54.44
C ASP A 75 -5.45 -48.01 -53.22
N ALA A 76 -5.58 -49.32 -53.47
CA ALA A 76 -5.51 -50.33 -52.41
C ALA A 76 -4.20 -50.29 -51.61
N ILE A 77 -3.08 -50.37 -52.31
CA ILE A 77 -1.77 -50.34 -51.68
C ILE A 77 -1.77 -49.30 -50.57
N MET A 78 -2.52 -48.23 -50.77
CA MET A 78 -2.60 -47.14 -49.81
C MET A 78 -3.53 -47.41 -48.62
N MET A 79 -4.82 -47.60 -48.89
CA MET A 79 -5.76 -47.83 -47.80
C MET A 79 -5.44 -49.04 -46.93
N ARG A 80 -4.91 -50.10 -47.52
CA ARG A 80 -4.60 -51.28 -46.73
C ARG A 80 -3.75 -50.97 -45.52
N SER A 81 -3.28 -49.74 -45.44
CA SER A 81 -2.43 -49.31 -44.33
C SER A 81 -3.17 -49.18 -43.00
N GLN A 82 -4.24 -48.37 -43.03
CA GLN A 82 -5.08 -48.07 -41.86
C GLN A 82 -5.23 -49.20 -40.84
N GLN A 83 -5.27 -50.44 -41.30
CA GLN A 83 -5.44 -51.59 -40.42
C GLN A 83 -4.16 -52.05 -39.72
N ALA A 84 -3.05 -51.42 -40.07
CA ALA A 84 -1.76 -51.74 -39.46
C ALA A 84 -1.68 -51.04 -38.11
N LEU A 85 -1.70 -49.71 -38.15
CA LEU A 85 -1.65 -48.90 -36.94
C LEU A 85 -3.05 -48.77 -36.37
N ALA A 86 -3.13 -48.32 -35.12
CA ALA A 86 -4.42 -48.14 -34.46
C ALA A 86 -4.90 -46.70 -34.64
N SER A 87 -5.92 -46.32 -33.87
CA SER A 87 -6.48 -44.98 -33.93
C SER A 87 -6.75 -44.54 -35.37
N ALA A 88 -6.75 -43.22 -35.59
CA ALA A 88 -7.00 -42.67 -36.90
C ALA A 88 -5.82 -42.93 -37.84
N GLY A 89 -4.61 -42.88 -37.29
CA GLY A 89 -3.43 -43.12 -38.10
C GLY A 89 -3.04 -41.98 -39.02
N GLU A 90 -1.96 -42.17 -39.78
CA GLU A 90 -1.47 -41.15 -40.71
C GLU A 90 -2.47 -40.88 -41.83
N ALA A 91 -3.48 -41.72 -41.94
CA ALA A 91 -4.50 -41.58 -42.97
C ALA A 91 -5.12 -40.18 -42.95
N GLY A 92 -5.65 -39.77 -41.80
CA GLY A 92 -6.26 -38.46 -41.70
C GLY A 92 -7.60 -38.43 -42.42
N PHE A 93 -8.45 -39.41 -42.11
CA PHE A 93 -9.76 -39.49 -42.72
C PHE A 93 -10.86 -39.36 -41.69
N LEU A 94 -11.90 -38.62 -42.06
CA LEU A 94 -13.05 -38.43 -41.19
C LEU A 94 -13.86 -39.71 -41.38
N PRO A 95 -14.96 -39.88 -40.62
CA PRO A 95 -15.79 -41.09 -40.76
C PRO A 95 -15.79 -41.78 -42.15
N PRO A 96 -16.01 -43.10 -42.16
CA PRO A 96 -16.05 -44.01 -43.31
C PRO A 96 -16.29 -43.44 -44.72
N HIS A 97 -16.99 -42.30 -44.82
CA HIS A 97 -17.25 -41.66 -46.11
C HIS A 97 -16.34 -42.27 -47.16
N HIS A 98 -15.07 -41.88 -47.12
CA HIS A 98 -14.05 -42.35 -48.07
C HIS A 98 -13.63 -43.80 -47.93
N TYR A 99 -13.32 -44.26 -46.74
CA TYR A 99 -12.92 -45.65 -46.60
C TYR A 99 -13.86 -46.53 -47.39
N ASP A 100 -15.15 -46.42 -47.05
CA ASP A 100 -16.17 -47.21 -47.73
C ASP A 100 -15.99 -47.12 -49.24
N GLN A 101 -16.03 -45.89 -49.75
CA GLN A 101 -15.85 -45.60 -51.17
C GLN A 101 -14.64 -46.40 -51.67
N ILE A 102 -13.47 -45.89 -51.32
CA ILE A 102 -12.20 -46.49 -51.74
C ILE A 102 -12.19 -48.01 -51.70
N PHE A 103 -11.80 -48.62 -50.60
CA PHE A 103 -11.76 -50.07 -50.56
C PHE A 103 -12.87 -50.79 -51.26
N THR A 104 -13.99 -50.13 -51.46
CA THR A 104 -15.08 -50.79 -52.15
C THR A 104 -14.95 -50.54 -53.65
N ALA A 105 -14.55 -49.33 -54.04
CA ALA A 105 -14.37 -48.95 -55.45
C ALA A 105 -13.31 -49.88 -56.04
N HIS A 106 -12.34 -50.19 -55.21
CA HIS A 106 -11.25 -51.10 -55.55
C HIS A 106 -11.92 -52.27 -56.24
N GLY A 107 -12.28 -53.29 -55.45
CA GLY A 107 -12.92 -54.49 -55.99
C GLY A 107 -13.93 -54.22 -57.08
N VAL A 108 -14.51 -53.03 -57.07
CA VAL A 108 -15.47 -52.67 -58.08
C VAL A 108 -14.69 -52.60 -59.40
N ILE A 109 -13.48 -52.06 -59.34
CA ILE A 109 -12.62 -51.94 -60.51
C ILE A 109 -12.00 -53.26 -60.95
N MET A 110 -11.06 -53.77 -60.16
CA MET A 110 -10.35 -55.00 -60.44
C MET A 110 -11.17 -56.10 -61.08
N ILE A 111 -12.48 -56.10 -60.88
CA ILE A 111 -13.33 -57.13 -61.44
C ILE A 111 -13.92 -56.74 -62.79
N PHE A 112 -14.21 -55.46 -62.96
CA PHE A 112 -14.81 -54.99 -64.19
C PHE A 112 -13.95 -54.14 -65.11
N PHE A 113 -12.77 -53.73 -64.66
CA PHE A 113 -11.97 -52.86 -65.51
C PHE A 113 -10.49 -53.10 -65.64
N VAL A 114 -9.91 -53.93 -64.79
CA VAL A 114 -8.49 -54.16 -64.94
C VAL A 114 -8.14 -55.62 -65.07
N ALA A 115 -8.98 -56.47 -64.53
CA ALA A 115 -8.76 -57.91 -64.64
C ALA A 115 -9.82 -58.45 -65.60
N MET A 116 -10.83 -57.64 -65.88
CA MET A 116 -11.87 -58.08 -66.79
C MET A 116 -11.26 -58.12 -68.21
N PRO A 117 -10.49 -57.07 -68.59
CA PRO A 117 -9.84 -56.98 -69.91
C PRO A 117 -9.09 -58.26 -70.30
N PHE A 118 -8.50 -58.92 -69.31
CA PHE A 118 -7.75 -60.17 -69.48
C PHE A 118 -8.32 -61.09 -70.57
N VAL A 119 -9.51 -61.63 -70.30
CA VAL A 119 -10.20 -62.54 -71.21
C VAL A 119 -10.64 -61.82 -72.48
N ILE A 120 -11.18 -60.62 -72.32
CA ILE A 120 -11.64 -59.85 -73.48
C ILE A 120 -10.43 -59.29 -74.22
N GLY A 121 -9.27 -59.39 -73.61
CA GLY A 121 -8.06 -58.89 -74.23
C GLY A 121 -7.34 -60.03 -74.91
N LEU A 122 -6.95 -61.04 -74.13
CA LEU A 122 -6.22 -62.19 -74.65
C LEU A 122 -6.90 -62.87 -75.82
N MET A 123 -8.10 -63.39 -75.62
CA MET A 123 -8.80 -64.06 -76.70
C MET A 123 -8.84 -63.11 -77.88
N ASN A 124 -8.78 -61.82 -77.57
CA ASN A 124 -8.82 -60.80 -78.61
C ASN A 124 -7.56 -60.79 -79.47
N LEU A 125 -6.42 -61.19 -78.92
CA LEU A 125 -5.18 -61.16 -79.68
C LEU A 125 -4.58 -62.50 -80.09
N VAL A 126 -5.07 -63.60 -79.51
CA VAL A 126 -4.50 -64.90 -79.84
C VAL A 126 -5.42 -66.01 -80.36
N VAL A 127 -6.73 -65.91 -80.15
CA VAL A 127 -7.65 -66.95 -80.64
C VAL A 127 -7.63 -67.02 -82.17
N PRO A 128 -7.58 -65.87 -82.85
CA PRO A 128 -7.56 -65.86 -84.30
C PRO A 128 -6.36 -66.61 -84.91
N LEU A 129 -5.21 -65.95 -84.87
CA LEU A 129 -3.94 -66.45 -85.43
C LEU A 129 -3.60 -67.91 -85.21
N GLN A 130 -4.35 -68.59 -84.35
CA GLN A 130 -4.04 -69.99 -84.11
C GLN A 130 -5.08 -70.96 -84.63
N ILE A 131 -6.29 -70.47 -84.91
CA ILE A 131 -7.32 -71.33 -85.46
C ILE A 131 -7.15 -71.29 -86.98
N GLY A 132 -6.48 -70.23 -87.44
CA GLY A 132 -6.23 -70.05 -88.86
C GLY A 132 -7.30 -69.21 -89.53
N ALA A 133 -7.28 -67.91 -89.27
CA ALA A 133 -8.25 -67.00 -89.85
C ALA A 133 -7.55 -65.75 -90.37
N ARG A 134 -8.32 -64.68 -90.58
CA ARG A 134 -7.79 -63.43 -91.10
C ARG A 134 -8.09 -62.22 -90.24
N ASP A 135 -8.88 -62.42 -89.18
CA ASP A 135 -9.28 -61.36 -88.27
C ASP A 135 -10.38 -61.81 -87.30
N VAL A 136 -11.62 -61.47 -87.63
CA VAL A 136 -12.76 -61.83 -86.80
C VAL A 136 -14.09 -61.40 -87.43
N ALA A 137 -15.05 -62.33 -87.40
CA ALA A 137 -16.39 -62.18 -87.95
C ALA A 137 -16.96 -60.77 -88.15
N PHE A 138 -17.31 -60.09 -87.06
CA PHE A 138 -17.90 -58.75 -87.11
C PHE A 138 -16.90 -57.61 -86.88
N PRO A 139 -16.10 -57.27 -87.89
CA PRO A 139 -15.09 -56.21 -87.80
C PRO A 139 -15.47 -55.01 -86.94
N PHE A 140 -16.15 -54.04 -87.55
CA PHE A 140 -16.57 -52.82 -86.86
C PHE A 140 -17.03 -53.06 -85.43
N LEU A 141 -17.65 -54.22 -85.21
CA LEU A 141 -18.16 -54.56 -83.89
C LEU A 141 -17.06 -54.98 -82.93
N ASN A 142 -16.12 -55.78 -83.39
CA ASN A 142 -15.06 -56.19 -82.48
C ASN A 142 -14.39 -54.95 -81.95
N ASN A 143 -14.41 -53.88 -82.73
CA ASN A 143 -13.79 -52.64 -82.28
C ASN A 143 -14.59 -52.09 -81.11
N LEU A 144 -15.87 -51.82 -81.34
CA LEU A 144 -16.72 -51.25 -80.30
C LEU A 144 -16.84 -52.13 -79.07
N SER A 145 -16.54 -53.42 -79.21
CA SER A 145 -16.62 -54.30 -78.07
C SER A 145 -15.66 -53.78 -77.02
N PHE A 146 -14.60 -53.14 -77.47
CA PHE A 146 -13.60 -52.57 -76.56
C PHE A 146 -13.98 -51.14 -76.24
N TRP A 147 -14.03 -50.31 -77.28
CA TRP A 147 -14.36 -48.90 -77.15
C TRP A 147 -15.52 -48.65 -76.20
N PHE A 148 -16.29 -49.68 -75.90
CA PHE A 148 -17.40 -49.54 -75.00
C PHE A 148 -16.88 -49.78 -73.59
N THR A 149 -16.05 -50.81 -73.46
CA THR A 149 -15.46 -51.12 -72.18
C THR A 149 -14.59 -49.93 -71.79
N VAL A 150 -14.27 -49.09 -72.78
CA VAL A 150 -13.46 -47.90 -72.55
C VAL A 150 -14.32 -46.83 -71.90
N VAL A 151 -15.48 -46.57 -72.51
CA VAL A 151 -16.42 -45.56 -72.02
C VAL A 151 -16.60 -45.71 -70.52
N GLY A 152 -16.95 -46.92 -70.10
CA GLY A 152 -17.15 -47.18 -68.68
C GLY A 152 -15.97 -46.69 -67.88
N VAL A 153 -14.80 -46.67 -68.51
CA VAL A 153 -13.58 -46.24 -67.85
C VAL A 153 -13.66 -44.80 -67.35
N ILE A 154 -13.52 -43.86 -68.28
CA ILE A 154 -13.58 -42.44 -67.95
C ILE A 154 -14.85 -42.21 -67.14
N LEU A 155 -15.87 -43.02 -67.43
CA LEU A 155 -17.14 -42.91 -66.73
C LEU A 155 -17.01 -43.23 -65.24
N VAL A 156 -16.03 -44.06 -64.88
CA VAL A 156 -15.85 -44.44 -63.47
C VAL A 156 -15.27 -43.28 -62.65
N ASN A 157 -14.28 -42.60 -63.20
CA ASN A 157 -13.65 -41.51 -62.49
C ASN A 157 -14.52 -40.25 -62.50
N VAL A 158 -15.74 -40.42 -62.98
CA VAL A 158 -16.76 -39.35 -63.05
C VAL A 158 -17.48 -39.25 -61.69
N SER A 159 -17.58 -40.39 -61.00
CA SER A 159 -18.21 -40.45 -59.67
C SER A 159 -17.13 -40.12 -58.65
N LEU A 160 -15.89 -40.37 -59.06
CA LEU A 160 -14.69 -40.15 -58.26
C LEU A 160 -14.14 -38.74 -58.44
N GLY A 161 -14.44 -38.15 -59.60
CA GLY A 161 -13.98 -36.81 -59.89
C GLY A 161 -14.75 -35.77 -59.09
N VAL A 162 -15.71 -36.24 -58.31
CA VAL A 162 -16.52 -35.35 -57.49
C VAL A 162 -16.57 -35.82 -56.03
N GLY A 163 -15.85 -36.90 -55.75
CA GLY A 163 -15.79 -37.43 -54.40
C GLY A 163 -17.11 -37.96 -53.86
N GLU A 164 -18.12 -38.06 -54.72
CA GLU A 164 -19.39 -38.56 -54.25
C GLU A 164 -19.58 -39.96 -54.84
N PHE A 165 -18.54 -40.79 -54.76
CA PHE A 165 -18.65 -42.14 -55.28
C PHE A 165 -19.28 -43.08 -54.27
N ALA A 166 -20.11 -43.99 -54.77
CA ALA A 166 -20.82 -44.94 -53.94
C ALA A 166 -19.96 -45.69 -52.93
N GLN A 167 -20.62 -46.53 -52.14
CA GLN A 167 -20.01 -47.35 -51.13
C GLN A 167 -21.01 -48.39 -50.69
N THR A 168 -21.51 -49.15 -51.66
CA THR A 168 -22.54 -50.14 -51.38
C THR A 168 -22.12 -51.60 -51.54
N GLY A 169 -20.84 -51.81 -51.77
CA GLY A 169 -20.35 -53.16 -52.03
C GLY A 169 -20.13 -53.22 -53.53
N TRP A 170 -19.04 -53.84 -53.98
CA TRP A 170 -18.76 -53.89 -55.42
C TRP A 170 -20.02 -54.27 -56.21
N LEU A 171 -21.00 -54.83 -55.51
CA LEU A 171 -22.26 -55.20 -56.12
C LEU A 171 -23.26 -54.09 -55.88
N ALA A 172 -23.23 -53.52 -54.67
CA ALA A 172 -24.10 -52.40 -54.26
C ALA A 172 -25.52 -52.78 -53.89
N TYR A 173 -25.69 -53.46 -52.76
CA TYR A 173 -27.02 -53.85 -52.31
C TYR A 173 -28.03 -52.75 -52.02
N PRO A 174 -29.31 -53.13 -51.94
CA PRO A 174 -30.47 -52.29 -51.64
C PRO A 174 -30.37 -51.67 -50.21
N PRO A 175 -31.24 -51.08 -49.73
CA PRO A 175 -31.44 -50.21 -48.56
C PRO A 175 -30.32 -49.23 -48.37
N LEU A 176 -29.27 -49.47 -49.10
CA LEU A 176 -28.08 -48.66 -49.02
C LEU A 176 -27.92 -47.84 -50.31
N SER A 177 -28.37 -48.41 -51.41
CA SER A 177 -28.25 -47.75 -52.71
C SER A 177 -29.24 -46.61 -52.96
N GLY A 178 -30.53 -46.96 -53.04
CA GLY A 178 -31.58 -45.97 -53.30
C GLY A 178 -31.70 -44.84 -52.30
N ILE A 179 -31.46 -45.15 -51.02
CA ILE A 179 -31.52 -44.15 -49.97
C ILE A 179 -30.18 -43.41 -49.92
N GLU A 180 -30.13 -42.29 -50.59
CA GLU A 180 -28.92 -41.51 -50.65
C GLU A 180 -29.35 -40.12 -51.08
N TYR A 181 -30.55 -39.76 -50.63
CA TYR A 181 -31.16 -38.48 -50.89
C TYR A 181 -31.40 -38.23 -52.38
N SER A 182 -32.35 -37.34 -52.66
CA SER A 182 -32.69 -36.98 -54.03
C SER A 182 -31.45 -36.53 -54.79
N PRO A 183 -30.59 -35.71 -54.16
CA PRO A 183 -29.37 -35.22 -54.81
C PRO A 183 -28.38 -36.34 -55.11
N GLY A 184 -28.71 -37.54 -54.64
CA GLY A 184 -27.87 -38.71 -54.83
C GLY A 184 -27.50 -39.11 -56.25
N VAL A 185 -26.42 -38.51 -56.77
CA VAL A 185 -25.96 -38.85 -58.11
C VAL A 185 -24.78 -39.82 -57.96
N GLY A 186 -24.45 -40.15 -56.71
CA GLY A 186 -23.34 -41.06 -56.43
C GLY A 186 -23.35 -42.45 -57.06
N VAL A 187 -24.25 -43.32 -56.61
CA VAL A 187 -24.37 -44.67 -57.15
C VAL A 187 -24.75 -44.56 -58.62
N ASP A 188 -25.54 -43.53 -58.93
CA ASP A 188 -25.96 -43.29 -60.30
C ASP A 188 -24.76 -43.53 -61.22
N TYR A 189 -23.69 -42.73 -61.11
CA TYR A 189 -22.52 -42.92 -61.97
C TYR A 189 -22.10 -44.40 -62.00
N TRP A 190 -22.20 -45.05 -60.85
CA TRP A 190 -21.83 -46.47 -60.72
C TRP A 190 -22.72 -47.38 -61.54
N ILE A 191 -24.02 -47.09 -61.52
CA ILE A 191 -25.02 -47.87 -62.24
C ILE A 191 -24.92 -47.61 -63.76
N TRP A 192 -24.27 -46.50 -64.12
CA TRP A 192 -24.10 -46.11 -65.51
C TRP A 192 -22.84 -46.71 -66.15
N SER A 193 -21.71 -46.59 -65.46
CA SER A 193 -20.44 -47.11 -65.96
C SER A 193 -20.50 -48.59 -66.28
N LEU A 194 -21.21 -49.35 -65.45
CA LEU A 194 -21.34 -50.79 -65.65
C LEU A 194 -22.37 -51.14 -66.73
N GLN A 195 -23.22 -50.18 -67.08
CA GLN A 195 -24.19 -50.43 -68.13
C GLN A 195 -23.43 -50.32 -69.44
N LEU A 196 -22.85 -49.16 -69.71
CA LEU A 196 -22.10 -48.98 -70.95
C LEU A 196 -21.17 -50.15 -71.09
N SER A 197 -20.31 -50.32 -70.08
CA SER A 197 -19.36 -51.42 -70.05
C SER A 197 -20.10 -52.74 -70.17
N GLY A 198 -21.31 -52.79 -69.64
CA GLY A 198 -22.08 -54.01 -69.73
C GLY A 198 -22.25 -54.51 -71.14
N ILE A 199 -22.95 -53.72 -71.95
CA ILE A 199 -23.21 -54.08 -73.35
C ILE A 199 -21.97 -54.52 -74.10
N GLY A 200 -20.88 -53.78 -73.93
CA GLY A 200 -19.64 -54.12 -74.61
C GLY A 200 -19.34 -55.60 -74.54
N THR A 201 -18.75 -56.04 -73.43
CA THR A 201 -18.38 -57.45 -73.21
C THR A 201 -19.49 -58.42 -73.60
N THR A 202 -20.71 -57.91 -73.75
CA THR A 202 -21.85 -58.72 -74.14
C THR A 202 -21.73 -59.15 -75.60
N LEU A 203 -21.12 -58.29 -76.41
CA LEU A 203 -20.90 -58.54 -77.83
C LEU A 203 -19.76 -59.51 -78.04
N THR A 204 -18.61 -59.19 -77.45
CA THR A 204 -17.42 -60.02 -77.55
C THR A 204 -17.75 -61.51 -77.49
N GLY A 205 -18.59 -61.89 -76.52
CA GLY A 205 -18.97 -63.28 -76.37
C GLY A 205 -19.78 -63.78 -77.54
N ILE A 206 -20.42 -62.84 -78.21
CA ILE A 206 -21.23 -63.13 -79.38
C ILE A 206 -20.29 -63.20 -80.57
N ASN A 207 -19.65 -62.08 -80.83
CA ASN A 207 -18.69 -61.93 -81.92
C ASN A 207 -17.82 -63.17 -82.00
N PHE A 208 -16.90 -63.27 -81.06
CA PHE A 208 -15.98 -64.38 -81.02
C PHE A 208 -16.65 -65.74 -81.12
N PHE A 209 -17.87 -65.87 -80.56
CA PHE A 209 -18.57 -67.15 -80.64
C PHE A 209 -18.72 -67.53 -82.10
N VAL A 210 -19.13 -66.57 -82.92
CA VAL A 210 -19.33 -66.83 -84.34
C VAL A 210 -18.01 -67.16 -85.02
N THR A 211 -17.00 -66.34 -84.77
CA THR A 211 -15.68 -66.54 -85.37
C THR A 211 -15.26 -67.99 -85.20
N ILE A 212 -15.40 -68.50 -83.98
CA ILE A 212 -15.00 -69.88 -83.70
C ILE A 212 -15.92 -70.92 -84.34
N LEU A 213 -17.22 -70.65 -84.36
CA LEU A 213 -18.14 -71.62 -84.92
C LEU A 213 -18.32 -71.53 -86.44
N LYS A 214 -17.45 -70.79 -87.13
CA LYS A 214 -17.56 -70.63 -88.58
C LYS A 214 -16.29 -70.16 -89.31
N MET A 215 -15.20 -69.99 -88.55
CA MET A 215 -13.96 -69.50 -89.17
C MET A 215 -12.62 -70.05 -88.71
N ARG A 216 -12.59 -71.31 -88.34
CA ARG A 216 -11.31 -71.88 -87.94
C ARG A 216 -10.50 -72.19 -89.19
N ALA A 217 -9.58 -73.15 -89.10
CA ALA A 217 -8.77 -73.55 -90.25
C ALA A 217 -9.51 -74.62 -91.04
N PRO A 218 -9.46 -74.50 -92.37
CA PRO A 218 -10.11 -75.50 -93.22
C PRO A 218 -9.71 -76.92 -92.83
N GLY A 219 -10.63 -77.88 -92.80
CA GLY A 219 -10.22 -79.23 -92.47
C GLY A 219 -10.20 -79.52 -90.98
N MET A 220 -9.84 -78.52 -90.17
CA MET A 220 -9.84 -78.70 -88.74
C MET A 220 -11.22 -79.07 -88.24
N THR A 221 -11.31 -80.16 -87.51
CA THR A 221 -12.58 -80.57 -86.96
C THR A 221 -12.61 -79.88 -85.61
N MET A 222 -13.80 -79.64 -85.10
CA MET A 222 -13.94 -78.97 -83.83
C MET A 222 -13.05 -79.62 -82.78
N PHE A 223 -12.68 -80.89 -82.99
CA PHE A 223 -11.84 -81.63 -82.05
C PHE A 223 -10.36 -81.23 -82.04
N LYS A 224 -9.86 -80.72 -83.15
CA LYS A 224 -8.46 -80.29 -83.25
C LYS A 224 -8.26 -78.92 -82.61
N MET A 225 -9.37 -78.33 -82.19
CA MET A 225 -9.40 -77.01 -81.54
C MET A 225 -8.40 -76.95 -80.38
N PRO A 226 -7.53 -75.92 -80.39
CA PRO A 226 -6.52 -75.72 -79.35
C PRO A 226 -7.12 -75.48 -77.97
N VAL A 227 -6.36 -75.78 -76.93
CA VAL A 227 -6.85 -75.61 -75.56
C VAL A 227 -7.37 -74.19 -75.33
N PHE A 228 -6.51 -73.20 -75.54
CA PHE A 228 -6.92 -71.81 -75.32
C PHE A 228 -8.11 -71.41 -76.15
N THR A 229 -8.57 -72.29 -77.04
CA THR A 229 -9.73 -71.98 -77.86
C THR A 229 -10.98 -72.66 -77.31
N TRP A 230 -10.84 -73.93 -76.95
CA TRP A 230 -11.95 -74.67 -76.38
C TRP A 230 -12.50 -73.85 -75.21
N ALA A 231 -11.62 -73.56 -74.26
CA ALA A 231 -12.00 -72.80 -73.07
C ALA A 231 -12.59 -71.45 -73.45
N SER A 232 -12.00 -70.81 -74.46
CA SER A 232 -12.44 -69.50 -74.93
C SER A 232 -13.90 -69.54 -75.33
N LEU A 233 -14.31 -70.65 -75.94
CA LEU A 233 -15.68 -70.84 -76.34
C LEU A 233 -16.49 -70.83 -75.06
N CYS A 234 -16.40 -71.93 -74.31
CA CYS A 234 -17.11 -72.07 -73.05
C CYS A 234 -17.34 -70.72 -72.39
N ALA A 235 -16.29 -70.16 -71.78
CA ALA A 235 -16.40 -68.87 -71.10
C ALA A 235 -17.08 -67.82 -71.96
N ASN A 236 -16.81 -67.85 -73.26
CA ASN A 236 -17.41 -66.90 -74.17
C ASN A 236 -18.93 -67.05 -74.22
N VAL A 237 -19.42 -68.26 -74.46
CA VAL A 237 -20.86 -68.49 -74.51
C VAL A 237 -21.45 -67.94 -73.22
N LEU A 238 -20.73 -68.13 -72.12
CA LEU A 238 -21.18 -67.67 -70.82
C LEU A 238 -21.57 -66.21 -70.85
N ILE A 239 -20.67 -65.36 -71.32
CA ILE A 239 -20.96 -63.92 -71.41
C ILE A 239 -22.29 -63.67 -72.12
N ILE A 240 -22.75 -64.68 -72.83
CA ILE A 240 -23.99 -64.61 -73.59
C ILE A 240 -25.19 -65.01 -72.74
N ALA A 241 -25.24 -66.28 -72.36
CA ALA A 241 -26.37 -66.77 -71.55
C ALA A 241 -26.33 -66.30 -70.10
N SER A 242 -25.45 -65.38 -69.75
CA SER A 242 -25.40 -64.95 -68.36
C SER A 242 -25.30 -63.46 -68.09
N PHE A 243 -24.40 -62.80 -68.80
CA PHE A 243 -24.20 -61.37 -68.61
C PHE A 243 -25.47 -60.51 -68.69
N PRO A 244 -26.43 -60.87 -69.57
CA PRO A 244 -27.64 -60.04 -69.65
C PRO A 244 -28.32 -59.87 -68.28
N ILE A 245 -28.43 -60.95 -67.52
CA ILE A 245 -29.04 -60.92 -66.21
C ILE A 245 -28.82 -59.60 -65.51
N LEU A 246 -27.55 -59.22 -65.40
CA LEU A 246 -27.15 -57.97 -64.74
C LEU A 246 -27.83 -56.77 -65.33
N THR A 247 -27.75 -56.65 -66.65
CA THR A 247 -28.35 -55.50 -67.32
C THR A 247 -29.76 -55.28 -66.77
N VAL A 248 -30.58 -56.33 -66.79
CA VAL A 248 -31.95 -56.19 -66.29
C VAL A 248 -31.90 -55.61 -64.89
N THR A 249 -31.21 -56.31 -64.01
CA THR A 249 -31.09 -55.90 -62.64
C THR A 249 -30.70 -54.42 -62.57
N VAL A 250 -29.55 -54.07 -63.15
CA VAL A 250 -29.06 -52.70 -63.15
C VAL A 250 -30.12 -51.69 -63.56
N ALA A 251 -30.98 -52.10 -64.47
CA ALA A 251 -32.05 -51.22 -64.95
C ALA A 251 -33.08 -51.08 -63.83
N LEU A 252 -33.50 -52.21 -63.29
CA LEU A 252 -34.48 -52.23 -62.20
C LEU A 252 -34.14 -51.15 -61.19
N LEU A 253 -32.87 -51.08 -60.78
CA LEU A 253 -32.44 -50.08 -59.83
C LEU A 253 -32.71 -48.72 -60.46
N THR A 254 -32.18 -48.53 -61.67
CA THR A 254 -32.34 -47.30 -62.42
C THR A 254 -33.62 -46.57 -62.10
N LEU A 255 -34.73 -47.27 -62.29
CA LEU A 255 -36.02 -46.67 -62.02
C LEU A 255 -36.17 -46.34 -60.53
N ASP A 256 -35.76 -47.27 -59.68
CA ASP A 256 -35.85 -47.08 -58.25
C ASP A 256 -35.36 -45.70 -57.88
N ARG A 257 -34.06 -45.46 -58.06
CA ARG A 257 -33.47 -44.18 -57.71
C ARG A 257 -33.76 -43.01 -58.63
N TYR A 258 -34.20 -43.28 -59.85
CA TYR A 258 -34.45 -42.20 -60.79
C TYR A 258 -35.93 -41.87 -60.99
N LEU A 259 -36.77 -42.89 -60.91
CA LEU A 259 -38.20 -42.71 -61.12
C LEU A 259 -39.09 -42.94 -59.90
N GLY A 260 -38.46 -43.30 -58.79
CA GLY A 260 -39.21 -43.55 -57.56
C GLY A 260 -40.06 -44.80 -57.54
N THR A 261 -39.72 -45.78 -58.39
CA THR A 261 -40.45 -47.04 -58.45
C THR A 261 -39.99 -47.84 -57.25
N HIS A 262 -40.62 -48.98 -57.01
CA HIS A 262 -40.25 -49.78 -55.85
C HIS A 262 -40.00 -51.24 -56.21
N PHE A 263 -39.01 -51.46 -57.06
CA PHE A 263 -38.65 -52.81 -57.46
C PHE A 263 -38.16 -53.56 -56.24
N PHE A 264 -37.57 -52.82 -55.30
CA PHE A 264 -37.02 -53.41 -54.09
C PHE A 264 -37.36 -52.73 -52.75
N THR A 265 -38.37 -51.87 -52.76
CA THR A 265 -38.81 -51.16 -51.54
C THR A 265 -39.97 -51.95 -50.90
N ASN A 266 -39.72 -52.59 -49.76
CA ASN A 266 -40.74 -53.42 -49.10
C ASN A 266 -41.76 -52.62 -48.33
N ASP A 267 -41.74 -51.30 -48.52
CA ASP A 267 -42.67 -50.43 -47.83
C ASP A 267 -43.90 -50.08 -48.69
N MET A 268 -43.93 -50.63 -49.90
CA MET A 268 -45.01 -50.38 -50.84
C MET A 268 -45.36 -51.65 -51.62
N GLY A 269 -44.36 -52.50 -51.83
CA GLY A 269 -44.59 -53.75 -52.54
C GLY A 269 -43.34 -54.51 -52.94
N GLY A 270 -42.23 -53.78 -53.11
CA GLY A 270 -40.97 -54.40 -53.51
C GLY A 270 -40.30 -55.32 -52.49
N ASN A 271 -39.26 -56.01 -52.93
CA ASN A 271 -38.54 -56.94 -52.05
C ASN A 271 -37.05 -57.03 -52.41
N MET A 272 -36.23 -57.18 -51.37
CA MET A 272 -34.78 -57.28 -51.53
C MET A 272 -34.38 -58.68 -51.96
N MET A 273 -35.11 -59.67 -51.48
CA MET A 273 -34.81 -61.06 -51.81
C MET A 273 -34.96 -61.38 -53.29
N MET A 274 -35.05 -60.35 -54.13
CA MET A 274 -35.17 -60.51 -55.58
C MET A 274 -33.89 -60.04 -56.25
N TYR A 275 -33.52 -58.80 -55.91
CA TYR A 275 -32.32 -58.15 -56.42
C TYR A 275 -31.09 -59.00 -56.11
N ILE A 276 -31.09 -59.61 -54.93
CA ILE A 276 -30.00 -60.43 -54.49
C ILE A 276 -29.85 -61.66 -55.37
N ASN A 277 -30.98 -62.26 -55.72
CA ASN A 277 -30.97 -63.45 -56.55
C ASN A 277 -30.33 -63.24 -57.92
N LEU A 278 -30.70 -62.16 -58.58
CA LEU A 278 -30.18 -61.87 -59.93
C LEU A 278 -28.69 -61.60 -59.94
N ILE A 279 -28.27 -60.55 -59.27
CA ILE A 279 -26.86 -60.22 -59.23
C ILE A 279 -26.05 -61.45 -58.91
N TRP A 280 -26.46 -62.20 -57.88
CA TRP A 280 -25.73 -63.39 -57.46
C TRP A 280 -25.95 -64.58 -58.38
N ALA A 281 -27.05 -64.59 -59.12
CA ALA A 281 -27.31 -65.67 -60.04
C ALA A 281 -26.27 -65.58 -61.18
N TRP A 282 -26.12 -64.37 -61.73
CA TRP A 282 -25.17 -64.11 -62.81
C TRP A 282 -23.77 -63.86 -62.28
N GLY A 283 -23.66 -63.58 -60.98
CA GLY A 283 -22.36 -63.30 -60.40
C GLY A 283 -21.41 -64.48 -60.44
N HIS A 284 -21.86 -65.62 -59.94
CA HIS A 284 -21.02 -66.80 -59.94
C HIS A 284 -20.35 -66.95 -61.30
N PRO A 285 -21.13 -66.88 -62.39
CA PRO A 285 -20.55 -67.01 -63.73
C PRO A 285 -19.36 -66.08 -63.97
N GLU A 286 -19.51 -64.83 -63.54
CA GLU A 286 -18.46 -63.82 -63.65
C GLU A 286 -17.13 -64.37 -63.18
N VAL A 287 -17.19 -65.19 -62.13
CA VAL A 287 -16.00 -65.80 -61.56
C VAL A 287 -15.54 -66.97 -62.41
N TYR A 288 -16.36 -67.39 -63.37
CA TYR A 288 -15.99 -68.51 -64.23
C TYR A 288 -15.45 -68.04 -65.59
N ILE A 289 -16.04 -66.99 -66.15
CA ILE A 289 -15.57 -66.48 -67.42
C ILE A 289 -14.18 -65.87 -67.24
N LEU A 290 -13.87 -65.45 -66.00
CA LEU A 290 -12.59 -64.82 -65.70
C LEU A 290 -11.46 -65.81 -65.39
N ILE A 291 -11.77 -67.10 -65.44
CA ILE A 291 -10.76 -68.13 -65.18
C ILE A 291 -10.80 -69.29 -66.18
N LEU A 292 -11.95 -69.51 -66.80
CA LEU A 292 -12.06 -70.58 -67.78
C LEU A 292 -11.00 -70.39 -68.85
N PRO A 293 -10.99 -69.22 -69.49
CA PRO A 293 -10.01 -68.95 -70.53
C PRO A 293 -8.57 -69.22 -70.09
N VAL A 294 -8.23 -68.79 -68.89
CA VAL A 294 -6.89 -68.99 -68.36
C VAL A 294 -6.53 -70.47 -68.50
N PHE A 295 -7.50 -71.35 -68.36
CA PHE A 295 -7.19 -72.76 -68.52
C PHE A 295 -6.43 -72.91 -69.83
N GLY A 296 -6.96 -72.30 -70.88
CA GLY A 296 -6.31 -72.36 -72.18
C GLY A 296 -4.87 -71.88 -72.08
N VAL A 297 -4.70 -70.58 -71.85
CA VAL A 297 -3.38 -69.97 -71.73
C VAL A 297 -2.49 -70.84 -70.86
N PHE A 298 -3.03 -71.32 -69.76
CA PHE A 298 -2.24 -72.15 -68.86
C PHE A 298 -1.75 -73.41 -69.56
N SER A 299 -2.66 -74.13 -70.21
CA SER A 299 -2.34 -75.37 -70.92
C SER A 299 -1.14 -75.28 -71.88
N GLU A 300 -1.15 -74.27 -72.74
CA GLU A 300 -0.07 -74.07 -73.70
C GLU A 300 1.27 -73.69 -73.10
N ILE A 301 1.24 -72.82 -72.09
CA ILE A 301 2.46 -72.41 -71.43
C ILE A 301 3.07 -73.62 -70.73
N ALA A 302 2.21 -74.51 -70.27
CA ALA A 302 2.66 -75.71 -69.61
C ALA A 302 3.27 -76.67 -70.64
N ALA A 303 2.43 -77.18 -71.52
CA ALA A 303 2.82 -78.13 -72.58
C ALA A 303 4.10 -77.75 -73.34
N THR A 304 4.16 -76.54 -73.86
CA THR A 304 5.32 -76.06 -74.61
C THR A 304 6.62 -76.43 -73.90
N PHE A 305 6.96 -75.63 -72.89
CA PHE A 305 8.19 -75.80 -72.11
C PHE A 305 8.46 -77.16 -71.46
N SER A 306 7.42 -77.89 -71.09
CA SER A 306 7.64 -79.19 -70.49
C SER A 306 8.00 -80.14 -71.62
N ARG A 307 7.56 -79.76 -72.82
CA ARG A 307 7.78 -80.52 -74.05
C ARG A 307 6.97 -81.83 -74.02
N LYS A 308 5.66 -81.70 -73.88
CA LYS A 308 4.77 -82.85 -73.82
C LYS A 308 3.33 -82.39 -74.00
N ARG A 309 2.58 -83.08 -74.85
CA ARG A 309 1.19 -82.74 -75.12
C ARG A 309 0.33 -82.75 -73.84
N LEU A 310 -0.76 -81.98 -73.87
CA LEU A 310 -1.67 -81.88 -72.73
C LEU A 310 -2.42 -83.19 -72.55
N PHE A 311 -2.09 -83.90 -71.49
CA PHE A 311 -2.71 -85.17 -71.21
C PHE A 311 -4.24 -85.12 -71.09
N GLY A 312 -4.85 -86.30 -70.93
CA GLY A 312 -6.30 -86.38 -70.77
C GLY A 312 -7.10 -85.42 -71.62
N TYR A 313 -6.84 -85.43 -72.92
CA TYR A 313 -7.51 -84.56 -73.87
C TYR A 313 -9.03 -84.62 -73.73
N THR A 314 -9.64 -85.71 -74.18
CA THR A 314 -11.09 -85.86 -74.08
C THR A 314 -11.55 -85.46 -72.70
N SER A 315 -10.93 -86.08 -71.70
CA SER A 315 -11.26 -85.82 -70.31
C SER A 315 -11.45 -84.31 -70.10
N LEU A 316 -10.37 -83.56 -70.29
CA LEU A 316 -10.38 -82.11 -70.13
C LEU A 316 -11.43 -81.48 -71.01
N VAL A 317 -11.57 -82.00 -72.21
CA VAL A 317 -12.55 -81.49 -73.16
C VAL A 317 -13.87 -81.25 -72.44
N TRP A 318 -14.57 -82.32 -72.11
CA TRP A 318 -15.85 -82.22 -71.43
C TRP A 318 -15.82 -81.45 -70.14
N ALA A 319 -14.69 -81.53 -69.45
CA ALA A 319 -14.53 -80.80 -68.20
C ALA A 319 -14.96 -79.37 -68.53
N THR A 320 -14.25 -78.77 -69.48
CA THR A 320 -14.53 -77.41 -69.94
C THR A 320 -16.03 -77.31 -70.18
N VAL A 321 -16.59 -78.32 -70.83
CA VAL A 321 -18.01 -78.35 -71.10
C VAL A 321 -18.80 -78.39 -69.80
N CYS A 322 -18.61 -79.46 -69.03
CA CYS A 322 -19.27 -79.66 -67.76
C CYS A 322 -19.28 -78.38 -66.94
N ILE A 323 -18.08 -77.90 -66.65
CA ILE A 323 -17.88 -76.69 -65.87
C ILE A 323 -18.77 -75.54 -66.33
N THR A 324 -19.09 -75.50 -67.62
CA THR A 324 -19.92 -74.43 -68.18
C THR A 324 -21.40 -74.61 -67.88
N VAL A 325 -21.81 -75.86 -67.67
CA VAL A 325 -23.20 -76.14 -67.35
C VAL A 325 -23.52 -75.85 -65.88
N LEU A 326 -22.90 -76.61 -64.99
CA LEU A 326 -23.13 -76.45 -63.56
C LEU A 326 -22.67 -75.09 -63.04
N SER A 327 -23.27 -74.03 -63.53
CA SER A 327 -22.89 -72.69 -63.09
C SER A 327 -24.09 -71.79 -62.92
N PHE A 328 -25.13 -72.05 -63.71
CA PHE A 328 -26.36 -71.27 -63.65
C PHE A 328 -27.30 -71.79 -62.54
N ILE A 329 -26.78 -72.70 -61.72
CA ILE A 329 -27.56 -73.31 -60.64
C ILE A 329 -26.66 -73.65 -59.46
N VAL A 330 -26.25 -72.64 -58.70
CA VAL A 330 -25.40 -72.80 -57.51
C VAL A 330 -25.16 -71.46 -56.85
N TRP A 331 -25.82 -70.41 -57.35
CA TRP A 331 -25.61 -69.07 -56.83
C TRP A 331 -25.98 -68.83 -55.37
N LEU A 332 -26.89 -69.62 -54.82
CA LEU A 332 -27.28 -69.41 -53.43
C LEU A 332 -26.14 -69.55 -52.42
N HIS A 333 -24.95 -69.95 -52.86
CA HIS A 333 -23.86 -70.08 -51.91
C HIS A 333 -23.35 -68.70 -51.49
N HIS A 334 -24.07 -67.70 -51.94
CA HIS A 334 -23.83 -66.29 -51.65
C HIS A 334 -25.07 -65.83 -50.87
N PHE A 335 -26.00 -66.75 -50.66
CA PHE A 335 -27.26 -66.46 -49.96
C PHE A 335 -27.44 -67.02 -48.56
N PHE A 336 -26.95 -68.23 -48.32
CA PHE A 336 -27.08 -68.91 -47.04
C PHE A 336 -27.58 -68.13 -45.80
N THR A 337 -26.97 -66.99 -45.50
CA THR A 337 -27.35 -66.17 -44.34
C THR A 337 -28.69 -65.49 -44.51
N MET A 338 -28.90 -64.93 -45.70
CA MET A 338 -30.14 -64.23 -46.01
C MET A 338 -31.37 -65.15 -46.01
N GLY A 339 -31.42 -66.11 -45.09
CA GLY A 339 -32.57 -67.00 -44.97
C GLY A 339 -32.90 -67.96 -46.10
N ALA A 340 -32.15 -69.06 -46.19
CA ALA A 340 -32.41 -70.03 -47.24
C ALA A 340 -33.05 -71.30 -46.69
N GLY A 341 -34.01 -71.83 -47.43
CA GLY A 341 -34.70 -73.04 -47.01
C GLY A 341 -33.73 -74.17 -46.74
N ALA A 342 -33.79 -74.75 -45.56
CA ALA A 342 -32.90 -75.84 -45.20
C ALA A 342 -32.75 -76.82 -46.37
N ASN A 343 -33.80 -76.98 -47.17
CA ASN A 343 -33.75 -77.88 -48.33
C ASN A 343 -33.23 -77.17 -49.57
N VAL A 344 -33.47 -75.87 -49.66
CA VAL A 344 -33.01 -75.10 -50.80
C VAL A 344 -31.52 -74.84 -50.59
N ASN A 345 -31.05 -75.12 -49.37
CA ASN A 345 -29.64 -74.94 -49.04
C ASN A 345 -28.84 -75.93 -49.88
N ALA A 346 -29.23 -77.19 -49.82
CA ALA A 346 -28.57 -78.24 -50.57
C ALA A 346 -28.62 -78.03 -52.09
N PHE A 347 -29.82 -77.83 -52.64
CA PHE A 347 -29.98 -77.65 -54.09
C PHE A 347 -29.02 -76.60 -54.62
N PHE A 348 -28.49 -75.78 -53.73
CA PHE A 348 -27.55 -74.77 -54.13
C PHE A 348 -26.22 -74.90 -53.41
N GLY A 349 -26.21 -75.71 -52.36
CA GLY A 349 -24.97 -75.91 -51.62
C GLY A 349 -24.28 -77.17 -52.11
N ILE A 350 -25.06 -78.22 -52.31
CA ILE A 350 -24.54 -79.50 -52.77
C ILE A 350 -24.04 -79.45 -54.20
N THR A 351 -24.80 -78.77 -55.07
CA THR A 351 -24.44 -78.63 -56.47
C THR A 351 -22.99 -78.13 -56.58
N THR A 352 -22.72 -76.98 -55.97
CA THR A 352 -21.39 -76.40 -55.98
C THR A 352 -20.30 -77.33 -55.40
N MET A 353 -20.70 -78.29 -54.56
CA MET A 353 -19.77 -79.23 -53.93
C MET A 353 -19.22 -80.27 -54.88
N ILE A 354 -19.96 -80.55 -55.94
CA ILE A 354 -19.55 -81.54 -56.93
C ILE A 354 -18.52 -80.91 -57.90
N ILE A 355 -18.68 -79.61 -58.10
CA ILE A 355 -17.82 -78.83 -58.97
C ILE A 355 -16.32 -78.94 -58.70
N ALA A 356 -15.94 -79.81 -57.77
CA ALA A 356 -14.54 -79.99 -57.47
C ALA A 356 -14.04 -80.99 -58.51
N ILE A 357 -14.76 -82.09 -58.58
CA ILE A 357 -14.45 -83.16 -59.51
C ILE A 357 -13.98 -82.62 -60.85
N PRO A 358 -14.65 -81.58 -61.35
CA PRO A 358 -14.26 -80.99 -62.64
C PRO A 358 -12.95 -80.24 -62.54
N THR A 359 -12.68 -79.71 -61.36
CA THR A 359 -11.45 -78.96 -61.14
C THR A 359 -10.26 -79.92 -61.06
N GLY A 360 -10.46 -81.06 -60.43
CA GLY A 360 -9.39 -82.05 -60.30
C GLY A 360 -8.92 -82.50 -61.66
N VAL A 361 -9.87 -82.79 -62.53
CA VAL A 361 -9.57 -83.22 -63.88
C VAL A 361 -8.40 -82.41 -64.42
N LYS A 362 -8.67 -81.14 -64.71
CA LYS A 362 -7.68 -80.21 -65.25
C LYS A 362 -6.30 -80.37 -64.62
N ILE A 363 -6.24 -80.06 -63.33
CA ILE A 363 -5.01 -80.16 -62.57
C ILE A 363 -4.33 -81.48 -62.89
N PHE A 364 -4.84 -82.55 -62.29
CA PHE A 364 -4.28 -83.87 -62.50
C PHE A 364 -3.84 -84.11 -63.95
N ASN A 365 -4.66 -83.67 -64.90
CA ASN A 365 -4.35 -83.84 -66.32
C ASN A 365 -3.08 -83.12 -66.75
N TRP A 366 -2.80 -81.97 -66.15
CA TRP A 366 -1.58 -81.23 -66.49
C TRP A 366 -0.38 -81.92 -65.88
N LEU A 367 -0.60 -82.49 -64.70
CA LEU A 367 0.43 -83.21 -63.98
C LEU A 367 0.98 -84.30 -64.89
N PHE A 368 0.11 -85.21 -65.32
CA PHE A 368 0.51 -86.31 -66.20
C PHE A 368 1.30 -85.76 -67.38
N THR A 369 1.05 -84.50 -67.74
CA THR A 369 1.75 -83.86 -68.84
C THR A 369 3.17 -83.52 -68.42
N MET A 370 3.46 -83.72 -67.14
CA MET A 370 4.78 -83.43 -66.61
C MET A 370 5.53 -84.71 -66.28
N TYR A 371 4.79 -85.68 -65.76
CA TYR A 371 5.31 -86.98 -65.32
C TYR A 371 6.46 -87.61 -66.16
N GLN A 372 6.47 -87.37 -67.47
CA GLN A 372 7.52 -87.98 -68.29
C GLN A 372 8.78 -87.13 -68.52
N GLY A 373 8.92 -86.04 -67.79
CA GLY A 373 10.14 -85.21 -67.81
C GLY A 373 10.33 -84.13 -68.88
N ARG A 374 11.60 -83.73 -68.99
CA ARG A 374 12.07 -82.75 -69.95
C ARG A 374 11.29 -81.43 -69.97
N ILE A 375 11.11 -80.86 -68.78
CA ILE A 375 10.40 -79.59 -68.63
C ILE A 375 11.42 -78.47 -68.44
N VAL A 376 11.12 -77.29 -68.93
CA VAL A 376 11.96 -76.13 -68.76
C VAL A 376 11.25 -75.21 -67.77
N PHE A 377 11.99 -74.36 -67.08
CA PHE A 377 11.36 -73.48 -66.10
C PHE A 377 11.71 -72.02 -66.30
N HIS A 378 11.34 -71.50 -67.47
CA HIS A 378 11.60 -70.10 -67.77
C HIS A 378 10.40 -69.26 -67.46
N SER A 379 10.59 -67.95 -67.32
CA SER A 379 9.52 -67.00 -66.99
C SER A 379 8.14 -67.63 -67.02
N ALA A 380 7.71 -67.97 -68.24
CA ALA A 380 6.41 -68.57 -68.49
C ALA A 380 6.13 -69.83 -67.65
N MET A 381 6.90 -70.88 -67.88
CA MET A 381 6.71 -72.12 -67.15
C MET A 381 6.72 -71.87 -65.64
N LEU A 382 7.33 -70.78 -65.21
CA LEU A 382 7.42 -70.46 -63.78
C LEU A 382 6.08 -70.08 -63.15
N TRP A 383 5.31 -69.24 -63.86
CA TRP A 383 4.00 -68.84 -63.41
C TRP A 383 3.18 -70.13 -63.38
N THR A 384 3.22 -70.84 -64.50
CA THR A 384 2.52 -72.12 -64.67
C THR A 384 2.60 -72.91 -63.36
N ILE A 385 3.76 -72.85 -62.74
CA ILE A 385 4.00 -73.49 -61.47
C ILE A 385 3.01 -72.98 -60.45
N GLY A 386 3.19 -71.70 -60.13
CA GLY A 386 2.32 -71.02 -59.18
C GLY A 386 0.87 -71.43 -59.28
N PHE A 387 0.34 -71.36 -60.50
CA PHE A 387 -1.03 -71.75 -60.75
C PHE A 387 -1.31 -73.09 -60.07
N ILE A 388 -0.64 -74.14 -60.57
CA ILE A 388 -0.78 -75.52 -60.08
C ILE A 388 -0.62 -75.63 -58.56
N VAL A 389 -0.16 -74.53 -57.96
CA VAL A 389 0.02 -74.47 -56.52
C VAL A 389 -1.04 -73.61 -55.87
N THR A 390 -0.79 -72.30 -55.83
CA THR A 390 -1.71 -71.36 -55.21
C THR A 390 -3.16 -71.68 -55.48
N PHE A 391 -3.52 -71.77 -56.76
CA PHE A 391 -4.90 -72.04 -57.17
C PHE A 391 -5.52 -73.17 -56.34
N SER A 392 -4.88 -74.33 -56.36
CA SER A 392 -5.37 -75.48 -55.63
C SER A 392 -5.31 -75.24 -54.12
N VAL A 393 -4.60 -74.19 -53.72
CA VAL A 393 -4.50 -73.84 -52.30
C VAL A 393 -5.87 -73.34 -51.86
N GLY A 394 -6.23 -72.16 -52.34
CA GLY A 394 -7.51 -71.58 -52.00
C GLY A 394 -8.68 -72.48 -52.36
N GLY A 395 -8.45 -73.43 -53.26
CA GLY A 395 -9.50 -74.33 -53.69
C GLY A 395 -10.28 -74.96 -52.54
N MET A 396 -9.56 -75.56 -51.60
CA MET A 396 -10.15 -76.20 -50.43
C MET A 396 -11.11 -75.25 -49.77
N THR A 397 -10.64 -74.04 -49.56
CA THR A 397 -11.45 -73.00 -48.94
C THR A 397 -12.85 -72.96 -49.55
N GLY A 398 -12.95 -73.20 -50.85
CA GLY A 398 -14.25 -73.19 -51.51
C GLY A 398 -14.99 -74.50 -51.26
N VAL A 399 -14.22 -75.58 -51.19
CA VAL A 399 -14.78 -76.90 -50.94
C VAL A 399 -15.29 -76.91 -49.50
N LEU A 400 -14.67 -76.11 -48.65
CA LEU A 400 -15.06 -76.02 -47.24
C LEU A 400 -16.34 -75.21 -47.11
N LEU A 401 -16.29 -73.95 -47.54
CA LEU A 401 -17.45 -73.06 -47.47
C LEU A 401 -18.65 -73.63 -48.20
N ALA A 402 -18.40 -74.66 -49.01
CA ALA A 402 -19.42 -75.33 -49.80
C ALA A 402 -20.61 -75.77 -48.93
N VAL A 403 -20.30 -76.36 -47.78
CA VAL A 403 -21.33 -76.80 -46.86
C VAL A 403 -21.98 -75.61 -46.18
N PRO A 404 -23.32 -75.62 -46.06
CA PRO A 404 -24.09 -74.54 -45.42
C PRO A 404 -23.49 -73.99 -44.13
N GLY A 405 -23.56 -74.77 -43.06
CA GLY A 405 -23.02 -74.32 -41.79
C GLY A 405 -21.55 -73.99 -41.78
N ALA A 406 -20.74 -74.77 -42.50
CA ALA A 406 -19.31 -74.53 -42.52
C ALA A 406 -18.96 -73.06 -42.71
N ASP A 407 -19.88 -72.30 -43.30
CA ASP A 407 -19.64 -70.90 -43.57
C ASP A 407 -20.34 -69.94 -42.61
N PHE A 408 -21.46 -70.37 -42.05
CA PHE A 408 -22.22 -69.52 -41.14
C PHE A 408 -21.38 -68.63 -40.24
N VAL A 409 -20.22 -69.12 -39.84
CA VAL A 409 -19.34 -68.37 -38.96
C VAL A 409 -18.32 -67.53 -39.72
N LEU A 410 -17.96 -67.99 -40.92
CA LEU A 410 -16.98 -67.33 -41.79
C LEU A 410 -17.53 -66.36 -42.83
N HIS A 411 -18.78 -66.55 -43.23
CA HIS A 411 -19.41 -65.72 -44.23
C HIS A 411 -19.09 -64.23 -44.03
N ASN A 412 -18.78 -63.54 -45.12
CA ASN A 412 -18.50 -62.12 -45.06
C ASN A 412 -17.48 -61.77 -43.97
N SER A 413 -16.75 -62.77 -43.52
CA SER A 413 -15.71 -62.59 -42.52
C SER A 413 -14.37 -62.56 -43.28
N LEU A 414 -13.31 -62.11 -42.69
CA LEU A 414 -12.04 -62.10 -43.40
C LEU A 414 -11.75 -63.42 -44.12
N PHE A 415 -12.17 -64.54 -43.55
CA PHE A 415 -11.93 -65.82 -44.18
C PHE A 415 -12.34 -65.75 -45.63
N LEU A 416 -13.50 -65.14 -45.85
CA LEU A 416 -14.07 -64.97 -47.18
C LEU A 416 -13.08 -64.26 -48.07
N ILE A 417 -12.57 -63.14 -47.58
CA ILE A 417 -11.61 -62.34 -48.30
C ILE A 417 -10.38 -63.18 -48.62
N ALA A 418 -10.00 -64.03 -47.67
CA ALA A 418 -8.85 -64.87 -47.86
C ALA A 418 -9.15 -66.01 -48.83
N HIS A 419 -10.39 -66.50 -48.84
CA HIS A 419 -10.77 -67.60 -49.74
C HIS A 419 -10.61 -67.22 -51.20
N PHE A 420 -11.17 -66.07 -51.61
CA PHE A 420 -11.14 -65.68 -52.98
C PHE A 420 -9.91 -64.92 -53.48
N HIS A 421 -9.42 -63.93 -52.76
CA HIS A 421 -8.24 -63.27 -53.30
C HIS A 421 -7.23 -64.36 -53.72
N ASN A 422 -7.25 -65.48 -53.00
CA ASN A 422 -6.36 -66.60 -53.27
C ASN A 422 -6.56 -67.00 -54.72
N VAL A 423 -7.72 -67.57 -54.99
CA VAL A 423 -8.07 -68.04 -56.32
C VAL A 423 -8.05 -66.95 -57.39
N ILE A 424 -8.02 -65.69 -56.99
CA ILE A 424 -8.00 -64.61 -57.96
C ILE A 424 -6.57 -64.17 -58.23
N ILE A 425 -5.93 -63.64 -57.21
CA ILE A 425 -4.57 -63.18 -57.34
C ILE A 425 -3.68 -64.31 -57.82
N GLY A 426 -3.51 -65.32 -56.99
CA GLY A 426 -2.68 -66.45 -57.33
C GLY A 426 -3.28 -67.44 -58.31
N GLY A 427 -4.48 -67.17 -58.79
CA GLY A 427 -5.13 -68.08 -59.72
C GLY A 427 -5.49 -67.44 -61.04
N VAL A 428 -5.87 -66.17 -61.00
CA VAL A 428 -6.24 -65.45 -62.20
C VAL A 428 -5.13 -64.47 -62.57
N VAL A 429 -4.79 -63.57 -61.65
CA VAL A 429 -3.74 -62.58 -61.93
C VAL A 429 -2.45 -63.26 -62.34
N PHE A 430 -2.31 -64.54 -62.04
CA PHE A 430 -1.11 -65.26 -62.44
C PHE A 430 -1.23 -65.49 -63.93
N GLY A 431 -2.41 -65.97 -64.33
CA GLY A 431 -2.67 -66.23 -65.73
C GLY A 431 -2.21 -65.05 -66.54
N CYS A 432 -2.94 -63.95 -66.43
CA CYS A 432 -2.60 -62.73 -67.14
C CYS A 432 -1.08 -62.65 -67.33
N PHE A 433 -0.34 -62.60 -66.23
CA PHE A 433 1.12 -62.53 -66.31
C PHE A 433 1.70 -63.74 -67.04
N ALA A 434 1.42 -64.92 -66.52
CA ALA A 434 1.93 -66.15 -67.12
C ALA A 434 1.83 -66.08 -68.64
N GLY A 435 0.63 -65.83 -69.14
CA GLY A 435 0.44 -65.75 -70.57
C GLY A 435 1.26 -64.62 -71.18
N MET A 436 1.09 -63.43 -70.62
CA MET A 436 1.78 -62.22 -71.08
C MET A 436 3.20 -62.51 -71.56
N THR A 437 3.84 -63.49 -70.92
CA THR A 437 5.19 -63.88 -71.29
C THR A 437 5.13 -64.66 -72.61
N TYR A 438 4.60 -65.88 -72.52
CA TYR A 438 4.47 -66.79 -73.64
C TYR A 438 4.15 -66.10 -74.96
N TRP A 439 3.29 -65.09 -74.90
CA TRP A 439 2.90 -64.36 -76.11
C TRP A 439 3.52 -62.99 -76.31
N TRP A 440 4.19 -62.43 -75.30
CA TRP A 440 4.76 -61.08 -75.45
C TRP A 440 5.51 -60.84 -76.76
N PRO A 441 6.20 -61.88 -77.28
CA PRO A 441 6.90 -61.65 -78.55
C PRO A 441 5.89 -61.66 -79.69
N LYS A 442 5.10 -62.73 -79.74
CA LYS A 442 4.11 -62.90 -80.79
C LYS A 442 3.28 -61.65 -81.07
N ALA A 443 3.50 -60.58 -80.30
CA ALA A 443 2.75 -59.34 -80.49
C ALA A 443 3.57 -58.07 -80.45
N PHE A 444 4.81 -58.18 -79.96
CA PHE A 444 5.70 -57.03 -79.85
C PHE A 444 6.94 -57.08 -80.73
N GLY A 445 7.38 -58.29 -81.05
CA GLY A 445 8.56 -58.45 -81.89
C GLY A 445 9.76 -58.77 -81.05
N PHE A 446 9.56 -58.92 -79.75
CA PHE A 446 10.66 -59.25 -78.86
C PHE A 446 10.27 -60.14 -77.70
N LYS A 447 11.26 -60.89 -77.22
CA LYS A 447 11.07 -61.83 -76.10
C LYS A 447 11.18 -61.11 -74.76
N LEU A 448 11.01 -61.86 -73.68
CA LEU A 448 11.07 -61.28 -72.35
C LEU A 448 12.37 -61.52 -71.57
N ASN A 449 12.82 -60.46 -70.92
CA ASN A 449 14.03 -60.51 -70.10
C ASN A 449 13.84 -61.59 -69.05
N GLU A 450 14.55 -62.71 -69.21
CA GLU A 450 14.42 -63.80 -68.26
C GLU A 450 15.01 -63.45 -66.89
N THR A 451 15.81 -62.39 -66.83
CA THR A 451 16.44 -61.97 -65.58
C THR A 451 15.36 -61.66 -64.54
N TRP A 452 14.99 -60.38 -64.49
CA TRP A 452 13.98 -59.88 -63.56
C TRP A 452 12.67 -60.67 -63.58
N GLY A 453 12.39 -61.34 -64.69
CA GLY A 453 11.17 -62.11 -64.82
C GLY A 453 11.15 -63.18 -63.75
N LYS A 454 12.33 -63.66 -63.39
CA LYS A 454 12.41 -64.66 -62.36
C LYS A 454 12.40 -63.92 -61.05
N ARG A 455 12.67 -62.62 -61.13
CA ARG A 455 12.71 -61.77 -59.95
C ARG A 455 11.33 -61.31 -59.52
N ALA A 456 10.62 -60.67 -60.45
CA ALA A 456 9.29 -60.19 -60.13
C ALA A 456 8.47 -61.36 -59.59
N PHE A 457 8.68 -62.55 -60.16
CA PHE A 457 7.96 -63.76 -59.76
C PHE A 457 7.94 -63.99 -58.25
N TRP A 458 9.12 -64.24 -57.68
CA TRP A 458 9.22 -64.50 -56.24
C TRP A 458 8.49 -63.47 -55.39
N PHE A 459 8.85 -62.21 -55.56
CA PHE A 459 8.19 -61.15 -54.81
C PHE A 459 6.68 -61.30 -54.94
N TRP A 460 6.24 -61.85 -56.07
CA TRP A 460 4.82 -62.02 -56.33
C TRP A 460 4.21 -63.23 -55.63
N ILE A 461 4.97 -64.32 -55.56
CA ILE A 461 4.49 -65.52 -54.90
C ILE A 461 4.59 -65.25 -53.40
N ILE A 462 5.79 -64.90 -52.96
CA ILE A 462 6.03 -64.64 -51.57
C ILE A 462 4.96 -63.75 -50.93
N GLY A 463 4.99 -62.47 -51.28
CA GLY A 463 4.05 -61.50 -50.73
C GLY A 463 2.59 -61.89 -50.65
N PHE A 464 2.08 -62.60 -51.66
CA PHE A 464 0.69 -62.99 -51.63
C PHE A 464 0.39 -63.53 -50.24
N PHE A 465 1.12 -64.57 -49.85
CA PHE A 465 0.89 -65.20 -48.56
C PHE A 465 1.08 -64.28 -47.36
N VAL A 466 2.11 -63.44 -47.39
CA VAL A 466 2.36 -62.54 -46.27
C VAL A 466 1.31 -61.44 -46.28
N ALA A 467 0.38 -61.53 -47.22
CA ALA A 467 -0.66 -60.52 -47.31
C ALA A 467 -2.08 -61.08 -47.23
N PHE A 468 -2.24 -62.39 -47.32
CA PHE A 468 -3.58 -62.95 -47.29
C PHE A 468 -3.78 -64.20 -46.44
N MET A 469 -2.71 -64.96 -46.23
CA MET A 469 -2.82 -66.15 -45.39
C MET A 469 -3.18 -65.67 -43.98
N PRO A 470 -2.64 -64.51 -43.58
CA PRO A 470 -2.92 -63.96 -42.25
C PRO A 470 -4.42 -63.66 -42.07
N LEU A 471 -5.05 -63.18 -43.14
CA LEU A 471 -6.47 -62.84 -43.15
C LEU A 471 -7.33 -64.03 -42.75
N TYR A 472 -6.89 -65.23 -43.10
CA TYR A 472 -7.64 -66.42 -42.74
C TYR A 472 -7.84 -66.51 -41.24
N ALA A 473 -6.79 -66.21 -40.50
CA ALA A 473 -6.83 -66.24 -39.04
C ALA A 473 -7.93 -65.29 -38.58
N LEU A 474 -7.73 -64.01 -38.88
CA LEU A 474 -8.68 -62.97 -38.53
C LEU A 474 -10.13 -63.45 -38.72
N GLY A 475 -10.31 -64.39 -39.64
CA GLY A 475 -11.63 -64.92 -39.92
C GLY A 475 -12.15 -65.82 -38.82
N PHE A 476 -11.31 -66.73 -38.34
CA PHE A 476 -11.74 -67.62 -37.27
C PHE A 476 -12.13 -66.82 -36.03
N MET A 477 -11.34 -65.82 -35.69
CA MET A 477 -11.67 -65.01 -34.54
C MET A 477 -12.86 -64.14 -34.90
N GLY A 478 -13.36 -64.34 -36.11
CA GLY A 478 -14.50 -63.61 -36.59
C GLY A 478 -14.31 -62.12 -36.79
N MET A 479 -13.67 -61.72 -37.90
CA MET A 479 -13.46 -60.30 -38.14
C MET A 479 -14.51 -59.82 -39.14
N THR A 480 -15.07 -58.65 -38.91
CA THR A 480 -16.07 -58.15 -39.83
C THR A 480 -15.41 -57.44 -41.01
N ARG A 481 -15.73 -57.91 -42.22
CA ARG A 481 -15.21 -57.37 -43.47
C ARG A 481 -15.28 -55.84 -43.48
N ARG A 482 -14.71 -55.24 -44.53
CA ARG A 482 -14.70 -53.80 -44.73
C ARG A 482 -14.88 -52.89 -43.51
N LEU A 483 -14.42 -53.31 -42.35
CA LEU A 483 -14.55 -52.45 -41.18
C LEU A 483 -13.47 -51.40 -41.34
N SER A 484 -13.60 -50.27 -40.64
CA SER A 484 -12.59 -49.23 -40.69
C SER A 484 -12.02 -49.09 -39.29
N GLN A 485 -12.85 -49.41 -38.32
CA GLN A 485 -12.48 -49.31 -36.91
C GLN A 485 -12.73 -50.59 -36.11
N GLN A 486 -11.64 -51.18 -35.62
CA GLN A 486 -11.68 -52.40 -34.81
C GLN A 486 -10.80 -52.11 -33.61
N ILE A 487 -10.72 -53.08 -32.69
CA ILE A 487 -9.95 -52.88 -31.47
C ILE A 487 -9.23 -54.13 -30.92
N ASP A 488 -9.92 -55.27 -30.90
CA ASP A 488 -9.30 -56.50 -30.39
C ASP A 488 -7.85 -56.60 -30.84
N PRO A 489 -6.91 -56.47 -29.89
CA PRO A 489 -5.47 -56.53 -30.15
C PRO A 489 -5.05 -57.64 -31.12
N GLN A 490 -5.70 -58.80 -31.03
CA GLN A 490 -5.36 -59.93 -31.89
C GLN A 490 -5.39 -59.57 -33.37
N PHE A 491 -6.57 -59.19 -33.85
CA PHE A 491 -6.74 -58.80 -35.24
C PHE A 491 -5.69 -57.74 -35.56
N HIS A 492 -5.58 -56.75 -34.69
CA HIS A 492 -4.63 -55.66 -34.87
C HIS A 492 -3.24 -56.19 -35.16
N THR A 493 -3.03 -57.48 -34.92
CA THR A 493 -1.72 -58.08 -35.17
C THR A 493 -1.58 -58.69 -36.56
N MET A 494 -2.39 -59.70 -36.87
CA MET A 494 -2.32 -60.33 -38.18
C MET A 494 -2.39 -59.26 -39.25
N LEU A 495 -3.18 -58.23 -39.00
CA LEU A 495 -3.36 -57.12 -39.94
C LEU A 495 -2.00 -56.55 -40.32
N MET A 496 -1.12 -56.43 -39.32
CA MET A 496 0.21 -55.89 -39.53
C MET A 496 0.96 -56.78 -40.52
N ILE A 497 0.88 -58.09 -40.31
CA ILE A 497 1.55 -59.04 -41.18
C ILE A 497 1.05 -58.85 -42.59
N ALA A 498 -0.28 -58.87 -42.70
CA ALA A 498 -0.99 -58.69 -43.95
C ALA A 498 -0.54 -57.40 -44.65
N ALA A 499 -0.70 -56.29 -43.95
CA ALA A 499 -0.32 -54.97 -44.45
C ALA A 499 1.18 -54.92 -44.69
N SER A 500 1.84 -56.01 -44.34
CA SER A 500 3.27 -56.14 -44.51
C SER A 500 3.54 -57.01 -45.72
N GLY A 501 2.70 -58.02 -45.91
CA GLY A 501 2.88 -58.91 -47.05
C GLY A 501 2.88 -58.12 -48.34
N ALA A 502 2.12 -57.03 -48.36
CA ALA A 502 1.99 -56.19 -49.53
C ALA A 502 3.22 -55.36 -49.86
N VAL A 503 3.77 -54.66 -48.88
CA VAL A 503 4.95 -53.83 -49.10
C VAL A 503 5.83 -54.53 -50.13
N LEU A 504 5.85 -55.86 -50.09
CA LEU A 504 6.66 -56.60 -51.04
C LEU A 504 5.96 -56.65 -52.41
N ILE A 505 4.73 -57.17 -52.42
CA ILE A 505 3.91 -57.27 -53.64
C ILE A 505 3.89 -55.93 -54.35
N ALA A 506 3.72 -54.86 -53.58
CA ALA A 506 3.67 -53.49 -54.11
C ALA A 506 4.88 -53.19 -54.97
N LEU A 507 6.03 -53.22 -54.32
CA LEU A 507 7.30 -52.97 -54.97
C LEU A 507 7.47 -53.79 -56.25
N GLY A 508 7.00 -55.04 -56.23
CA GLY A 508 7.11 -55.89 -57.41
C GLY A 508 6.31 -55.44 -58.62
N ILE A 509 5.14 -54.88 -58.35
CA ILE A 509 4.30 -54.40 -59.42
C ILE A 509 5.10 -53.32 -60.15
N LEU A 510 6.13 -52.83 -59.50
CA LEU A 510 6.98 -51.79 -60.07
C LEU A 510 8.10 -52.42 -60.90
N CYS A 511 8.81 -53.36 -60.30
CA CYS A 511 9.90 -54.05 -60.98
C CYS A 511 9.50 -54.54 -62.39
N LEU A 512 8.44 -55.34 -62.45
CA LEU A 512 7.95 -55.87 -63.74
C LEU A 512 7.67 -54.74 -64.69
N VAL A 513 6.73 -53.89 -64.29
CA VAL A 513 6.32 -52.75 -65.09
C VAL A 513 7.49 -51.89 -65.53
N ILE A 514 8.56 -51.88 -64.74
CA ILE A 514 9.72 -51.10 -65.13
C ILE A 514 10.59 -51.94 -66.03
N GLN A 515 10.56 -53.25 -65.83
CA GLN A 515 11.35 -54.14 -66.67
C GLN A 515 10.85 -54.07 -68.11
N MET A 516 9.54 -54.26 -68.30
CA MET A 516 8.96 -54.23 -69.62
C MET A 516 9.43 -53.04 -70.44
N TYR A 517 9.31 -51.85 -69.85
CA TYR A 517 9.75 -50.62 -70.51
C TYR A 517 11.11 -50.93 -71.10
N VAL A 518 11.97 -51.41 -70.22
CA VAL A 518 13.33 -51.78 -70.54
C VAL A 518 13.37 -52.84 -71.62
N SER A 519 12.26 -53.52 -71.82
CA SER A 519 12.21 -54.57 -72.82
C SER A 519 11.74 -54.09 -74.18
N ILE A 520 10.98 -53.00 -74.23
CA ILE A 520 10.52 -52.51 -75.52
C ILE A 520 11.60 -51.63 -76.10
N ARG A 521 11.91 -50.53 -75.41
CA ARG A 521 12.93 -49.60 -75.86
C ARG A 521 14.19 -50.41 -76.14
N ASP A 522 14.76 -50.99 -75.09
CA ASP A 522 15.95 -51.82 -75.20
C ASP A 522 15.45 -53.23 -75.49
N ARG A 523 16.01 -53.86 -76.52
CA ARG A 523 15.58 -55.20 -76.86
C ARG A 523 16.64 -55.96 -77.66
N ASP A 524 16.55 -57.28 -77.63
CA ASP A 524 17.48 -58.12 -78.37
C ASP A 524 16.82 -58.58 -79.66
N GLN A 525 16.09 -57.65 -80.27
CA GLN A 525 15.38 -57.87 -81.53
C GLN A 525 15.47 -59.29 -82.07
N ASN A 526 14.43 -60.07 -81.81
CA ASN A 526 14.37 -61.45 -82.28
C ASN A 526 13.83 -61.45 -83.71
N ARG A 527 14.46 -62.23 -84.57
CA ARG A 527 14.06 -62.31 -85.96
C ARG A 527 13.72 -63.74 -86.36
N ASP A 528 13.45 -64.57 -85.36
CA ASP A 528 13.10 -65.97 -85.57
C ASP A 528 11.60 -66.03 -85.77
N LEU A 529 11.07 -67.24 -85.95
CA LEU A 529 9.64 -67.41 -86.13
C LEU A 529 9.02 -68.01 -84.88
N THR A 530 9.84 -68.76 -84.15
CA THR A 530 9.44 -69.41 -82.91
C THR A 530 10.63 -69.45 -81.95
N GLY A 531 10.62 -68.56 -80.98
CA GLY A 531 11.69 -68.50 -80.01
C GLY A 531 11.67 -69.67 -79.04
N ASP A 532 10.52 -70.34 -78.95
CA ASP A 532 10.38 -71.48 -78.06
C ASP A 532 10.54 -72.80 -78.80
N PRO A 533 10.90 -73.87 -78.06
CA PRO A 533 11.10 -75.21 -78.63
C PRO A 533 9.93 -75.68 -79.48
N TRP A 534 10.15 -76.77 -80.22
CA TRP A 534 9.14 -77.33 -81.11
C TRP A 534 7.87 -77.75 -80.37
N GLY A 535 7.93 -77.77 -79.04
CA GLY A 535 6.78 -78.14 -78.24
C GLY A 535 5.61 -77.20 -78.51
N GLY A 536 5.90 -75.91 -78.56
CA GLY A 536 4.86 -74.93 -78.82
C GLY A 536 4.40 -75.06 -80.26
N ARG A 537 3.35 -75.84 -80.47
CA ARG A 537 2.83 -76.05 -81.81
C ARG A 537 1.36 -75.67 -82.00
N THR A 538 1.16 -74.47 -82.50
CA THR A 538 -0.15 -73.90 -82.80
C THR A 538 0.05 -72.96 -83.99
N LEU A 539 -0.81 -73.05 -84.97
CA LEU A 539 -0.70 -72.24 -86.20
C LEU A 539 -0.16 -70.82 -86.07
N GLU A 540 -0.47 -70.14 -84.96
CA GLU A 540 0.00 -68.76 -84.77
C GLU A 540 1.51 -68.62 -84.88
N TRP A 541 2.23 -69.39 -84.07
CA TRP A 541 3.69 -69.41 -84.05
C TRP A 541 4.38 -69.31 -85.42
N ALA A 542 4.00 -70.22 -86.30
CA ALA A 542 4.58 -70.27 -87.63
C ALA A 542 4.59 -68.88 -88.24
N THR A 543 3.77 -68.00 -87.68
CA THR A 543 3.70 -66.66 -88.20
C THR A 543 4.78 -65.78 -87.67
N SER A 544 4.97 -64.66 -88.36
CA SER A 544 5.97 -63.68 -87.98
C SER A 544 5.53 -62.96 -86.72
N SER A 545 6.52 -62.46 -85.99
CA SER A 545 6.28 -61.73 -84.77
C SER A 545 6.99 -60.39 -84.86
N PRO A 546 6.25 -59.30 -85.08
CA PRO A 546 4.79 -59.19 -85.25
C PRO A 546 4.33 -59.75 -86.56
N PRO A 547 3.06 -59.85 -86.72
CA PRO A 547 2.38 -60.25 -87.99
C PRO A 547 2.26 -59.23 -89.09
N PRO A 548 2.37 -59.62 -90.37
CA PRO A 548 2.11 -58.54 -91.35
C PRO A 548 0.80 -57.77 -91.08
N PHE A 549 0.97 -56.48 -90.96
CA PHE A 549 -0.14 -55.54 -90.68
C PHE A 549 -1.47 -56.01 -91.21
N TYR A 550 -1.54 -56.75 -92.29
CA TYR A 550 -2.91 -57.09 -92.64
C TYR A 550 -3.31 -58.47 -92.10
N ASN A 551 -2.69 -58.78 -90.92
CA ASN A 551 -2.80 -60.04 -90.12
C ASN A 551 -1.70 -61.03 -90.56
N PHE A 552 -1.70 -62.24 -90.02
CA PHE A 552 -0.68 -63.19 -90.50
C PHE A 552 0.57 -62.46 -90.96
N SER B 27 -3.74 -63.63 -32.62
CA SER B 27 -2.81 -64.66 -32.07
C SER B 27 -3.49 -66.03 -32.01
N ALA B 28 -4.66 -66.12 -32.64
CA ALA B 28 -5.41 -67.38 -32.67
C ALA B 28 -5.39 -67.94 -34.09
N LEU B 29 -5.44 -69.26 -34.20
CA LEU B 29 -5.41 -69.91 -35.50
C LEU B 29 -6.39 -71.07 -35.60
N LEU B 30 -7.31 -71.15 -34.64
CA LEU B 30 -8.31 -72.21 -34.63
C LEU B 30 -9.70 -71.64 -34.40
N ASP B 31 -10.72 -72.50 -34.51
CA ASP B 31 -12.09 -72.07 -34.31
C ASP B 31 -12.34 -71.59 -32.88
N PRO B 32 -13.35 -70.72 -32.69
CA PRO B 32 -13.75 -70.14 -31.41
C PRO B 32 -13.71 -71.08 -30.20
N LYS B 33 -13.67 -70.49 -29.02
CA LYS B 33 -13.63 -71.24 -27.77
C LYS B 33 -14.85 -72.16 -27.67
N GLY B 34 -14.60 -73.44 -27.43
CA GLY B 34 -15.69 -74.39 -27.33
C GLY B 34 -16.58 -74.20 -26.10
N GLN B 35 -17.56 -73.31 -26.19
CA GLN B 35 -18.47 -73.06 -25.08
C GLN B 35 -19.93 -73.09 -25.52
N ILE B 36 -20.21 -73.89 -26.55
CA ILE B 36 -21.55 -74.02 -27.09
C ILE B 36 -21.76 -75.39 -27.72
N GLY B 37 -22.95 -75.93 -27.52
CA GLY B 37 -23.27 -77.23 -28.07
C GLY B 37 -23.17 -77.18 -29.59
N LEU B 38 -23.97 -76.31 -30.20
CA LEU B 38 -23.97 -76.15 -31.66
C LEU B 38 -22.58 -76.04 -32.26
N GLU B 39 -21.83 -75.04 -31.83
CA GLU B 39 -20.47 -74.81 -32.31
C GLU B 39 -19.73 -76.10 -32.60
N GLN B 40 -19.97 -77.11 -31.78
CA GLN B 40 -19.35 -78.40 -31.96
C GLN B 40 -19.78 -78.86 -33.35
N ARG B 41 -21.03 -79.27 -33.46
CA ARG B 41 -21.57 -79.74 -34.74
C ARG B 41 -21.76 -78.62 -35.76
N SER B 42 -20.84 -77.67 -35.78
CA SER B 42 -20.90 -76.55 -36.71
C SER B 42 -19.51 -75.98 -36.94
N LEU B 43 -18.67 -76.04 -35.91
CA LEU B 43 -17.29 -75.55 -35.99
C LEU B 43 -16.35 -76.73 -36.17
N ILE B 44 -16.70 -77.85 -35.54
CA ILE B 44 -15.92 -79.08 -35.64
C ILE B 44 -15.96 -79.46 -37.10
N LEU B 45 -17.11 -79.19 -37.71
CA LEU B 45 -17.35 -79.45 -39.11
C LEU B 45 -16.07 -79.13 -39.89
N THR B 46 -15.73 -77.85 -39.92
CA THR B 46 -14.55 -77.37 -40.62
C THR B 46 -13.29 -78.23 -40.38
N ALA B 47 -12.79 -78.23 -39.16
CA ALA B 47 -11.60 -79.01 -38.82
C ALA B 47 -11.76 -80.45 -39.27
N PHE B 48 -12.81 -81.10 -38.78
CA PHE B 48 -13.11 -82.48 -39.11
C PHE B 48 -12.86 -82.77 -40.59
N GLY B 49 -13.55 -82.01 -41.43
CA GLY B 49 -13.43 -82.17 -42.87
C GLY B 49 -12.09 -81.74 -43.43
N LEU B 50 -11.56 -80.65 -42.91
CA LEU B 50 -10.28 -80.14 -43.37
C LEU B 50 -9.21 -81.21 -43.18
N MET B 51 -9.41 -82.07 -42.20
CA MET B 51 -8.47 -83.16 -41.93
C MET B 51 -8.79 -84.33 -42.84
N LEU B 52 -9.97 -84.31 -43.44
CA LEU B 52 -10.37 -85.39 -44.31
C LEU B 52 -10.40 -84.93 -45.77
N ILE B 53 -9.87 -83.74 -45.99
CA ILE B 53 -9.76 -83.17 -47.31
C ILE B 53 -8.29 -83.24 -47.68
N VAL B 54 -7.43 -82.87 -46.72
CA VAL B 54 -5.98 -82.87 -46.90
C VAL B 54 -5.51 -84.08 -47.69
N VAL B 55 -6.30 -85.15 -47.64
CA VAL B 55 -5.97 -86.37 -48.36
C VAL B 55 -5.70 -86.02 -49.81
N ILE B 56 -6.16 -84.85 -50.23
CA ILE B 56 -5.98 -84.38 -51.60
C ILE B 56 -4.93 -83.28 -51.76
N PRO B 57 -5.16 -82.11 -51.14
CA PRO B 57 -4.22 -80.99 -51.24
C PRO B 57 -2.78 -81.38 -50.94
N ALA B 58 -2.61 -82.23 -49.93
CA ALA B 58 -1.29 -82.69 -49.54
C ALA B 58 -0.71 -83.47 -50.71
N ILE B 59 -1.54 -84.33 -51.30
CA ILE B 59 -1.12 -85.14 -52.43
C ILE B 59 -1.06 -84.24 -53.67
N LEU B 60 -1.76 -83.11 -53.61
CA LEU B 60 -1.75 -82.19 -54.74
C LEU B 60 -0.53 -81.31 -54.50
N MET B 61 -0.30 -80.94 -53.24
CA MET B 61 0.85 -80.13 -52.94
C MET B 61 2.03 -81.12 -52.93
N ALA B 62 1.82 -82.29 -53.53
CA ALA B 62 2.83 -83.34 -53.63
C ALA B 62 3.23 -83.59 -55.09
N VAL B 63 2.24 -83.82 -55.95
CA VAL B 63 2.51 -84.07 -57.37
C VAL B 63 3.08 -82.84 -58.08
N GLY B 64 2.50 -81.69 -57.79
CA GLY B 64 2.97 -80.46 -58.41
C GLY B 64 4.41 -80.19 -58.03
N PHE B 65 4.72 -80.33 -56.75
CA PHE B 65 6.08 -80.10 -56.25
C PHE B 65 7.04 -81.02 -56.98
N ALA B 66 7.01 -82.30 -56.62
CA ALA B 66 7.87 -83.30 -57.24
C ALA B 66 7.60 -83.37 -58.73
N TRP B 67 8.46 -82.72 -59.51
CA TRP B 67 8.34 -82.68 -60.96
C TRP B 67 9.56 -81.94 -61.45
N LYS B 68 9.65 -80.68 -61.03
CA LYS B 68 10.76 -79.83 -61.39
C LYS B 68 12.00 -80.52 -60.82
N TYR B 69 11.75 -81.68 -60.22
CA TYR B 69 12.75 -82.51 -59.59
C TYR B 69 13.41 -83.46 -60.60
N ARG B 70 12.89 -84.68 -60.67
CA ARG B 70 13.42 -85.74 -61.55
C ARG B 70 13.01 -85.65 -63.03
N ALA B 71 11.84 -85.10 -63.31
CA ALA B 71 11.38 -84.98 -64.68
C ALA B 71 12.10 -83.84 -65.39
N SER B 72 13.19 -83.38 -64.78
CA SER B 72 13.98 -82.28 -65.34
C SER B 72 14.94 -82.69 -66.47
N ASN B 73 15.60 -81.69 -67.06
CA ASN B 73 16.55 -81.89 -68.16
C ASN B 73 17.75 -82.75 -67.76
N LYS B 74 18.38 -82.41 -66.63
CA LYS B 74 19.53 -83.15 -66.13
C LYS B 74 19.11 -84.41 -65.36
N ASP B 75 17.86 -84.82 -65.53
CA ASP B 75 17.36 -86.01 -64.86
C ASP B 75 16.59 -86.90 -65.83
N ALA B 76 16.32 -86.37 -67.01
CA ALA B 76 15.57 -87.09 -68.05
C ALA B 76 16.07 -86.68 -69.45
N LYS B 77 16.96 -87.50 -70.00
CA LYS B 77 17.56 -87.25 -71.31
C LYS B 77 16.67 -86.52 -72.31
N TYR B 78 15.39 -86.85 -72.32
CA TYR B 78 14.46 -86.23 -73.27
C TYR B 78 13.00 -86.20 -72.79
N SER B 79 12.11 -85.93 -73.74
CA SER B 79 10.69 -85.84 -73.45
C SER B 79 9.85 -86.82 -74.25
N PRO B 80 9.89 -88.11 -73.88
CA PRO B 80 9.11 -89.12 -74.59
C PRO B 80 7.63 -88.69 -74.72
N ASN B 81 6.83 -89.38 -75.52
CA ASN B 81 5.44 -88.99 -75.65
C ASN B 81 4.41 -90.11 -75.78
N TRP B 82 3.25 -89.89 -75.17
CA TRP B 82 2.14 -90.83 -75.17
C TRP B 82 0.82 -90.06 -75.11
N SER B 83 -0.31 -90.79 -75.18
CA SER B 83 -1.64 -90.17 -75.16
C SER B 83 -2.58 -90.42 -73.95
N HIS B 84 -2.90 -91.68 -73.67
CA HIS B 84 -3.80 -92.02 -72.57
C HIS B 84 -3.62 -93.41 -71.97
N SER B 85 -4.71 -93.92 -71.39
CA SER B 85 -4.79 -95.24 -70.76
C SER B 85 -6.17 -95.33 -70.14
N ASN B 86 -6.74 -94.16 -69.87
CA ASN B 86 -8.09 -94.02 -69.31
C ASN B 86 -8.22 -94.47 -67.85
N LYS B 87 -7.15 -95.06 -67.31
CA LYS B 87 -7.15 -95.49 -65.91
C LYS B 87 -6.21 -94.56 -65.21
N VAL B 88 -5.91 -93.49 -65.94
CA VAL B 88 -5.05 -92.40 -65.50
C VAL B 88 -6.00 -91.44 -64.80
N GLU B 89 -7.23 -91.39 -65.31
CA GLU B 89 -8.28 -90.55 -64.78
C GLU B 89 -8.70 -91.27 -63.52
N ALA B 90 -8.95 -92.56 -63.67
CA ALA B 90 -9.35 -93.40 -62.56
C ALA B 90 -8.39 -93.10 -61.41
N VAL B 91 -7.10 -93.11 -61.73
CA VAL B 91 -6.04 -92.83 -60.77
C VAL B 91 -6.51 -91.78 -59.80
N VAL B 92 -7.01 -90.69 -60.38
CA VAL B 92 -7.51 -89.56 -59.62
C VAL B 92 -8.96 -89.34 -60.06
N TRP B 93 -9.74 -90.41 -60.02
CA TRP B 93 -11.14 -90.33 -60.42
C TRP B 93 -12.08 -90.66 -59.28
N THR B 94 -12.09 -91.95 -58.93
CA THR B 94 -12.94 -92.45 -57.85
C THR B 94 -12.64 -91.84 -56.49
N VAL B 95 -11.38 -91.45 -56.28
CA VAL B 95 -10.99 -90.87 -55.00
C VAL B 95 -11.57 -89.47 -54.76
N PRO B 96 -11.50 -88.56 -55.76
CA PRO B 96 -12.06 -87.22 -55.54
C PRO B 96 -13.52 -87.31 -55.17
N ILE B 97 -14.28 -88.01 -56.00
CA ILE B 97 -15.71 -88.20 -55.76
C ILE B 97 -15.91 -88.95 -54.44
N LEU B 98 -14.88 -89.67 -54.01
CA LEU B 98 -14.93 -90.41 -52.75
C LEU B 98 -14.90 -89.37 -51.63
N ILE B 99 -14.17 -88.31 -51.87
CA ILE B 99 -14.09 -87.17 -50.97
C ILE B 99 -15.44 -86.50 -51.03
N ILE B 100 -15.88 -86.21 -52.25
CA ILE B 100 -17.17 -85.57 -52.46
C ILE B 100 -18.21 -86.68 -52.36
N ILE B 101 -18.42 -87.11 -51.12
CA ILE B 101 -19.32 -88.16 -50.74
C ILE B 101 -19.19 -88.20 -49.21
N PHE B 102 -17.98 -88.54 -48.78
CA PHE B 102 -17.70 -88.51 -47.36
C PHE B 102 -17.90 -87.04 -46.96
N LEU B 103 -17.17 -86.19 -47.67
CA LEU B 103 -17.26 -84.74 -47.49
C LEU B 103 -18.41 -84.29 -48.36
N ALA B 104 -19.54 -84.98 -48.22
CA ALA B 104 -20.75 -84.66 -48.95
C ALA B 104 -21.94 -85.10 -48.11
N VAL B 105 -21.93 -86.38 -47.70
CA VAL B 105 -23.00 -86.93 -46.88
C VAL B 105 -23.14 -86.02 -45.67
N LEU B 106 -21.99 -85.65 -45.11
CA LEU B 106 -21.94 -84.77 -43.96
C LEU B 106 -22.78 -83.52 -44.19
N THR B 107 -22.50 -82.84 -45.30
CA THR B 107 -23.18 -81.62 -45.68
C THR B 107 -24.65 -81.72 -45.37
N TRP B 108 -25.33 -82.54 -46.16
CA TRP B 108 -26.75 -82.77 -46.00
C TRP B 108 -27.16 -82.82 -44.53
N LYS B 109 -26.80 -83.93 -43.85
CA LYS B 109 -27.13 -84.11 -42.42
C LYS B 109 -26.82 -82.85 -41.65
N THR B 110 -25.53 -82.54 -41.51
CA THR B 110 -25.04 -81.39 -40.78
C THR B 110 -25.85 -80.11 -41.08
N THR B 111 -26.34 -79.98 -42.31
CA THR B 111 -27.10 -78.79 -42.71
C THR B 111 -28.48 -78.66 -42.05
N HIS B 112 -28.49 -78.32 -40.76
CA HIS B 112 -29.73 -78.13 -40.01
C HIS B 112 -29.55 -77.26 -38.78
N ALA B 113 -29.96 -77.79 -37.62
CA ALA B 113 -29.86 -77.10 -36.34
C ALA B 113 -30.24 -75.62 -36.35
N LEU B 114 -29.25 -74.77 -36.57
CA LEU B 114 -29.44 -73.31 -36.58
C LEU B 114 -30.54 -72.83 -37.53
N GLU B 115 -30.85 -73.63 -38.55
CA GLU B 115 -31.86 -73.28 -39.54
C GLU B 115 -33.22 -72.86 -38.97
N PRO B 116 -33.87 -71.88 -39.62
CA PRO B 116 -35.17 -71.29 -39.28
C PRO B 116 -36.37 -72.26 -39.30
N SER B 117 -37.42 -71.84 -40.01
CA SER B 117 -38.68 -72.58 -40.18
C SER B 117 -39.60 -72.50 -38.96
N LYS B 118 -39.44 -73.44 -38.03
CA LYS B 118 -40.28 -73.46 -36.83
C LYS B 118 -39.79 -74.28 -35.64
N PRO B 119 -39.16 -75.45 -35.86
CA PRO B 119 -38.66 -76.32 -34.80
C PRO B 119 -39.03 -75.98 -33.35
N LEU B 120 -39.91 -76.80 -32.78
CA LEU B 120 -40.37 -76.60 -31.41
C LEU B 120 -39.51 -77.34 -30.39
N ALA B 121 -39.33 -76.71 -29.23
CA ALA B 121 -38.54 -77.26 -28.14
C ALA B 121 -38.58 -76.26 -26.98
N HIS B 122 -39.56 -76.44 -26.08
CA HIS B 122 -39.71 -75.53 -24.96
C HIS B 122 -39.89 -76.22 -23.63
N ASP B 123 -39.69 -75.46 -22.56
CA ASP B 123 -39.85 -75.94 -21.19
C ASP B 123 -40.20 -74.77 -20.27
N GLU B 124 -40.83 -73.75 -20.84
CA GLU B 124 -41.24 -72.56 -20.10
C GLU B 124 -40.09 -71.87 -19.38
N LYS B 125 -39.04 -71.58 -20.12
CA LYS B 125 -37.88 -70.92 -19.57
C LYS B 125 -37.14 -70.09 -20.63
N PRO B 126 -36.97 -70.62 -21.87
CA PRO B 126 -36.27 -69.94 -22.97
C PRO B 126 -36.74 -68.53 -23.33
N ILE B 127 -35.98 -67.52 -22.91
CA ILE B 127 -36.34 -66.14 -23.22
C ILE B 127 -36.42 -65.98 -24.75
N THR B 128 -37.08 -64.92 -25.20
CA THR B 128 -37.26 -64.65 -26.64
C THR B 128 -36.92 -63.21 -26.95
N ILE B 129 -35.66 -62.92 -27.26
CA ILE B 129 -35.31 -61.54 -27.58
C ILE B 129 -35.78 -61.14 -28.98
N GLU B 130 -35.84 -59.84 -29.24
CA GLU B 130 -36.26 -59.30 -30.54
C GLU B 130 -35.29 -58.16 -30.90
N VAL B 131 -34.50 -58.40 -31.95
CA VAL B 131 -33.50 -57.44 -32.40
C VAL B 131 -34.03 -56.29 -33.20
N VAL B 132 -33.58 -55.08 -32.89
CA VAL B 132 -34.01 -53.90 -33.62
C VAL B 132 -32.80 -53.06 -33.98
N SER B 133 -31.84 -53.67 -34.68
CA SER B 133 -30.61 -52.99 -35.10
C SER B 133 -30.91 -51.78 -35.96
N MET B 134 -30.84 -50.60 -35.33
CA MET B 134 -31.10 -49.33 -35.98
C MET B 134 -29.77 -48.75 -36.45
N ASP B 135 -29.72 -47.45 -36.65
CA ASP B 135 -28.50 -46.82 -37.14
C ASP B 135 -27.31 -46.84 -36.18
N TRP B 136 -26.40 -47.78 -36.44
CA TRP B 136 -25.16 -47.96 -35.67
C TRP B 136 -25.33 -48.29 -34.19
N LYS B 137 -26.45 -48.93 -33.86
CA LYS B 137 -26.76 -49.32 -32.49
C LYS B 137 -27.58 -50.61 -32.51
N TRP B 138 -27.68 -51.26 -31.35
CA TRP B 138 -28.44 -52.51 -31.27
C TRP B 138 -29.47 -52.54 -30.14
N PHE B 139 -30.67 -52.04 -30.46
CA PHE B 139 -31.78 -51.97 -29.52
C PHE B 139 -32.43 -53.34 -29.39
N PHE B 140 -33.03 -53.58 -28.23
CA PHE B 140 -33.68 -54.86 -27.98
C PHE B 140 -35.05 -54.73 -27.32
N ILE B 141 -35.89 -55.73 -27.54
CA ILE B 141 -37.24 -55.77 -26.99
C ILE B 141 -37.50 -57.06 -26.21
N TYR B 142 -37.86 -56.90 -24.93
CA TYR B 142 -38.17 -58.03 -24.06
C TYR B 142 -39.68 -58.08 -23.95
N PRO B 143 -40.32 -59.06 -24.62
CA PRO B 143 -41.78 -59.26 -24.64
C PRO B 143 -42.48 -59.43 -23.28
N GLU B 144 -41.90 -60.24 -22.42
CA GLU B 144 -42.48 -60.47 -21.11
C GLU B 144 -41.59 -59.99 -19.95
N GLN B 145 -40.97 -58.83 -20.14
CA GLN B 145 -40.11 -58.28 -19.10
C GLN B 145 -40.42 -56.82 -18.78
N GLY B 146 -40.48 -55.98 -19.81
CA GLY B 146 -40.81 -54.58 -19.59
C GLY B 146 -39.71 -53.55 -19.72
N ILE B 147 -38.52 -53.99 -20.11
CA ILE B 147 -37.36 -53.10 -20.27
C ILE B 147 -36.86 -53.05 -21.72
N ALA B 148 -35.79 -52.28 -21.93
CA ALA B 148 -35.18 -52.14 -23.24
C ALA B 148 -33.67 -51.96 -23.14
N THR B 149 -32.96 -52.38 -24.20
CA THR B 149 -31.50 -52.28 -24.24
C THR B 149 -30.97 -51.69 -25.54
N VAL B 150 -29.66 -51.40 -25.51
CA VAL B 150 -28.91 -50.81 -26.62
C VAL B 150 -27.42 -51.21 -26.53
N ASN B 151 -26.98 -52.05 -27.46
CA ASN B 151 -25.59 -52.52 -27.50
C ASN B 151 -25.19 -53.57 -26.46
N GLU B 152 -26.18 -54.22 -25.85
CA GLU B 152 -25.92 -55.28 -24.88
C GLU B 152 -27.16 -56.07 -24.46
N ILE B 153 -27.05 -57.39 -24.62
CA ILE B 153 -28.11 -58.34 -24.27
C ILE B 153 -27.56 -59.47 -23.41
N ALA B 154 -28.00 -59.52 -22.16
CA ALA B 154 -27.57 -60.55 -21.23
C ALA B 154 -28.56 -61.71 -21.26
N PHE B 155 -28.14 -62.83 -20.71
CA PHE B 155 -28.98 -64.02 -20.68
C PHE B 155 -28.30 -65.10 -19.87
N PRO B 156 -29.11 -66.00 -19.30
CA PRO B 156 -28.56 -67.09 -18.49
C PRO B 156 -27.64 -68.03 -19.27
N ALA B 157 -27.11 -69.03 -18.57
CA ALA B 157 -26.24 -70.01 -19.17
C ALA B 157 -27.08 -71.24 -19.46
N ASN B 158 -26.51 -72.17 -20.22
CA ASN B 158 -27.18 -73.42 -20.59
C ASN B 158 -28.68 -73.20 -20.67
N THR B 159 -29.10 -72.51 -21.73
CA THR B 159 -30.51 -72.19 -21.95
C THR B 159 -30.72 -71.76 -23.39
N PRO B 160 -31.98 -71.80 -23.85
CA PRO B 160 -32.30 -71.39 -25.23
C PRO B 160 -32.45 -69.88 -25.41
N VAL B 161 -31.77 -69.33 -26.42
CA VAL B 161 -31.86 -67.90 -26.70
C VAL B 161 -32.64 -67.72 -28.02
N TYR B 162 -33.94 -67.45 -27.90
CA TYR B 162 -34.82 -67.26 -29.07
C TYR B 162 -34.63 -65.88 -29.69
N PHE B 163 -34.14 -65.87 -30.93
CA PHE B 163 -33.87 -64.64 -31.64
C PHE B 163 -34.86 -64.21 -32.71
N LYS B 164 -35.51 -63.08 -32.47
CA LYS B 164 -36.48 -62.48 -33.39
C LYS B 164 -35.73 -61.31 -34.02
N VAL B 165 -35.52 -61.33 -35.33
CA VAL B 165 -34.78 -60.25 -35.94
C VAL B 165 -35.35 -59.65 -37.20
N THR B 166 -34.98 -58.40 -37.43
CA THR B 166 -35.43 -57.65 -38.60
C THR B 166 -34.60 -56.38 -38.70
N SER B 167 -35.14 -55.35 -39.37
CA SER B 167 -34.41 -54.10 -39.56
C SER B 167 -35.28 -52.85 -39.65
N ASN B 168 -34.76 -51.73 -39.15
CA ASN B 168 -35.49 -50.46 -39.21
C ASN B 168 -34.90 -49.60 -40.33
N SER B 169 -33.60 -49.74 -40.53
CA SER B 169 -32.90 -48.98 -41.56
C SER B 169 -32.46 -49.98 -42.63
N VAL B 170 -31.17 -50.10 -42.86
CA VAL B 170 -30.72 -51.06 -43.85
C VAL B 170 -30.57 -52.38 -43.12
N MET B 171 -30.49 -53.45 -43.89
CA MET B 171 -30.33 -54.79 -43.33
C MET B 171 -29.00 -54.91 -42.61
N ASN B 172 -28.83 -55.99 -41.86
CA ASN B 172 -27.60 -56.20 -41.12
C ASN B 172 -27.49 -57.67 -40.70
N SER B 173 -26.41 -57.98 -40.00
CA SER B 173 -26.12 -59.33 -39.54
C SER B 173 -26.04 -59.43 -38.04
N PHE B 174 -26.68 -60.48 -37.52
CA PHE B 174 -26.69 -60.77 -36.09
C PHE B 174 -25.68 -61.92 -35.97
N PHE B 175 -24.54 -61.64 -35.33
CA PHE B 175 -23.49 -62.64 -35.19
C PHE B 175 -22.62 -62.57 -33.94
N ILE B 176 -22.43 -63.74 -33.34
CA ILE B 176 -21.61 -63.93 -32.14
C ILE B 176 -20.55 -64.98 -32.51
N PRO B 177 -19.32 -64.53 -32.78
CA PRO B 177 -18.19 -65.39 -33.15
C PRO B 177 -18.02 -66.65 -32.29
N ARG B 178 -17.53 -66.45 -31.08
CA ARG B 178 -17.31 -67.53 -30.13
C ARG B 178 -18.54 -68.41 -29.94
N LEU B 179 -19.61 -68.10 -30.68
CA LEU B 179 -20.85 -68.86 -30.58
C LEU B 179 -21.30 -69.32 -31.95
N GLY B 180 -20.53 -68.97 -32.97
CA GLY B 180 -20.88 -69.36 -34.33
C GLY B 180 -22.37 -69.18 -34.59
N SER B 181 -22.83 -67.95 -34.39
CA SER B 181 -24.24 -67.64 -34.58
C SER B 181 -24.42 -66.42 -35.47
N GLN B 182 -24.57 -66.66 -36.76
CA GLN B 182 -24.76 -65.55 -37.68
C GLN B 182 -26.06 -65.68 -38.46
N ILE B 183 -26.59 -64.56 -38.90
CA ILE B 183 -27.82 -64.56 -39.67
C ILE B 183 -28.07 -63.13 -40.12
N TYR B 184 -28.88 -62.97 -41.15
CA TYR B 184 -29.16 -61.64 -41.65
C TYR B 184 -30.25 -60.98 -40.82
N ALA B 185 -30.65 -59.80 -41.25
CA ALA B 185 -31.68 -59.02 -40.58
C ALA B 185 -32.20 -58.05 -41.64
N MET B 186 -33.01 -58.56 -42.54
CA MET B 186 -33.55 -57.73 -43.61
C MET B 186 -34.71 -56.87 -43.15
N ALA B 187 -34.81 -55.67 -43.69
CA ALA B 187 -35.89 -54.79 -43.32
C ALA B 187 -37.22 -55.45 -43.65
N GLY B 188 -38.23 -55.21 -42.82
CA GLY B 188 -39.55 -55.77 -43.06
C GLY B 188 -39.70 -57.28 -43.03
N MET B 189 -38.94 -57.95 -42.17
CA MET B 189 -39.02 -59.41 -42.06
C MET B 189 -38.41 -59.99 -40.78
N GLN B 190 -38.95 -61.14 -40.35
CA GLN B 190 -38.51 -61.82 -39.13
C GLN B 190 -37.49 -62.93 -39.36
N THR B 191 -36.34 -62.82 -38.71
CA THR B 191 -35.29 -63.81 -38.85
C THR B 191 -35.35 -64.80 -37.69
N ARG B 192 -35.28 -66.10 -37.99
CA ARG B 192 -35.33 -67.10 -36.94
C ARG B 192 -34.01 -67.81 -36.68
N LEU B 193 -33.64 -67.82 -35.40
CA LEU B 193 -32.40 -68.44 -34.95
C LEU B 193 -32.44 -68.58 -33.44
N HIS B 194 -31.89 -69.69 -32.95
CA HIS B 194 -31.86 -69.94 -31.53
C HIS B 194 -30.42 -70.27 -31.15
N LEU B 195 -30.10 -70.18 -29.85
CA LEU B 195 -28.75 -70.46 -29.36
C LEU B 195 -28.62 -70.95 -27.92
N ILE B 196 -27.56 -71.73 -27.70
CA ILE B 196 -27.25 -72.32 -26.41
C ILE B 196 -25.83 -71.97 -25.96
N ALA B 197 -25.74 -71.27 -24.84
CA ALA B 197 -24.45 -70.88 -24.28
C ALA B 197 -24.19 -71.95 -23.21
N ASN B 198 -22.95 -72.41 -23.12
CA ASN B 198 -22.60 -73.42 -22.13
C ASN B 198 -21.48 -72.97 -21.19
N GLU B 199 -21.34 -71.67 -20.99
CA GLU B 199 -20.32 -71.13 -20.09
C GLU B 199 -20.51 -69.63 -19.86
N PRO B 200 -20.35 -69.18 -18.60
CA PRO B 200 -20.51 -67.76 -18.25
C PRO B 200 -19.61 -66.84 -19.07
N GLY B 201 -19.45 -65.60 -18.59
CA GLY B 201 -18.63 -64.63 -19.28
C GLY B 201 -19.40 -63.78 -20.29
N THR B 202 -18.87 -62.59 -20.57
CA THR B 202 -19.48 -61.68 -21.55
C THR B 202 -18.94 -62.03 -22.92
N TYR B 203 -19.50 -61.42 -23.96
CA TYR B 203 -19.07 -61.68 -25.33
C TYR B 203 -19.28 -60.44 -26.19
N ASP B 204 -19.12 -60.60 -27.51
CA ASP B 204 -19.29 -59.49 -28.45
C ASP B 204 -19.95 -59.95 -29.76
N GLY B 205 -20.72 -59.04 -30.35
CA GLY B 205 -21.41 -59.35 -31.61
C GLY B 205 -21.12 -58.31 -32.68
N ILE B 206 -20.79 -58.79 -33.87
CA ILE B 206 -20.47 -57.91 -35.01
C ILE B 206 -21.64 -57.73 -35.98
N SER B 207 -21.46 -56.82 -36.93
CA SER B 207 -22.43 -56.45 -37.97
C SER B 207 -22.52 -57.33 -39.23
N ALA B 208 -22.92 -56.72 -40.34
CA ALA B 208 -23.04 -57.42 -41.61
C ALA B 208 -22.05 -56.90 -42.64
N SER B 209 -21.88 -57.67 -43.72
CA SER B 209 -20.97 -57.35 -44.81
C SER B 209 -21.00 -55.91 -45.32
N TYR B 210 -22.05 -55.17 -45.01
CA TYR B 210 -22.18 -53.81 -45.49
C TYR B 210 -21.23 -52.85 -44.81
N SER B 211 -20.67 -51.93 -45.60
CA SER B 211 -19.74 -50.94 -45.06
C SER B 211 -20.18 -49.50 -45.27
N GLY B 212 -20.00 -48.69 -44.23
CA GLY B 212 -20.37 -47.28 -44.27
C GLY B 212 -20.16 -46.64 -42.91
N PRO B 213 -20.35 -45.31 -42.79
CA PRO B 213 -20.17 -44.62 -41.51
C PRO B 213 -20.72 -45.33 -40.29
N GLY B 214 -19.88 -46.09 -39.60
CA GLY B 214 -20.33 -46.79 -38.40
C GLY B 214 -20.61 -48.28 -38.51
N PHE B 215 -20.52 -48.81 -39.72
CA PHE B 215 -20.76 -50.23 -39.88
C PHE B 215 -19.61 -50.98 -39.19
N SER B 216 -18.57 -50.24 -38.80
CA SER B 216 -17.40 -50.82 -38.15
C SER B 216 -17.33 -50.48 -36.68
N GLY B 217 -18.45 -50.02 -36.14
CA GLY B 217 -18.50 -49.68 -34.73
C GLY B 217 -19.62 -50.35 -33.98
N MET B 218 -20.54 -50.96 -34.74
CA MET B 218 -21.71 -51.65 -34.21
C MET B 218 -21.39 -53.01 -33.55
N LYS B 219 -20.82 -52.91 -32.36
CA LYS B 219 -20.43 -54.06 -31.56
C LYS B 219 -21.22 -54.07 -30.25
N PHE B 220 -21.67 -55.25 -29.84
CA PHE B 220 -22.41 -55.38 -28.59
C PHE B 220 -21.86 -56.57 -27.84
N LYS B 221 -22.25 -56.74 -26.58
CA LYS B 221 -21.77 -57.87 -25.79
C LYS B 221 -22.82 -58.97 -25.66
N ALA B 222 -22.47 -60.00 -24.90
CA ALA B 222 -23.35 -61.14 -24.63
C ALA B 222 -23.21 -61.62 -23.18
N ILE B 223 -23.19 -60.69 -22.23
CA ILE B 223 -23.03 -61.00 -20.81
C ILE B 223 -23.69 -62.32 -20.40
N ALA B 224 -22.89 -63.35 -20.20
CA ALA B 224 -23.43 -64.65 -19.77
C ALA B 224 -23.03 -64.90 -18.33
N THR B 225 -23.87 -64.45 -17.39
CA THR B 225 -23.59 -64.63 -15.99
C THR B 225 -23.70 -66.08 -15.50
N PRO B 226 -23.21 -66.35 -14.29
CA PRO B 226 -23.21 -67.66 -13.62
C PRO B 226 -24.57 -68.38 -13.60
N ASP B 227 -25.60 -67.70 -13.12
CA ASP B 227 -26.95 -68.28 -13.07
C ASP B 227 -27.98 -67.17 -13.36
N ARG B 228 -29.25 -67.57 -13.48
CA ARG B 228 -30.35 -66.63 -13.76
C ARG B 228 -30.73 -65.76 -12.56
N ALA B 229 -30.28 -66.14 -11.36
CA ALA B 229 -30.57 -65.37 -10.16
C ALA B 229 -30.05 -63.95 -10.38
N ALA B 230 -28.83 -63.86 -10.90
CA ALA B 230 -28.21 -62.58 -11.19
C ALA B 230 -28.76 -62.01 -12.49
N PHE B 231 -29.50 -62.83 -13.24
CA PHE B 231 -30.10 -62.45 -14.51
C PHE B 231 -31.41 -61.69 -14.26
N ASP B 232 -32.12 -62.13 -13.25
CA ASP B 232 -33.37 -61.50 -12.87
C ASP B 232 -33.08 -60.05 -12.49
N GLN B 233 -31.85 -59.78 -12.06
CA GLN B 233 -31.43 -58.44 -11.66
C GLN B 233 -31.03 -57.53 -12.80
N TRP B 234 -30.62 -58.13 -13.92
CA TRP B 234 -30.19 -57.38 -15.10
C TRP B 234 -31.39 -56.55 -15.58
N VAL B 235 -32.56 -57.17 -15.51
CA VAL B 235 -33.80 -56.53 -15.91
C VAL B 235 -34.09 -55.49 -14.84
N ALA B 236 -33.90 -55.90 -13.59
CA ALA B 236 -34.14 -55.04 -12.46
C ALA B 236 -33.49 -53.67 -12.64
N LYS B 237 -32.16 -53.67 -12.78
CA LYS B 237 -31.38 -52.44 -12.94
C LYS B 237 -31.98 -51.54 -14.01
N ALA B 238 -32.38 -52.16 -15.12
CA ALA B 238 -32.98 -51.42 -16.21
C ALA B 238 -34.33 -50.87 -15.76
N LYS B 239 -35.13 -51.72 -15.11
CA LYS B 239 -36.44 -51.31 -14.63
C LYS B 239 -36.32 -49.92 -13.99
N GLN B 240 -35.18 -49.69 -13.36
CA GLN B 240 -34.92 -48.40 -12.71
C GLN B 240 -34.68 -47.29 -13.72
N SER B 241 -34.04 -47.61 -14.83
CA SER B 241 -33.74 -46.62 -15.86
C SER B 241 -34.89 -45.60 -15.94
N PRO B 242 -34.55 -44.29 -15.87
CA PRO B 242 -35.52 -43.18 -15.93
C PRO B 242 -36.00 -42.88 -17.34
N ASN B 243 -35.94 -43.88 -18.20
CA ASN B 243 -36.37 -43.73 -19.58
C ASN B 243 -37.10 -44.97 -20.06
N THR B 244 -38.15 -44.75 -20.83
CA THR B 244 -38.98 -45.83 -21.38
C THR B 244 -39.26 -45.66 -22.89
N MET B 245 -39.50 -46.79 -23.53
CA MET B 245 -39.79 -46.86 -24.95
C MET B 245 -41.28 -47.19 -25.04
N SER B 246 -42.11 -46.19 -24.78
CA SER B 246 -43.55 -46.35 -24.77
C SER B 246 -44.22 -46.11 -26.11
N ASP B 247 -43.58 -45.35 -26.99
CA ASP B 247 -44.19 -45.07 -28.29
C ASP B 247 -43.26 -44.98 -29.50
N MET B 248 -43.90 -44.89 -30.67
CA MET B 248 -43.24 -44.80 -31.97
C MET B 248 -42.61 -43.45 -32.19
N ALA B 249 -43.17 -42.43 -31.57
CA ALA B 249 -42.63 -41.08 -31.71
C ALA B 249 -41.32 -41.07 -30.94
N ALA B 250 -41.33 -41.70 -29.77
CA ALA B 250 -40.15 -41.79 -28.95
C ALA B 250 -39.19 -42.80 -29.58
N PHE B 251 -39.78 -43.80 -30.23
CA PHE B 251 -39.03 -44.87 -30.88
C PHE B 251 -38.12 -44.36 -31.98
N GLU B 252 -38.63 -43.47 -32.82
CA GLU B 252 -37.82 -42.92 -33.90
C GLU B 252 -36.76 -42.04 -33.30
N LYS B 253 -36.94 -41.67 -32.03
CA LYS B 253 -35.98 -40.81 -31.34
C LYS B 253 -34.70 -41.59 -30.99
N LEU B 254 -34.86 -42.83 -30.51
CA LEU B 254 -33.71 -43.65 -30.14
C LEU B 254 -33.07 -44.22 -31.40
N ALA B 255 -33.78 -44.15 -32.52
CA ALA B 255 -33.26 -44.66 -33.78
C ALA B 255 -32.73 -43.53 -34.65
N ALA B 256 -32.64 -42.33 -34.09
CA ALA B 256 -32.14 -41.17 -34.83
C ALA B 256 -30.63 -41.27 -35.03
N PRO B 257 -30.11 -40.63 -36.10
CA PRO B 257 -28.68 -40.63 -36.44
C PRO B 257 -27.69 -40.42 -35.30
N SER B 258 -27.04 -41.51 -34.90
CA SER B 258 -26.06 -41.47 -33.83
C SER B 258 -25.19 -42.74 -33.86
N GLU B 259 -23.92 -42.59 -34.26
CA GLU B 259 -23.00 -43.74 -34.32
C GLU B 259 -22.60 -44.13 -32.90
N TYR B 260 -22.07 -45.33 -32.73
CA TYR B 260 -21.63 -45.83 -31.42
C TYR B 260 -22.48 -45.38 -30.24
N ASN B 261 -23.58 -46.07 -30.02
CA ASN B 261 -24.44 -45.68 -28.91
C ASN B 261 -23.99 -46.40 -27.63
N GLN B 262 -23.83 -45.63 -26.56
CA GLN B 262 -23.41 -46.18 -25.26
C GLN B 262 -24.46 -47.15 -24.77
N VAL B 263 -24.04 -48.15 -24.01
CA VAL B 263 -24.97 -49.14 -23.47
C VAL B 263 -26.08 -48.43 -22.67
N GLU B 264 -27.19 -48.09 -23.35
CA GLU B 264 -28.32 -47.42 -22.71
C GLU B 264 -29.37 -48.43 -22.28
N TYR B 265 -30.51 -47.94 -21.81
CA TYR B 265 -31.58 -48.81 -21.33
C TYR B 265 -32.94 -48.13 -21.44
N PHE B 266 -33.96 -48.83 -20.95
CA PHE B 266 -35.33 -48.34 -20.94
C PHE B 266 -36.13 -49.17 -19.96
N SER B 267 -36.91 -48.51 -19.12
CA SER B 267 -37.71 -49.17 -18.10
C SER B 267 -39.15 -49.48 -18.54
N ASN B 268 -39.41 -49.46 -19.84
CA ASN B 268 -40.74 -49.70 -20.36
C ASN B 268 -40.71 -49.83 -21.89
N VAL B 269 -41.47 -50.81 -22.41
CA VAL B 269 -41.54 -51.07 -23.86
C VAL B 269 -42.96 -51.34 -24.35
N LYS B 270 -43.51 -50.45 -25.18
CA LYS B 270 -44.86 -50.63 -25.71
C LYS B 270 -45.17 -52.11 -25.95
N PRO B 271 -46.34 -52.58 -25.48
CA PRO B 271 -46.81 -53.97 -25.59
C PRO B 271 -46.49 -54.70 -26.88
N ASP B 272 -46.48 -53.98 -27.99
CA ASP B 272 -46.17 -54.61 -29.27
C ASP B 272 -45.26 -53.77 -30.16
N LEU B 273 -44.05 -53.49 -29.67
CA LEU B 273 -43.12 -52.69 -30.43
C LEU B 273 -42.61 -53.43 -31.66
N PHE B 274 -42.31 -54.71 -31.48
CA PHE B 274 -41.81 -55.54 -32.59
C PHE B 274 -42.71 -55.31 -33.78
N ALA B 275 -43.95 -55.78 -33.62
CA ALA B 275 -44.94 -55.64 -34.67
C ALA B 275 -45.04 -54.19 -35.08
N ASP B 276 -44.78 -53.27 -34.15
CA ASP B 276 -44.86 -51.85 -34.46
C ASP B 276 -43.93 -51.51 -35.62
N VAL B 277 -42.77 -52.18 -35.68
CA VAL B 277 -41.79 -51.91 -36.73
C VAL B 277 -42.18 -52.50 -38.08
N ILE B 278 -42.27 -53.82 -38.15
CA ILE B 278 -42.64 -54.49 -39.38
C ILE B 278 -43.79 -53.77 -40.05
N ASN B 279 -44.89 -53.65 -39.32
CA ASN B 279 -46.07 -52.97 -39.85
C ASN B 279 -45.74 -51.69 -40.61
N LYS B 280 -45.19 -50.70 -39.90
CA LYS B 280 -44.86 -49.43 -40.53
C LYS B 280 -44.06 -49.64 -41.80
N PHE B 281 -43.19 -50.64 -41.79
CA PHE B 281 -42.35 -50.92 -42.96
C PHE B 281 -42.90 -52.10 -43.77
N MET B 282 -44.22 -52.13 -43.92
CA MET B 282 -44.91 -53.16 -44.70
C MET B 282 -46.17 -52.55 -45.24
N ALA B 283 -46.48 -51.35 -44.76
CA ALA B 283 -47.68 -50.68 -45.25
C ALA B 283 -47.45 -49.16 -45.32
N HIS C 19 -18.09 -67.16 -100.34
CA HIS C 19 -19.25 -68.06 -100.60
C HIS C 19 -19.41 -68.94 -99.37
N ASP C 20 -19.69 -68.28 -98.25
CA ASP C 20 -19.91 -68.94 -96.96
C ASP C 20 -20.18 -67.86 -95.92
N ALA C 21 -19.48 -66.74 -96.07
CA ALA C 21 -19.60 -65.61 -95.17
C ALA C 21 -20.90 -64.86 -95.39
N GLY C 22 -21.62 -65.24 -96.45
CA GLY C 22 -22.89 -64.60 -96.76
C GLY C 22 -23.80 -64.58 -95.54
N GLY C 23 -24.41 -65.72 -95.23
CA GLY C 23 -25.30 -65.81 -94.08
C GLY C 23 -24.57 -66.03 -92.76
N THR C 24 -23.62 -65.14 -92.47
CA THR C 24 -22.84 -65.24 -91.24
C THR C 24 -23.43 -64.38 -90.14
N LYS C 25 -23.84 -63.16 -90.48
CA LYS C 25 -24.44 -62.26 -89.49
C LYS C 25 -25.76 -62.87 -88.99
N ILE C 26 -26.25 -63.89 -89.70
CA ILE C 26 -27.51 -64.55 -89.32
C ILE C 26 -27.32 -65.34 -88.04
N PHE C 27 -26.60 -66.44 -88.11
CA PHE C 27 -26.29 -67.20 -86.89
C PHE C 27 -25.55 -66.26 -85.97
N GLY C 28 -25.09 -65.15 -86.53
CA GLY C 28 -24.34 -64.15 -85.80
C GLY C 28 -25.32 -63.12 -85.26
N PHE C 29 -26.59 -63.48 -85.26
CA PHE C 29 -27.66 -62.61 -84.78
C PHE C 29 -28.68 -63.49 -84.12
N TRP C 30 -28.79 -64.66 -84.70
CA TRP C 30 -29.62 -65.62 -84.12
C TRP C 30 -29.07 -65.81 -82.67
N ILE C 31 -27.70 -65.74 -82.50
CA ILE C 31 -27.12 -65.86 -81.15
C ILE C 31 -27.44 -64.55 -80.36
N TYR C 32 -27.56 -63.41 -81.09
CA TYR C 32 -27.83 -62.06 -80.60
C TYR C 32 -29.16 -61.95 -79.81
N LEU C 33 -30.14 -62.81 -80.21
CA LEU C 33 -31.49 -62.97 -79.59
C LEU C 33 -31.34 -63.52 -78.20
N MET C 34 -30.24 -64.25 -77.96
CA MET C 34 -29.94 -64.85 -76.64
C MET C 34 -29.64 -63.75 -75.64
N SER C 35 -29.74 -62.50 -76.09
CA SER C 35 -29.51 -61.36 -75.23
C SER C 35 -30.86 -60.75 -74.91
N ASP C 36 -31.74 -60.75 -75.90
CA ASP C 36 -33.07 -60.19 -75.71
C ASP C 36 -34.05 -61.32 -75.50
N CYS C 37 -33.53 -62.53 -75.31
CA CYS C 37 -34.38 -63.70 -75.08
C CYS C 37 -34.35 -64.09 -73.63
N ILE C 38 -33.23 -63.81 -72.96
CA ILE C 38 -33.09 -64.12 -71.56
C ILE C 38 -33.56 -62.90 -70.76
N LEU C 39 -33.32 -61.70 -71.31
CA LEU C 39 -33.80 -60.51 -70.67
C LEU C 39 -35.28 -60.70 -70.33
N PHE C 40 -36.06 -61.08 -71.35
CA PHE C 40 -37.51 -61.29 -71.19
C PHE C 40 -37.87 -62.49 -70.32
N SER C 41 -36.86 -63.16 -69.77
CA SER C 41 -37.10 -64.31 -68.93
C SER C 41 -36.81 -63.95 -67.48
N ILE C 42 -35.70 -63.28 -67.24
CA ILE C 42 -35.43 -62.93 -65.85
C ILE C 42 -36.48 -61.91 -65.44
N LEU C 43 -36.80 -61.01 -66.36
CA LEU C 43 -37.80 -59.96 -66.13
C LEU C 43 -39.10 -60.60 -65.60
N PHE C 44 -39.61 -61.57 -66.36
CA PHE C 44 -40.83 -62.33 -66.04
C PHE C 44 -40.69 -62.92 -64.66
N ALA C 45 -39.47 -63.31 -64.32
CA ALA C 45 -39.18 -63.90 -63.03
C ALA C 45 -39.43 -62.89 -61.94
N THR C 46 -39.05 -61.64 -62.18
CA THR C 46 -39.26 -60.57 -61.22
C THR C 46 -40.76 -60.45 -61.01
N TYR C 47 -41.49 -60.19 -62.10
CA TYR C 47 -42.94 -60.07 -62.06
C TYR C 47 -43.48 -61.31 -61.36
N ALA C 48 -43.14 -62.46 -61.92
CA ALA C 48 -43.55 -63.76 -61.38
C ALA C 48 -43.31 -63.81 -59.88
N VAL C 49 -42.59 -62.83 -59.35
CA VAL C 49 -42.33 -62.74 -57.92
C VAL C 49 -43.27 -61.65 -57.43
N LEU C 50 -43.06 -60.45 -57.98
CA LEU C 50 -43.84 -59.28 -57.64
C LEU C 50 -45.30 -59.51 -58.01
N VAL C 51 -45.85 -60.61 -57.52
CA VAL C 51 -47.22 -60.96 -57.83
C VAL C 51 -47.96 -61.59 -56.66
N ASN C 52 -47.42 -62.71 -56.17
CA ASN C 52 -48.02 -63.44 -55.06
C ASN C 52 -48.12 -62.60 -53.79
N GLY C 53 -47.89 -61.30 -53.91
CA GLY C 53 -47.96 -60.42 -52.76
C GLY C 53 -49.40 -60.15 -52.38
N THR C 54 -50.32 -60.87 -53.04
CA THR C 54 -51.75 -60.73 -52.77
C THR C 54 -52.25 -59.33 -53.17
N ALA C 55 -53.25 -59.30 -54.04
CA ALA C 55 -53.83 -58.04 -54.49
C ALA C 55 -54.43 -57.29 -53.31
N GLY C 56 -53.66 -56.37 -52.73
CA GLY C 56 -54.13 -55.61 -51.60
C GLY C 56 -54.80 -54.30 -51.96
N GLY C 57 -56.13 -54.31 -51.96
CA GLY C 57 -56.88 -53.11 -52.29
C GLY C 57 -56.70 -52.61 -53.71
N PRO C 58 -56.10 -51.42 -53.89
CA PRO C 58 -55.86 -50.82 -55.21
C PRO C 58 -55.34 -51.80 -56.24
N THR C 59 -56.16 -52.08 -57.25
CA THR C 59 -55.80 -53.01 -58.31
C THR C 59 -56.45 -52.60 -59.63
N GLY C 60 -55.62 -52.41 -60.65
CA GLY C 60 -56.13 -52.03 -61.96
C GLY C 60 -56.45 -53.24 -62.82
N LYS C 61 -57.71 -53.36 -63.22
CA LYS C 61 -58.14 -54.47 -64.05
C LYS C 61 -58.12 -54.11 -65.53
N ASP C 62 -58.13 -55.13 -66.39
CA ASP C 62 -58.11 -54.93 -67.83
C ASP C 62 -59.22 -55.73 -68.48
N ILE C 63 -60.00 -55.08 -69.33
CA ILE C 63 -61.11 -55.73 -70.03
C ILE C 63 -60.61 -56.42 -71.29
N PHE C 64 -61.14 -57.61 -71.56
CA PHE C 64 -60.73 -58.40 -72.71
C PHE C 64 -61.25 -57.87 -74.05
N GLU C 65 -60.63 -56.79 -74.53
CA GLU C 65 -61.00 -56.17 -75.79
C GLU C 65 -59.72 -55.62 -76.41
N LEU C 66 -59.00 -54.80 -75.66
CA LEU C 66 -57.73 -54.25 -76.12
C LEU C 66 -56.73 -55.38 -76.30
N PRO C 67 -56.66 -56.31 -75.33
CA PRO C 67 -55.73 -57.45 -75.41
C PRO C 67 -56.24 -58.50 -76.41
N PHE C 68 -56.96 -58.00 -77.39
CA PHE C 68 -57.50 -58.85 -78.44
C PHE C 68 -57.29 -58.06 -79.72
N VAL C 69 -57.34 -56.75 -79.59
CA VAL C 69 -57.12 -55.85 -80.72
C VAL C 69 -55.62 -55.58 -80.75
N LEU C 70 -54.99 -55.55 -79.58
CA LEU C 70 -53.55 -55.36 -79.50
C LEU C 70 -52.94 -56.62 -80.07
N VAL C 71 -53.38 -57.76 -79.53
CA VAL C 71 -52.90 -59.06 -79.95
C VAL C 71 -53.09 -59.31 -81.44
N GLU C 72 -54.33 -59.23 -81.90
CA GLU C 72 -54.67 -59.44 -83.31
C GLU C 72 -53.68 -58.66 -84.18
N THR C 73 -53.66 -57.34 -84.01
CA THR C 73 -52.75 -56.49 -84.75
C THR C 73 -51.39 -57.17 -84.82
N PHE C 74 -50.71 -57.19 -83.69
CA PHE C 74 -49.40 -57.79 -83.56
C PHE C 74 -49.36 -59.24 -84.04
N LEU C 75 -50.53 -59.83 -84.19
CA LEU C 75 -50.66 -61.22 -84.64
C LEU C 75 -50.64 -61.30 -86.16
N LEU C 76 -51.23 -60.30 -86.81
CA LEU C 76 -51.26 -60.29 -88.26
C LEU C 76 -49.83 -60.19 -88.81
N LEU C 77 -48.94 -59.58 -88.03
CA LEU C 77 -47.54 -59.40 -88.41
C LEU C 77 -46.80 -60.73 -88.43
N PHE C 78 -47.19 -61.63 -87.52
CA PHE C 78 -46.64 -62.97 -87.45
C PHE C 78 -46.86 -63.56 -88.84
N SER C 79 -47.89 -63.07 -89.52
CA SER C 79 -48.20 -63.52 -90.87
C SER C 79 -48.32 -62.37 -91.86
N SER C 80 -47.64 -61.29 -91.56
CA SER C 80 -47.55 -60.14 -92.42
C SER C 80 -46.18 -60.21 -93.06
N ILE C 81 -45.56 -61.34 -92.75
CA ILE C 81 -44.22 -61.69 -93.18
C ILE C 81 -44.26 -63.15 -93.63
N THR C 82 -45.29 -63.88 -93.20
CA THR C 82 -45.47 -65.30 -93.58
C THR C 82 -46.03 -65.34 -94.98
N TYR C 83 -46.90 -64.41 -95.28
CA TYR C 83 -47.50 -64.29 -96.60
C TYR C 83 -46.61 -63.37 -97.43
N GLY C 84 -45.54 -62.89 -96.79
CA GLY C 84 -44.60 -61.95 -97.41
C GLY C 84 -43.23 -62.55 -97.81
N MET C 85 -42.49 -63.09 -96.86
CA MET C 85 -41.17 -63.66 -97.09
C MET C 85 -41.03 -64.22 -98.51
N ALA C 86 -41.99 -65.03 -98.92
CA ALA C 86 -41.99 -65.63 -100.24
C ALA C 86 -42.04 -64.52 -101.28
N ALA C 87 -43.15 -63.79 -101.30
CA ALA C 87 -43.36 -62.68 -102.22
C ALA C 87 -42.47 -61.53 -101.76
N ILE C 88 -41.25 -61.89 -101.39
CA ILE C 88 -40.26 -60.95 -100.92
C ILE C 88 -38.92 -61.30 -101.57
N ALA C 89 -38.75 -62.58 -101.86
CA ALA C 89 -37.53 -63.07 -102.50
C ALA C 89 -37.61 -64.59 -102.70
N MET C 90 -37.79 -65.32 -101.61
CA MET C 90 -37.93 -66.78 -101.69
C MET C 90 -38.71 -67.12 -102.97
N TYR C 91 -40.00 -66.81 -102.97
CA TYR C 91 -40.78 -66.97 -104.18
C TYR C 91 -40.18 -65.92 -105.11
N LYS C 92 -40.19 -66.19 -106.41
CA LYS C 92 -39.64 -65.24 -107.39
C LYS C 92 -39.98 -63.78 -107.07
N ASN C 93 -39.00 -63.08 -106.52
CA ASN C 93 -39.16 -61.68 -106.15
C ASN C 93 -39.92 -60.84 -107.17
N ASN C 94 -40.46 -59.72 -106.70
CA ASN C 94 -41.21 -58.83 -107.57
C ASN C 94 -41.03 -57.39 -107.11
N LYS C 95 -39.80 -57.07 -106.74
CA LYS C 95 -39.43 -55.73 -106.28
C LYS C 95 -40.45 -55.14 -105.31
N SER C 96 -41.21 -54.17 -105.80
CA SER C 96 -42.23 -53.50 -104.98
C SER C 96 -43.03 -54.49 -104.14
N GLN C 97 -43.37 -55.62 -104.75
CA GLN C 97 -44.15 -56.65 -104.07
C GLN C 97 -43.49 -57.13 -102.78
N VAL C 98 -42.51 -56.36 -102.30
CA VAL C 98 -41.79 -56.69 -101.07
C VAL C 98 -41.68 -55.43 -100.22
N ILE C 99 -42.39 -54.39 -100.63
CA ILE C 99 -42.35 -53.10 -99.93
C ILE C 99 -43.72 -52.63 -99.41
N SER C 100 -44.72 -52.62 -100.28
CA SER C 100 -46.06 -52.18 -99.87
C SER C 100 -46.49 -53.00 -98.67
N TRP C 101 -46.03 -54.24 -98.63
CA TRP C 101 -46.33 -55.16 -97.55
C TRP C 101 -45.59 -54.80 -96.27
N LEU C 102 -44.30 -54.52 -96.41
CA LEU C 102 -43.52 -54.04 -95.27
C LEU C 102 -44.30 -52.86 -94.70
N ALA C 103 -44.69 -51.96 -95.58
CA ALA C 103 -45.47 -50.76 -95.21
C ALA C 103 -46.62 -51.13 -94.28
N LEU C 104 -47.54 -51.96 -94.79
CA LEU C 104 -48.68 -52.41 -94.00
C LEU C 104 -48.23 -52.86 -92.64
N THR C 105 -47.11 -53.56 -92.70
CA THR C 105 -46.47 -54.18 -91.57
C THR C 105 -46.01 -53.13 -90.54
N TRP C 106 -45.45 -52.04 -91.10
CA TRP C 106 -45.00 -50.96 -90.26
C TRP C 106 -46.22 -50.29 -89.60
N LEU C 107 -47.30 -50.17 -90.36
CA LEU C 107 -48.56 -49.59 -89.90
C LEU C 107 -49.05 -50.29 -88.64
N PHE C 108 -49.03 -51.64 -88.69
CA PHE C 108 -49.54 -52.45 -87.54
C PHE C 108 -48.62 -52.28 -86.34
N GLY C 109 -47.36 -51.98 -86.64
CA GLY C 109 -46.37 -51.76 -85.60
C GLY C 109 -46.66 -50.44 -84.89
N ALA C 110 -46.96 -49.42 -85.67
CA ALA C 110 -47.29 -48.10 -85.17
C ALA C 110 -48.62 -48.13 -84.44
N GLY C 111 -49.47 -49.10 -84.80
CA GLY C 111 -50.74 -49.25 -84.15
C GLY C 111 -50.55 -49.96 -82.81
N PHE C 112 -50.02 -51.18 -82.88
CA PHE C 112 -49.74 -51.98 -81.70
C PHE C 112 -49.09 -51.13 -80.60
N ILE C 113 -48.24 -50.19 -81.01
CA ILE C 113 -47.56 -49.29 -80.08
C ILE C 113 -48.54 -48.24 -79.58
N GLY C 114 -49.57 -47.97 -80.37
CA GLY C 114 -50.60 -47.00 -80.04
C GLY C 114 -51.37 -47.39 -78.78
N MET C 115 -52.13 -48.47 -78.85
CA MET C 115 -52.89 -48.92 -77.69
C MET C 115 -51.93 -49.04 -76.49
N GLU C 116 -50.68 -49.39 -76.80
CA GLU C 116 -49.63 -49.54 -75.79
C GLU C 116 -49.37 -48.19 -75.13
N ILE C 117 -49.97 -47.15 -75.68
CA ILE C 117 -49.83 -45.80 -75.16
C ILE C 117 -51.17 -45.26 -74.69
N TYR C 118 -52.25 -45.63 -75.38
CA TYR C 118 -53.57 -45.17 -74.98
C TYR C 118 -53.80 -45.69 -73.55
N GLU C 119 -53.57 -46.99 -73.36
CA GLU C 119 -53.73 -47.63 -72.04
C GLU C 119 -52.93 -46.90 -70.96
N PHE C 120 -51.61 -46.85 -71.12
CA PHE C 120 -50.77 -46.15 -70.15
C PHE C 120 -51.42 -44.83 -69.79
N HIS C 121 -51.57 -43.93 -70.76
CA HIS C 121 -52.19 -42.63 -70.50
C HIS C 121 -53.33 -42.82 -69.52
N HIS C 122 -54.28 -43.68 -69.91
CA HIS C 122 -55.46 -43.97 -69.09
C HIS C 122 -55.06 -44.47 -67.70
N LEU C 123 -53.86 -45.00 -67.58
CA LEU C 123 -53.39 -45.52 -66.31
C LEU C 123 -52.54 -44.47 -65.58
N ILE C 124 -52.70 -43.22 -65.99
CA ILE C 124 -51.97 -42.11 -65.38
C ILE C 124 -52.80 -40.84 -65.53
N VAL C 125 -54.02 -40.99 -66.03
CA VAL C 125 -54.96 -39.89 -66.20
C VAL C 125 -55.73 -39.86 -64.88
N ASN C 126 -56.03 -41.06 -64.37
CA ASN C 126 -56.73 -41.21 -63.11
C ASN C 126 -55.67 -40.97 -62.03
N GLY C 127 -54.57 -41.70 -62.14
CA GLY C 127 -53.48 -41.53 -61.19
C GLY C 127 -52.80 -40.22 -61.52
N MET C 128 -53.08 -39.21 -60.72
CA MET C 128 -52.53 -37.87 -60.94
C MET C 128 -51.03 -37.76 -60.61
N GLY C 129 -50.23 -38.68 -61.16
CA GLY C 129 -48.80 -38.65 -60.94
C GLY C 129 -48.25 -39.80 -60.14
N PRO C 130 -48.38 -39.78 -58.80
CA PRO C 130 -47.88 -40.84 -57.90
C PRO C 130 -48.26 -42.25 -58.32
N ASP C 131 -47.25 -43.11 -58.45
CA ASP C 131 -47.48 -44.50 -58.82
C ASP C 131 -47.43 -45.32 -57.53
N ARG C 132 -48.13 -46.45 -57.51
CA ARG C 132 -48.16 -47.29 -56.31
C ARG C 132 -48.13 -48.79 -56.61
N SER C 133 -47.70 -49.57 -55.62
CA SER C 133 -47.62 -51.02 -55.73
C SER C 133 -46.66 -51.49 -56.81
N GLY C 134 -46.29 -52.76 -56.77
CA GLY C 134 -45.38 -53.30 -57.75
C GLY C 134 -46.11 -53.94 -58.92
N PHE C 135 -47.34 -54.38 -58.66
CA PHE C 135 -48.18 -55.03 -59.65
C PHE C 135 -48.63 -54.04 -60.73
N LEU C 136 -48.23 -52.82 -60.55
CA LEU C 136 -48.50 -51.74 -61.50
C LEU C 136 -47.15 -51.11 -61.68
N SER C 137 -46.16 -51.94 -61.39
CA SER C 137 -44.77 -51.59 -61.47
C SER C 137 -44.10 -52.55 -62.44
N ALA C 138 -43.84 -53.76 -61.98
CA ALA C 138 -43.22 -54.76 -62.82
C ALA C 138 -44.00 -54.79 -64.13
N PHE C 139 -45.29 -55.13 -64.03
CA PHE C 139 -46.13 -55.11 -65.21
C PHE C 139 -45.87 -53.79 -65.95
N PHE C 140 -46.04 -52.70 -65.20
CA PHE C 140 -45.84 -51.36 -65.71
C PHE C 140 -44.55 -51.21 -66.52
N ALA C 141 -43.69 -52.22 -66.45
CA ALA C 141 -42.42 -52.19 -67.16
C ALA C 141 -42.29 -53.36 -68.13
N LEU C 142 -42.73 -54.54 -67.71
CA LEU C 142 -42.63 -55.73 -68.54
C LEU C 142 -42.98 -55.41 -69.99
N VAL C 143 -44.06 -54.68 -70.18
CA VAL C 143 -44.48 -54.30 -71.53
C VAL C 143 -43.56 -53.22 -72.06
N GLY C 144 -43.32 -52.19 -71.24
CA GLY C 144 -42.45 -51.10 -71.63
C GLY C 144 -41.34 -51.61 -72.53
N THR C 145 -40.65 -52.62 -72.05
CA THR C 145 -39.57 -53.21 -72.81
C THR C 145 -40.20 -53.65 -74.10
N HIS C 146 -41.14 -54.58 -73.99
CA HIS C 146 -41.83 -55.10 -75.16
C HIS C 146 -42.44 -53.91 -75.90
N GLY C 147 -42.36 -52.73 -75.29
CA GLY C 147 -42.89 -51.50 -75.89
C GLY C 147 -41.78 -50.57 -76.37
N LEU C 148 -40.58 -51.12 -76.37
CA LEU C 148 -39.41 -50.39 -76.82
C LEU C 148 -38.81 -51.27 -77.90
N HIS C 149 -38.67 -52.55 -77.59
CA HIS C 149 -38.14 -53.51 -78.55
C HIS C 149 -38.90 -53.30 -79.84
N VAL C 150 -40.21 -53.08 -79.71
CA VAL C 150 -41.05 -52.83 -80.89
C VAL C 150 -41.11 -51.33 -81.18
N THR C 151 -39.97 -50.67 -81.02
CA THR C 151 -39.85 -49.24 -81.31
C THR C 151 -38.69 -49.16 -82.28
N SER C 152 -37.53 -49.65 -81.83
CA SER C 152 -36.32 -49.68 -82.67
C SER C 152 -36.50 -50.81 -83.66
N GLY C 153 -36.91 -51.96 -83.15
CA GLY C 153 -37.15 -53.11 -84.00
C GLY C 153 -38.32 -52.78 -84.92
N LEU C 154 -38.81 -51.56 -84.81
CA LEU C 154 -39.91 -51.11 -85.63
C LEU C 154 -39.43 -49.91 -86.42
N ILE C 155 -38.29 -49.36 -86.00
CA ILE C 155 -37.70 -48.22 -86.66
C ILE C 155 -36.58 -48.71 -87.59
N TRP C 156 -35.82 -49.71 -87.16
CA TRP C 156 -34.75 -50.25 -88.00
C TRP C 156 -35.43 -50.84 -89.23
N MET C 157 -36.62 -51.39 -89.02
CA MET C 157 -37.38 -51.98 -90.11
C MET C 157 -37.67 -50.93 -91.19
N ALA C 158 -38.43 -49.90 -90.81
CA ALA C 158 -38.80 -48.81 -91.73
C ALA C 158 -37.60 -48.09 -92.32
N VAL C 159 -36.49 -48.04 -91.59
CA VAL C 159 -35.29 -47.39 -92.09
C VAL C 159 -34.75 -48.21 -93.24
N LEU C 160 -34.59 -49.50 -92.99
CA LEU C 160 -34.10 -50.39 -94.03
C LEU C 160 -35.09 -50.36 -95.18
N MET C 161 -36.33 -49.99 -94.87
CA MET C 161 -37.35 -49.90 -95.89
C MET C 161 -36.85 -48.93 -96.95
N VAL C 162 -36.57 -47.70 -96.54
CA VAL C 162 -36.06 -46.67 -97.46
C VAL C 162 -34.73 -47.16 -98.00
N GLN C 163 -34.13 -48.12 -97.30
CA GLN C 163 -32.86 -48.65 -97.74
C GLN C 163 -33.12 -49.59 -98.93
N ILE C 164 -34.03 -50.54 -98.72
CA ILE C 164 -34.36 -51.50 -99.78
C ILE C 164 -34.77 -50.80 -101.05
N ALA C 165 -35.08 -49.52 -100.95
CA ALA C 165 -35.47 -48.74 -102.11
C ALA C 165 -34.28 -48.61 -103.05
N ARG C 166 -33.51 -47.54 -102.85
CA ARG C 166 -32.32 -47.25 -103.66
C ARG C 166 -31.41 -48.46 -103.84
N ARG C 167 -31.08 -49.12 -102.74
CA ARG C 167 -30.22 -50.30 -102.79
C ARG C 167 -30.99 -51.43 -103.44
N GLY C 168 -32.16 -51.71 -102.89
CA GLY C 168 -32.99 -52.77 -103.43
C GLY C 168 -32.32 -54.13 -103.33
N LEU C 169 -32.90 -55.03 -102.53
CA LEU C 169 -32.35 -56.36 -102.39
C LEU C 169 -33.11 -57.34 -103.30
N THR C 170 -32.58 -58.54 -103.46
CA THR C 170 -33.18 -59.55 -104.32
C THR C 170 -32.90 -60.98 -103.85
N SER C 171 -33.61 -61.94 -104.43
CA SER C 171 -33.48 -63.36 -104.08
C SER C 171 -32.06 -63.78 -103.64
N THR C 172 -32.02 -64.58 -102.58
CA THR C 172 -30.77 -65.08 -102.01
C THR C 172 -29.99 -63.96 -101.36
N ASN C 173 -29.97 -62.81 -102.03
CA ASN C 173 -29.26 -61.63 -101.55
C ASN C 173 -29.94 -60.87 -100.41
N ARG C 174 -31.11 -61.35 -99.99
CA ARG C 174 -31.84 -60.73 -98.89
C ARG C 174 -31.37 -61.36 -97.58
N THR C 175 -30.53 -60.62 -96.86
CA THR C 175 -29.97 -61.05 -95.59
C THR C 175 -30.81 -60.48 -94.44
N ARG C 176 -30.77 -59.17 -94.29
CA ARG C 176 -31.48 -58.48 -93.21
C ARG C 176 -32.99 -58.72 -93.12
N ILE C 177 -33.71 -58.61 -94.23
CA ILE C 177 -35.16 -58.78 -94.19
C ILE C 177 -35.56 -60.23 -93.87
N MET C 178 -34.62 -61.17 -93.96
CA MET C 178 -34.88 -62.56 -93.61
C MET C 178 -34.33 -62.79 -92.22
N CYS C 179 -33.52 -61.84 -91.80
CA CYS C 179 -32.97 -61.83 -90.45
C CYS C 179 -34.07 -61.24 -89.58
N LEU C 180 -34.42 -60.00 -89.88
CA LEU C 180 -35.46 -59.31 -89.15
C LEU C 180 -36.68 -60.22 -89.07
N SER C 181 -36.92 -61.00 -90.12
CA SER C 181 -38.06 -61.91 -90.17
C SER C 181 -37.82 -63.09 -89.22
N LEU C 182 -36.96 -62.88 -88.27
CA LEU C 182 -36.62 -63.87 -87.31
C LEU C 182 -36.55 -63.22 -85.93
N PHE C 183 -36.12 -61.95 -85.96
CA PHE C 183 -36.09 -61.14 -84.79
C PHE C 183 -37.55 -60.95 -84.35
N TRP C 184 -38.28 -60.23 -85.20
CA TRP C 184 -39.69 -59.94 -85.00
C TRP C 184 -40.49 -61.21 -84.80
N HIS C 185 -40.28 -62.18 -85.69
CA HIS C 185 -41.00 -63.44 -85.57
C HIS C 185 -40.82 -64.02 -84.18
N PHE C 186 -39.77 -63.57 -83.48
CA PHE C 186 -39.50 -64.03 -82.12
C PHE C 186 -40.31 -63.16 -81.17
N LEU C 187 -40.31 -61.86 -81.46
CA LEU C 187 -41.05 -60.91 -80.65
C LEU C 187 -42.48 -61.38 -80.42
N ASP C 188 -43.25 -61.52 -81.49
CA ASP C 188 -44.64 -61.94 -81.34
C ASP C 188 -44.71 -63.17 -80.47
N VAL C 189 -43.77 -64.09 -80.65
CA VAL C 189 -43.76 -65.30 -79.84
C VAL C 189 -43.76 -64.88 -78.38
N VAL C 190 -42.92 -63.91 -78.04
CA VAL C 190 -42.86 -63.44 -76.66
C VAL C 190 -44.19 -62.81 -76.30
N TRP C 191 -44.91 -62.34 -77.32
CA TRP C 191 -46.21 -61.71 -77.09
C TRP C 191 -47.34 -62.75 -77.12
N ILE C 192 -47.04 -63.99 -77.50
CA ILE C 192 -48.06 -65.03 -77.50
C ILE C 192 -48.03 -65.67 -76.11
N CYS C 193 -47.63 -64.86 -75.14
CA CYS C 193 -47.50 -65.28 -73.76
C CYS C 193 -47.97 -64.10 -72.93
N VAL C 194 -47.26 -62.99 -73.08
CA VAL C 194 -47.58 -61.75 -72.37
C VAL C 194 -49.02 -61.75 -71.92
N PHE C 195 -49.91 -61.83 -72.89
CA PHE C 195 -51.34 -61.85 -72.60
C PHE C 195 -51.72 -63.20 -72.03
N THR C 196 -51.19 -64.24 -72.67
CA THR C 196 -51.41 -65.62 -72.29
C THR C 196 -50.64 -66.01 -71.03
N VAL C 197 -50.57 -65.06 -70.09
CA VAL C 197 -49.89 -65.25 -68.81
C VAL C 197 -50.21 -64.09 -67.88
N VAL C 198 -49.88 -62.88 -68.31
CA VAL C 198 -50.12 -61.67 -67.53
C VAL C 198 -51.59 -61.28 -67.47
N TYR C 199 -52.08 -60.86 -68.61
CA TYR C 199 -53.46 -60.40 -68.75
C TYR C 199 -54.51 -61.40 -68.26
N LEU C 200 -54.84 -62.37 -69.11
CA LEU C 200 -55.84 -63.38 -68.77
C LEU C 200 -55.59 -64.01 -67.40
N MET C 201 -54.53 -64.81 -67.31
CA MET C 201 -54.17 -65.48 -66.05
C MET C 201 -54.14 -64.50 -64.89
N GLY C 202 -53.23 -63.53 -64.96
CA GLY C 202 -53.14 -62.54 -63.90
C GLY C 202 -54.50 -61.96 -63.60
N ALA C 203 -54.79 -60.82 -64.23
CA ALA C 203 -56.07 -60.16 -64.04
C ALA C 203 -56.19 -59.56 -62.63
N UNK D 1 -45.54 -78.11 -106.07
CA UNK D 1 -44.31 -78.91 -106.06
C UNK D 1 -43.24 -78.23 -105.24
N UNK D 2 -42.05 -78.07 -105.80
CA UNK D 2 -41.08 -77.39 -104.95
C UNK D 2 -41.79 -76.17 -104.39
N UNK D 3 -42.39 -75.37 -105.26
CA UNK D 3 -43.08 -74.16 -104.81
C UNK D 3 -44.42 -74.45 -104.11
N UNK D 4 -45.09 -75.59 -104.38
CA UNK D 4 -46.40 -76.00 -103.79
C UNK D 4 -46.30 -76.46 -102.36
N UNK D 5 -45.28 -77.25 -102.09
CA UNK D 5 -45.02 -77.72 -100.75
C UNK D 5 -44.57 -76.54 -99.92
N UNK D 6 -43.85 -75.63 -100.58
CA UNK D 6 -43.35 -74.40 -99.98
C UNK D 6 -44.52 -73.51 -99.65
N UNK D 7 -45.60 -73.55 -100.44
CA UNK D 7 -46.81 -72.71 -100.21
C UNK D 7 -47.74 -73.29 -99.12
N UNK D 8 -47.98 -74.61 -99.13
CA UNK D 8 -48.83 -75.31 -98.16
C UNK D 8 -48.16 -75.29 -96.79
N UNK D 9 -46.85 -75.40 -96.81
CA UNK D 9 -46.09 -75.32 -95.59
C UNK D 9 -46.11 -73.87 -95.14
N UNK D 10 -46.08 -72.91 -96.07
CA UNK D 10 -46.15 -71.53 -95.67
C UNK D 10 -47.51 -71.27 -94.99
N UNK D 11 -48.63 -71.67 -95.64
CA UNK D 11 -50.02 -71.45 -95.16
C UNK D 11 -50.35 -72.19 -93.86
N UNK D 12 -49.78 -73.40 -93.72
CA UNK D 12 -49.96 -74.18 -92.53
C UNK D 12 -49.40 -73.39 -91.39
N UNK D 13 -48.41 -72.60 -91.67
CA UNK D 13 -47.93 -71.74 -90.64
C UNK D 13 -49.08 -70.76 -90.33
N UNK D 14 -49.65 -70.18 -91.41
CA UNK D 14 -50.73 -69.22 -91.25
C UNK D 14 -51.97 -69.82 -90.60
N UNK D 15 -52.35 -71.04 -91.05
CA UNK D 15 -53.50 -71.76 -90.53
C UNK D 15 -53.29 -72.13 -89.06
N UNK D 16 -52.06 -72.54 -88.75
CA UNK D 16 -51.68 -72.90 -87.39
C UNK D 16 -51.84 -71.68 -86.45
N UNK D 17 -51.52 -70.50 -86.99
CA UNK D 17 -51.64 -69.26 -86.24
C UNK D 17 -53.09 -68.93 -85.99
N UNK D 18 -53.84 -68.76 -87.08
CA UNK D 18 -55.28 -68.46 -86.97
C UNK D 18 -55.94 -69.39 -85.97
N UNK D 19 -55.57 -70.65 -85.99
CA UNK D 19 -56.15 -71.58 -85.05
C UNK D 19 -55.64 -71.32 -83.63
N UNK D 20 -54.41 -70.81 -83.51
CA UNK D 20 -53.91 -70.50 -82.21
C UNK D 20 -54.69 -69.31 -81.64
N UNK D 21 -54.99 -68.32 -82.48
CA UNK D 21 -55.74 -67.15 -82.04
C UNK D 21 -57.12 -67.56 -81.52
N UNK D 22 -57.76 -68.49 -82.25
CA UNK D 22 -59.08 -69.03 -81.91
C UNK D 22 -58.95 -69.67 -80.54
N UNK D 23 -57.87 -70.46 -80.38
CA UNK D 23 -57.54 -71.14 -79.11
C UNK D 23 -57.31 -70.13 -77.98
N UNK D 24 -56.56 -69.09 -78.26
CA UNK D 24 -56.27 -68.04 -77.30
C UNK D 24 -57.53 -67.27 -76.90
N UNK D 25 -58.36 -66.95 -77.89
CA UNK D 25 -59.63 -66.25 -77.63
C UNK D 25 -60.48 -67.20 -76.83
N UNK D 26 -60.37 -68.43 -77.32
CA UNK D 26 -60.96 -69.54 -76.67
C UNK D 26 -60.57 -69.40 -75.22
N UNK D 27 -59.26 -69.33 -74.98
CA UNK D 27 -58.76 -69.16 -73.65
C UNK D 27 -59.44 -67.98 -72.97
N UNK D 28 -59.70 -66.94 -73.74
CA UNK D 28 -60.33 -65.73 -73.21
C UNK D 28 -61.80 -66.03 -72.91
N UNK D 29 -62.41 -66.87 -73.75
CA UNK D 29 -63.80 -67.23 -73.53
C UNK D 29 -63.94 -68.15 -72.33
N UNK D 30 -63.03 -69.09 -72.23
CA UNK D 30 -63.02 -69.97 -71.07
C UNK D 30 -62.62 -69.13 -69.82
N UNK D 31 -62.22 -67.85 -70.05
CA UNK D 31 -61.70 -66.89 -69.01
C UNK D 31 -62.69 -65.80 -68.51
N UNK D 32 -63.69 -65.41 -69.31
CA UNK D 32 -64.71 -64.47 -68.87
C UNK D 32 -65.60 -65.25 -67.91
N UNK D 33 -65.59 -66.57 -68.13
CA UNK D 33 -66.32 -67.53 -67.37
C UNK D 33 -65.66 -68.89 -67.55
N UNK D 34 -65.75 -69.65 -66.46
CA UNK D 34 -65.15 -70.94 -66.42
C UNK D 34 -65.87 -71.85 -65.44
N UNK D 35 -65.78 -73.12 -65.74
CA UNK D 35 -66.37 -74.17 -64.94
C UNK D 35 -65.34 -75.22 -64.72
N UNK D 36 -64.59 -74.99 -63.68
CA UNK D 36 -63.50 -75.84 -63.35
C UNK D 36 -63.96 -77.17 -62.92
N UNK D 37 -63.29 -78.12 -63.51
CA UNK D 37 -63.54 -79.51 -63.22
C UNK D 37 -62.21 -80.20 -63.12
N UNK D 38 -61.80 -80.44 -61.92
CA UNK D 38 -60.56 -81.14 -61.76
C UNK D 38 -59.34 -80.31 -62.21
N UNK D 39 -58.52 -80.93 -63.02
CA UNK D 39 -57.30 -80.33 -63.51
C UNK D 39 -57.45 -79.74 -64.89
N UNK D 40 -58.55 -80.10 -65.51
CA UNK D 40 -58.78 -79.62 -66.84
C UNK D 40 -59.58 -78.34 -66.83
N UNK D 41 -58.97 -77.27 -66.47
CA UNK D 41 -59.77 -76.13 -66.55
C UNK D 41 -59.03 -75.09 -67.33
N UNK D 42 -59.77 -74.05 -67.43
CA UNK D 42 -59.37 -72.87 -68.12
C UNK D 42 -57.89 -72.61 -68.11
N UNK D 43 -57.31 -72.55 -66.94
CA UNK D 43 -55.90 -72.26 -66.79
C UNK D 43 -54.98 -73.23 -67.48
N UNK D 44 -55.26 -74.51 -67.31
CA UNK D 44 -54.49 -75.58 -67.96
C UNK D 44 -54.78 -75.54 -69.47
N UNK D 45 -56.02 -75.25 -69.87
CA UNK D 45 -56.33 -75.18 -71.28
C UNK D 45 -55.56 -74.02 -71.96
N UNK D 46 -55.51 -72.88 -71.28
CA UNK D 46 -54.77 -71.75 -71.85
C UNK D 46 -53.26 -72.10 -71.99
N UNK D 47 -52.72 -72.77 -70.97
CA UNK D 47 -51.30 -73.11 -70.97
C UNK D 47 -50.94 -74.07 -72.10
N UNK D 48 -51.81 -75.08 -72.29
CA UNK D 48 -51.64 -76.08 -73.36
C UNK D 48 -51.77 -75.45 -74.72
N UNK D 49 -52.69 -74.51 -74.85
CA UNK D 49 -52.87 -73.82 -76.13
C UNK D 49 -51.62 -72.96 -76.47
N UNK D 50 -50.95 -72.49 -75.40
CA UNK D 50 -49.76 -71.66 -75.54
C UNK D 50 -48.58 -72.47 -76.13
N UNK D 51 -48.48 -73.73 -75.71
CA UNK D 51 -47.42 -74.64 -76.15
C UNK D 51 -47.60 -75.10 -77.59
N UNK D 52 -48.82 -75.51 -77.93
CA UNK D 52 -49.20 -76.00 -79.24
C UNK D 52 -49.09 -74.91 -80.31
N UNK D 53 -49.66 -73.75 -80.05
CA UNK D 53 -49.60 -72.63 -81.02
C UNK D 53 -48.17 -72.13 -81.26
N UNK D 54 -47.47 -71.83 -80.17
CA UNK D 54 -46.10 -71.31 -80.22
C UNK D 54 -45.11 -72.26 -80.90
N UNK D 55 -45.28 -73.57 -80.71
CA UNK D 55 -44.43 -74.55 -81.37
C UNK D 55 -44.62 -74.46 -82.87
N UNK D 56 -45.83 -74.05 -83.23
CA UNK D 56 -46.19 -73.90 -84.64
C UNK D 56 -45.44 -72.76 -85.30
N UNK D 57 -45.42 -71.63 -84.61
CA UNK D 57 -44.73 -70.40 -85.06
C UNK D 57 -43.21 -70.61 -85.19
N UNK D 58 -42.65 -71.35 -84.23
CA UNK D 58 -41.22 -71.67 -84.28
C UNK D 58 -40.91 -72.55 -85.48
N UNK D 59 -41.81 -73.46 -85.80
CA UNK D 59 -41.64 -74.35 -86.94
C UNK D 59 -41.70 -73.58 -88.24
N UNK D 60 -42.66 -72.64 -88.33
CA UNK D 60 -42.87 -71.82 -89.51
C UNK D 60 -41.62 -70.94 -89.82
N UNK D 61 -41.12 -70.34 -88.77
CA UNK D 61 -39.94 -69.47 -88.81
C UNK D 61 -38.71 -70.27 -89.22
N UNK D 62 -38.54 -71.46 -88.68
CA UNK D 62 -37.35 -72.25 -89.00
C UNK D 62 -37.38 -72.77 -90.44
N UNK D 63 -38.56 -73.16 -90.95
CA UNK D 63 -38.72 -73.63 -92.35
C UNK D 63 -38.46 -72.51 -93.32
N UNK D 64 -38.80 -71.29 -92.95
CA UNK D 64 -38.53 -70.13 -93.80
C UNK D 64 -37.00 -69.98 -93.95
N UNK D 65 -36.25 -70.04 -92.84
CA UNK D 65 -34.81 -69.90 -92.88
C UNK D 65 -34.18 -71.00 -93.75
N UNK D 66 -34.66 -72.24 -93.54
CA UNK D 66 -34.21 -73.39 -94.28
C UNK D 66 -34.71 -73.31 -95.72
N UNK D 67 -36.00 -73.12 -95.95
CA UNK D 67 -36.46 -73.00 -97.32
C UNK D 67 -35.42 -72.20 -98.08
N UNK D 68 -34.90 -71.14 -97.46
CA UNK D 68 -33.92 -70.29 -98.09
C UNK D 68 -32.51 -70.90 -98.09
N UNK D 69 -31.67 -70.41 -99.01
CA UNK D 69 -30.32 -70.87 -99.12
C UNK D 69 -29.44 -70.07 -98.17
N UNK D 70 -29.61 -70.35 -96.89
CA UNK D 70 -28.86 -69.77 -95.80
C UNK D 70 -29.01 -70.75 -94.69
N UNK D 71 -28.03 -71.59 -94.47
CA UNK D 71 -28.21 -72.53 -93.41
C UNK D 71 -29.08 -73.68 -93.92
N UNK D 72 -29.36 -73.74 -95.23
CA UNK D 72 -30.21 -74.80 -95.79
C UNK D 72 -29.94 -76.15 -95.07
N UNK D 73 -31.05 -76.80 -94.67
CA UNK D 73 -31.02 -78.08 -93.97
C UNK D 73 -30.32 -78.03 -92.58
N UNK D 74 -29.06 -78.54 -92.53
CA UNK D 74 -28.16 -78.70 -91.37
C UNK D 74 -27.80 -77.43 -90.58
N UNK D 75 -28.81 -76.98 -89.84
CA UNK D 75 -28.84 -75.80 -88.99
C UNK D 75 -30.27 -75.51 -88.63
N UNK D 76 -31.20 -75.73 -89.55
CA UNK D 76 -32.61 -75.50 -89.19
C UNK D 76 -32.94 -76.36 -87.96
N UNK D 77 -32.45 -77.60 -88.02
CA UNK D 77 -32.66 -78.52 -86.93
C UNK D 77 -31.88 -78.09 -85.68
N UNK D 78 -30.61 -77.75 -85.88
CA UNK D 78 -29.75 -77.35 -84.76
C UNK D 78 -30.16 -75.98 -84.16
N UNK D 79 -30.61 -75.07 -85.02
CA UNK D 79 -31.07 -73.78 -84.56
C UNK D 79 -32.29 -73.95 -83.66
N UNK D 80 -33.12 -74.91 -84.05
CA UNK D 80 -34.34 -75.23 -83.30
C UNK D 80 -33.98 -75.89 -81.96
N UNK D 81 -33.09 -76.89 -82.01
CA UNK D 81 -32.68 -77.61 -80.83
C UNK D 81 -31.96 -76.74 -79.79
N UNK D 82 -30.94 -76.00 -80.23
CA UNK D 82 -30.13 -75.13 -79.38
C UNK D 82 -30.93 -73.94 -78.84
N UNK D 83 -31.94 -73.55 -79.59
CA UNK D 83 -32.82 -72.47 -79.13
C UNK D 83 -33.79 -73.05 -78.11
N UNK D 84 -34.39 -74.18 -78.46
CA UNK D 84 -35.32 -74.83 -77.56
C UNK D 84 -34.66 -75.23 -76.23
N UNK D 85 -33.48 -75.78 -76.33
CA UNK D 85 -32.74 -76.20 -75.14
C UNK D 85 -32.38 -75.05 -74.20
N UNK D 86 -31.75 -74.01 -74.74
CA UNK D 86 -31.29 -72.83 -73.95
C UNK D 86 -32.50 -72.08 -73.46
N UNK D 87 -33.37 -71.77 -74.39
CA UNK D 87 -34.58 -71.10 -74.05
C UNK D 87 -35.14 -71.84 -72.83
N UNK D 88 -35.17 -73.18 -72.93
CA UNK D 88 -35.68 -74.01 -71.85
C UNK D 88 -34.83 -73.85 -70.60
N UNK D 89 -33.53 -73.95 -70.80
CA UNK D 89 -32.59 -73.82 -69.71
C UNK D 89 -32.70 -72.46 -69.01
N UNK D 90 -32.85 -71.42 -69.82
CA UNK D 90 -32.99 -70.05 -69.28
C UNK D 90 -34.28 -69.87 -68.48
N UNK D 91 -35.35 -70.43 -69.00
CA UNK D 91 -36.65 -70.32 -68.35
C UNK D 91 -36.63 -70.97 -66.99
N UNK D 92 -36.07 -72.17 -67.01
CA UNK D 92 -36.00 -72.91 -65.79
C UNK D 92 -35.08 -72.25 -64.74
N UNK D 93 -33.89 -71.82 -65.15
CA UNK D 93 -32.96 -71.19 -64.21
C UNK D 93 -33.60 -69.95 -63.58
N UNK D 94 -34.24 -69.15 -64.47
CA UNK D 94 -34.93 -67.91 -64.08
C UNK D 94 -36.12 -68.19 -63.18
N UNK D 95 -36.97 -69.12 -63.59
CA UNK D 95 -38.18 -69.46 -62.81
C UNK D 95 -37.85 -70.07 -61.44
N UNK D 96 -36.99 -71.08 -61.42
CA UNK D 96 -36.62 -71.80 -60.20
C UNK D 96 -35.84 -70.91 -59.24
N UNK D 97 -35.11 -69.92 -59.73
CA UNK D 97 -34.41 -69.04 -58.81
C UNK D 97 -35.48 -68.20 -58.05
N UNK D 98 -36.55 -67.89 -58.78
CA UNK D 98 -37.71 -67.14 -58.22
C UNK D 98 -38.38 -67.95 -57.12
N UNK D 99 -38.69 -69.23 -57.36
CA UNK D 99 -39.34 -70.06 -56.32
C UNK D 99 -38.48 -70.21 -55.08
N UNK D 100 -37.17 -70.37 -55.29
CA UNK D 100 -36.17 -70.50 -54.22
C UNK D 100 -36.19 -69.24 -53.37
N UNK D 101 -36.22 -68.07 -54.03
CA UNK D 101 -36.26 -66.81 -53.33
C UNK D 101 -37.49 -66.75 -52.46
N UNK D 102 -38.62 -67.17 -53.07
CA UNK D 102 -39.94 -67.22 -52.42
C UNK D 102 -39.94 -68.10 -51.20
N UNK D 103 -39.33 -69.27 -51.31
CA UNK D 103 -39.24 -70.15 -50.18
C UNK D 103 -38.50 -69.50 -49.00
N UNK D 104 -37.31 -68.95 -49.28
CA UNK D 104 -36.52 -68.32 -48.21
C UNK D 104 -37.36 -67.22 -47.52
N UNK D 105 -38.22 -66.58 -48.33
CA UNK D 105 -39.14 -65.48 -47.94
C UNK D 105 -40.09 -66.04 -46.88
N UNK D 106 -40.08 -67.38 -46.93
CA UNK D 106 -40.76 -68.32 -46.07
C UNK D 106 -42.28 -68.33 -46.06
N UNK D 107 -42.71 -68.92 -44.96
CA UNK D 107 -44.08 -69.08 -44.47
C UNK D 107 -44.97 -70.07 -45.19
N UNK D 108 -46.06 -69.46 -45.62
CA UNK D 108 -47.21 -69.98 -46.35
C UNK D 108 -47.84 -68.71 -46.94
N UNK D 109 -46.92 -67.91 -47.45
CA UNK D 109 -47.16 -66.64 -48.08
C UNK D 109 -46.86 -65.48 -47.10
N VAL E 52 37.67 75.17 36.93
CA VAL E 52 36.41 74.51 36.47
C VAL E 52 36.69 73.05 36.11
N ASP E 53 37.90 72.60 36.43
CA ASP E 53 38.30 71.23 36.16
C ASP E 53 38.32 70.47 37.49
N HIS E 54 37.59 69.36 37.57
CA HIS E 54 37.53 68.58 38.79
C HIS E 54 38.85 68.51 39.55
N LYS E 55 39.90 68.09 38.86
CA LYS E 55 41.22 67.96 39.47
C LYS E 55 41.62 69.17 40.28
N ARG E 56 41.74 70.32 39.62
CA ARG E 56 42.12 71.55 40.31
C ARG E 56 41.12 71.96 41.40
N LEU E 57 39.84 71.68 41.19
CA LEU E 57 38.82 72.00 42.21
C LEU E 57 39.19 71.19 43.42
N GLY E 58 39.64 69.96 43.16
CA GLY E 58 40.05 69.07 44.23
C GLY E 58 40.92 69.86 45.18
N ILE E 59 42.08 70.30 44.70
CA ILE E 59 42.97 71.11 45.53
C ILE E 59 42.12 72.22 46.12
N MET E 60 41.43 72.93 45.21
CA MET E 60 40.56 74.05 45.56
C MET E 60 39.99 73.85 46.97
N TYR E 61 39.53 72.64 47.25
CA TYR E 61 38.99 72.33 48.56
C TYR E 61 40.11 72.41 49.59
N ILE E 62 40.96 71.39 49.61
CA ILE E 62 42.06 71.34 50.56
C ILE E 62 42.47 72.73 50.98
N ILE E 63 42.69 73.62 50.02
CA ILE E 63 43.09 74.98 50.35
C ILE E 63 42.18 75.53 51.44
N VAL E 64 40.91 75.68 51.11
CA VAL E 64 39.91 76.18 52.04
C VAL E 64 40.13 75.57 53.42
N ALA E 65 40.16 74.24 53.47
CA ALA E 65 40.35 73.52 54.72
C ALA E 65 41.55 74.03 55.48
N ILE E 66 42.73 73.89 54.86
CA ILE E 66 43.97 74.33 55.45
C ILE E 66 43.91 75.77 55.95
N VAL E 67 43.55 76.68 55.06
CA VAL E 67 43.47 78.09 55.42
C VAL E 67 42.55 78.24 56.62
N MET E 68 41.51 77.40 56.68
CA MET E 68 40.55 77.48 57.77
C MET E 68 40.96 76.81 59.08
N LEU E 69 41.75 75.74 59.02
CA LEU E 69 42.21 75.09 60.24
C LEU E 69 43.17 76.05 60.92
N LEU E 70 43.67 77.00 60.15
CA LEU E 70 44.57 78.00 60.69
C LEU E 70 43.70 78.88 61.58
N ARG E 71 42.39 78.83 61.34
CA ARG E 71 41.42 79.59 62.12
C ARG E 71 40.80 78.76 63.26
N GLY E 72 40.23 77.60 62.90
CA GLY E 72 39.61 76.74 63.89
C GLY E 72 40.58 76.41 65.00
N PHE E 73 41.69 75.77 64.64
CA PHE E 73 42.73 75.43 65.60
C PHE E 73 42.96 76.65 66.45
N ALA E 74 43.48 77.71 65.85
CA ALA E 74 43.73 78.93 66.59
C ALA E 74 42.61 79.08 67.60
N ASP E 75 41.38 79.20 67.10
CA ASP E 75 40.22 79.37 67.95
C ASP E 75 40.33 78.42 69.17
N ALA E 76 40.21 77.11 68.94
CA ALA E 76 40.29 76.12 70.01
C ALA E 76 41.60 76.18 70.80
N ILE E 77 42.72 76.10 70.09
CA ILE E 77 44.03 76.14 70.72
C ILE E 77 44.05 77.19 71.82
N MET E 78 43.26 78.25 71.62
CA MET E 78 43.16 79.34 72.58
C MET E 78 42.24 79.08 73.78
N MET E 79 40.95 78.87 73.51
CA MET E 79 40.02 78.63 74.59
C MET E 79 40.35 77.43 75.46
N ARG E 80 40.90 76.38 74.88
CA ARG E 80 41.22 75.20 75.66
C ARG E 80 42.08 75.53 76.88
N SER E 81 42.52 76.77 76.95
CA SER E 81 43.37 77.21 78.06
C SER E 81 42.62 77.35 79.40
N GLN E 82 41.55 78.13 79.36
CA GLN E 82 40.72 78.44 80.52
C GLN E 82 40.56 77.33 81.57
N GLN E 83 40.55 76.08 81.10
CA GLN E 83 40.38 74.92 81.99
C GLN E 83 41.66 74.49 82.70
N ALA E 84 42.77 75.13 82.34
CA ALA E 84 44.06 74.82 82.96
C ALA E 84 44.14 75.54 84.30
N LEU E 85 44.10 76.87 84.25
CA LEU E 85 44.15 77.69 85.45
C LEU E 85 42.73 77.82 86.02
N ALA E 86 42.65 78.26 87.27
CA ALA E 86 41.36 78.43 87.93
C ALA E 86 40.86 79.86 87.74
N SER E 87 39.84 80.24 88.51
CA SER E 87 39.27 81.58 88.43
C SER E 87 38.99 82.01 87.00
N ALA E 88 38.98 83.32 86.77
CA ALA E 88 38.72 83.86 85.44
C ALA E 88 39.91 83.60 84.51
N GLY E 89 41.13 83.68 85.05
CA GLY E 89 42.31 83.44 84.25
C GLY E 89 42.67 84.58 83.32
N GLU E 90 43.75 84.39 82.56
CA GLU E 90 44.23 85.40 81.63
C GLU E 90 43.24 85.67 80.50
N ALA E 91 42.24 84.81 80.40
CA ALA E 91 41.21 84.93 79.38
C ALA E 91 40.57 86.32 79.38
N GLY E 92 40.05 86.73 80.53
CA GLY E 92 39.41 88.03 80.61
C GLY E 92 38.08 88.05 79.90
N PHE E 93 37.25 87.07 80.22
CA PHE E 93 35.93 86.97 79.60
C PHE E 93 34.82 87.09 80.63
N LEU E 94 33.78 87.82 80.26
CA LEU E 94 32.63 87.99 81.13
C LEU E 94 31.82 86.71 80.95
N PRO E 95 30.73 86.52 81.70
CA PRO E 95 29.92 85.31 81.57
C PRO E 95 29.94 84.62 80.19
N PRO E 96 29.73 83.29 80.18
CA PRO E 96 29.69 82.37 79.04
C PRO E 96 29.45 82.92 77.63
N HIS E 97 28.76 84.06 77.52
CA HIS E 97 28.48 84.69 76.23
C HIS E 97 29.40 84.08 75.17
N HIS E 98 30.66 84.49 75.22
CA HIS E 98 31.69 84.03 74.27
C HIS E 98 32.10 82.57 74.40
N TYR E 99 32.45 82.12 75.60
CA TYR E 99 32.85 80.74 75.77
C TYR E 99 31.90 79.85 74.99
N ASP E 100 30.62 79.94 75.32
CA ASP E 100 29.61 79.14 74.65
C ASP E 100 29.78 79.22 73.14
N GLN E 101 29.75 80.45 72.63
CA GLN E 101 29.93 80.73 71.21
C GLN E 101 31.13 79.94 70.71
N ILE E 102 32.31 80.47 71.04
CA ILE E 102 33.57 79.89 70.64
C ILE E 102 33.59 78.36 70.68
N PHE E 103 34.01 77.78 71.79
CA PHE E 103 34.07 76.32 71.85
C PHE E 103 32.94 75.57 71.16
N THR E 104 31.81 76.23 70.95
CA THR E 104 30.74 75.54 70.26
C THR E 104 30.87 75.78 68.75
N ALA E 105 31.26 76.99 68.35
CA ALA E 105 31.45 77.36 66.93
C ALA E 105 32.51 76.44 66.35
N HIS E 106 33.49 76.14 67.19
CA HIS E 106 34.57 75.26 66.86
C HIS E 106 33.92 74.06 66.18
N GLY E 107 33.56 73.05 66.98
CA GLY E 107 32.94 71.84 66.45
C GLY E 107 31.93 72.08 65.36
N VAL E 108 31.34 73.27 65.36
CA VAL E 108 30.37 73.61 64.34
C VAL E 108 31.16 73.67 63.02
N ILE E 109 32.37 74.23 63.08
CA ILE E 109 33.23 74.36 61.91
C ILE E 109 33.86 73.04 61.48
N MET E 110 34.80 72.56 62.29
CA MET E 110 35.52 71.33 62.02
C MET E 110 34.70 70.21 61.38
N ILE E 111 33.39 70.20 61.60
CA ILE E 111 32.56 69.16 61.02
C ILE E 111 31.98 69.52 59.67
N PHE E 112 31.67 70.80 59.49
CA PHE E 112 31.06 71.26 58.25
C PHE E 112 31.91 72.10 57.32
N PHE E 113 33.08 72.55 57.76
CA PHE E 113 33.87 73.42 56.90
C PHE E 113 35.36 73.19 56.78
N VAL E 114 35.94 72.38 57.65
CA VAL E 114 37.37 72.16 57.53
C VAL E 114 37.73 70.70 57.41
N ALA E 115 36.89 69.83 57.95
CA ALA E 115 37.14 68.41 57.84
C ALA E 115 36.10 67.85 56.89
N MET E 116 35.07 68.64 56.58
CA MET E 116 34.04 68.19 55.66
C MET E 116 34.67 68.14 54.25
N PRO E 117 35.42 69.18 53.87
CA PRO E 117 36.07 69.27 52.56
C PRO E 117 36.83 68.01 52.17
N PHE E 118 37.40 67.36 53.18
CA PHE E 118 38.17 66.12 53.01
C PHE E 118 37.61 65.18 51.93
N VAL E 119 36.43 64.62 52.20
CA VAL E 119 35.76 63.70 51.28
C VAL E 119 35.30 64.41 50.01
N ILE E 120 34.77 65.62 50.15
CA ILE E 120 34.30 66.38 49.00
C ILE E 120 35.49 66.96 48.27
N GLY E 121 36.67 66.85 48.87
CA GLY E 121 37.87 67.36 48.24
C GLY E 121 38.62 66.23 47.57
N LEU E 122 39.01 65.22 48.37
CA LEU E 122 39.74 64.08 47.84
C LEU E 122 39.08 63.38 46.66
N MET E 123 37.89 62.82 46.87
CA MET E 123 37.19 62.15 45.79
C MET E 123 37.14 63.10 44.60
N ASN E 124 37.19 64.39 44.90
CA ASN E 124 37.13 65.39 43.85
C ASN E 124 38.39 65.42 43.01
N LEU E 125 39.53 65.04 43.57
CA LEU E 125 40.77 65.08 42.80
C LEU E 125 41.41 63.75 42.40
N VAL E 126 40.93 62.64 42.96
CA VAL E 126 41.51 61.34 42.65
C VAL E 126 40.61 60.22 42.12
N VAL E 127 39.30 60.30 42.35
CA VAL E 127 38.39 59.25 41.87
C VAL E 127 38.40 59.18 40.35
N PRO E 128 38.44 60.33 39.67
CA PRO E 128 38.45 60.33 38.22
C PRO E 128 39.65 59.58 37.62
N LEU E 129 40.81 60.25 37.64
CA LEU E 129 42.08 59.76 37.09
C LEU E 129 42.43 58.30 37.30
N GLN E 130 41.71 57.61 38.18
CA GLN E 130 42.03 56.23 38.43
C GLN E 130 40.98 55.24 37.93
N ILE E 131 39.77 55.73 37.64
CA ILE E 131 38.74 54.85 37.10
C ILE E 131 38.90 54.89 35.58
N GLY E 132 39.56 55.94 35.11
CA GLY E 132 39.81 56.12 33.69
C GLY E 132 38.74 56.95 33.01
N ALA E 133 38.74 58.24 33.28
CA ALA E 133 37.76 59.14 32.70
C ALA E 133 38.44 60.39 32.16
N ARG E 134 37.66 61.45 31.93
CA ARG E 134 38.19 62.70 31.41
C ARG E 134 37.88 63.92 32.26
N ASP E 135 37.11 63.71 33.32
CA ASP E 135 36.69 64.78 34.23
C ASP E 135 35.59 64.32 35.17
N VAL E 136 34.34 64.65 34.84
CA VAL E 136 33.21 64.27 35.68
C VAL E 136 31.87 64.67 35.03
N ALA E 137 30.92 63.74 35.09
CA ALA E 137 29.58 63.88 34.54
C ALA E 137 29.02 65.28 34.32
N PHE E 138 28.64 65.95 35.41
CA PHE E 138 28.03 67.29 35.35
C PHE E 138 29.02 68.44 35.58
N PRO E 139 29.81 68.79 34.56
CA PRO E 139 30.81 69.87 34.63
C PRO E 139 30.41 71.07 35.48
N PHE E 140 29.71 72.02 34.87
CA PHE E 140 29.28 73.25 35.55
C PHE E 140 28.82 73.00 36.98
N LEU E 141 28.21 71.85 37.22
CA LEU E 141 27.71 71.52 38.55
C LEU E 141 28.81 71.12 39.52
N ASN E 142 29.77 70.31 39.07
CA ASN E 142 30.84 69.92 39.97
C ASN E 142 31.51 71.17 40.49
N ASN E 143 31.46 72.24 39.69
CA ASN E 143 32.07 73.48 40.12
C ASN E 143 31.28 74.05 41.29
N LEU E 144 29.99 74.30 41.06
CA LEU E 144 29.12 74.86 42.10
C LEU E 144 29.01 73.99 43.35
N SER E 145 29.32 72.71 43.21
CA SER E 145 29.26 71.83 44.36
C SER E 145 30.23 72.37 45.41
N PHE E 146 31.28 73.03 44.95
CA PHE E 146 32.26 73.61 45.85
C PHE E 146 31.86 75.04 46.17
N TRP E 147 31.81 75.85 45.13
CA TRP E 147 31.46 77.26 45.25
C TRP E 147 30.29 77.53 46.20
N PHE E 148 29.53 76.49 46.50
CA PHE E 148 28.41 76.61 47.41
C PHE E 148 28.93 76.37 48.81
N THR E 149 29.79 75.37 48.95
CA THR E 149 30.39 75.05 50.23
C THR E 149 31.23 76.28 50.61
N VAL E 150 31.56 77.09 49.61
CA VAL E 150 32.35 78.30 49.84
C VAL E 150 31.46 79.38 50.47
N VAL E 151 30.30 79.60 49.87
CA VAL E 151 29.34 80.60 50.36
C VAL E 151 29.16 80.46 51.85
N GLY E 152 28.84 79.24 52.27
CA GLY E 152 28.65 78.99 53.69
C GLY E 152 29.81 79.48 54.49
N VAL E 153 30.99 79.53 53.87
CA VAL E 153 32.20 79.99 54.54
C VAL E 153 32.11 81.42 55.02
N ILE E 154 32.25 82.36 54.09
CA ILE E 154 32.17 83.78 54.40
C ILE E 154 30.89 84.01 55.22
N LEU E 155 29.88 83.19 54.93
CA LEU E 155 28.60 83.29 55.63
C LEU E 155 28.73 82.98 57.10
N VAL E 156 29.72 82.17 57.48
CA VAL E 156 29.90 81.81 58.88
C VAL E 156 30.46 82.96 59.70
N ASN E 157 31.45 83.66 59.14
CA ASN E 157 32.06 84.76 59.85
C ASN E 157 31.19 86.00 59.83
N VAL E 158 29.93 85.83 59.35
CA VAL E 158 28.91 86.87 59.27
C VAL E 158 28.21 86.98 60.62
N SER E 159 28.13 85.85 61.34
CA SER E 159 27.51 85.83 62.64
C SER E 159 28.58 86.15 63.67
N LEU E 160 29.81 85.89 63.27
CA LEU E 160 31.01 86.14 64.07
C LEU E 160 31.54 87.56 63.89
N GLY E 161 31.25 88.13 62.72
CA GLY E 161 31.70 89.48 62.40
C GLY E 161 30.90 90.51 63.20
N VAL E 162 29.95 90.04 63.98
CA VAL E 162 29.13 90.92 64.79
C VAL E 162 29.10 90.45 66.24
N GLY E 163 29.83 89.38 66.53
CA GLY E 163 29.92 88.85 67.88
C GLY E 163 28.58 88.32 68.42
N GLU E 164 27.57 88.22 67.57
CA GLU E 164 26.30 87.70 68.03
C GLU E 164 26.12 86.30 67.47
N PHE E 165 27.16 85.48 67.56
CA PHE E 165 27.08 84.12 67.05
C PHE E 165 26.44 83.19 68.06
N ALA E 166 25.63 82.27 67.57
CA ALA E 166 24.93 81.32 68.42
C ALA E 166 25.80 80.59 69.43
N GLN E 167 25.15 79.74 70.23
CA GLN E 167 25.78 78.93 71.24
C GLN E 167 24.79 77.87 71.68
N THR E 168 24.28 77.10 70.73
CA THR E 168 23.27 76.10 71.01
C THR E 168 23.70 74.66 70.85
N GLY E 169 24.99 74.45 70.63
CA GLY E 169 25.52 73.13 70.38
C GLY E 169 25.72 73.03 68.89
N TRP E 170 26.81 72.42 68.44
CA TRP E 170 27.09 72.36 67.00
C TRP E 170 25.84 71.96 66.21
N LEU E 171 24.86 71.41 66.92
CA LEU E 171 23.60 71.00 66.31
C LEU E 171 22.58 72.11 66.55
N ALA E 172 22.63 72.69 67.74
CA ALA E 172 21.76 73.84 68.14
C ALA E 172 20.32 73.43 68.53
N TYR E 173 20.16 72.76 69.67
CA TYR E 173 18.84 72.34 70.12
C TYR E 173 17.81 73.44 70.42
N PRO E 174 16.54 73.03 70.49
CA PRO E 174 15.38 73.88 70.77
C PRO E 174 15.47 74.53 72.18
N PRO E 175 14.45 75.08 72.70
CA PRO E 175 14.27 76.04 73.78
C PRO E 175 15.50 76.92 74.02
N LEU E 176 16.55 76.70 73.25
CA LEU E 176 17.73 77.54 73.35
C LEU E 176 17.88 78.35 72.06
N SER E 177 17.43 77.76 70.96
CA SER E 177 17.55 78.43 69.67
C SER E 177 16.54 79.55 69.42
N GLY E 178 15.25 79.20 69.34
CA GLY E 178 14.16 80.14 69.07
C GLY E 178 14.05 81.30 70.08
N ILE E 179 14.29 80.99 71.35
CA ILE E 179 14.23 82.00 72.38
C ILE E 179 15.55 82.76 72.42
N GLU E 180 15.63 83.85 71.68
CA GLU E 180 16.80 84.68 71.65
C GLU E 180 16.36 86.06 71.24
N TYR E 181 15.14 86.40 71.69
CA TYR E 181 14.53 87.69 71.41
C TYR E 181 14.28 87.91 69.92
N SER E 182 13.32 88.79 69.63
CA SER E 182 12.97 89.14 68.26
C SER E 182 14.21 89.60 67.50
N PRO E 183 15.06 90.44 68.13
CA PRO E 183 16.28 90.93 67.47
C PRO E 183 17.28 89.81 67.18
N GLY E 184 16.96 88.61 67.66
CA GLY E 184 17.82 87.46 67.47
C GLY E 184 18.20 87.06 66.06
N VAL E 185 19.26 87.65 65.54
CA VAL E 185 19.73 87.31 64.21
C VAL E 185 20.92 86.37 64.35
N GLY E 186 21.26 86.04 65.60
CA GLY E 186 22.38 85.15 65.89
C GLY E 186 22.38 83.75 65.28
N VAL E 187 21.48 82.88 65.73
CA VAL E 187 21.38 81.52 65.21
C VAL E 187 20.99 81.61 63.73
N ASP E 188 20.20 82.62 63.41
CA ASP E 188 19.78 82.85 62.06
C ASP E 188 20.98 82.61 61.13
N TYR E 189 22.03 83.44 61.22
CA TYR E 189 23.20 83.25 60.35
C TYR E 189 23.62 81.78 60.33
N TRP E 190 23.56 81.14 61.49
CA TRP E 190 23.95 79.73 61.63
C TRP E 190 23.06 78.81 60.83
N ILE E 191 21.76 79.09 60.85
CA ILE E 191 20.78 78.29 60.13
C ILE E 191 20.89 78.53 58.62
N TRP E 192 21.52 79.65 58.25
CA TRP E 192 21.68 80.02 56.85
C TRP E 192 22.95 79.43 56.22
N SER E 193 24.08 79.57 56.91
CA SER E 193 25.36 79.05 56.42
C SER E 193 25.32 77.58 56.10
N LEU E 194 24.61 76.81 56.93
CA LEU E 194 24.50 75.36 56.74
C LEU E 194 23.48 75.00 55.66
N GLN E 195 22.61 75.94 55.33
CA GLN E 195 21.64 75.67 54.27
C GLN E 195 22.39 75.79 52.96
N LEU E 196 22.96 76.97 52.69
CA LEU E 196 23.71 77.13 51.46
C LEU E 196 24.65 75.97 51.31
N SER E 197 25.52 75.81 52.31
CA SER E 197 26.49 74.73 52.34
C SER E 197 25.76 73.40 52.22
N GLY E 198 24.56 73.34 52.77
CA GLY E 198 23.79 72.12 52.70
C GLY E 198 23.62 71.61 51.29
N ILE E 199 22.91 72.38 50.46
CA ILE E 199 22.65 72.03 49.08
C ILE E 199 23.90 71.58 48.33
N GLY E 200 24.98 72.33 48.50
CA GLY E 200 26.23 72.00 47.83
C GLY E 200 26.55 70.52 47.90
N THR E 201 27.15 70.10 49.00
CA THR E 201 27.53 68.70 49.23
C THR E 201 26.43 67.71 48.84
N THR E 202 25.21 68.21 48.69
CA THR E 202 24.07 67.39 48.31
C THR E 202 24.20 66.93 46.85
N LEU E 203 24.80 67.81 46.04
CA LEU E 203 25.02 67.55 44.63
C LEU E 203 26.17 66.58 44.42
N THR E 204 27.32 66.92 45.00
CA THR E 204 28.51 66.10 44.91
C THR E 204 28.20 64.62 44.98
N GLY E 205 27.39 64.23 45.96
CA GLY E 205 27.03 62.83 46.12
C GLY E 205 26.22 62.32 44.94
N ILE E 206 25.55 63.25 44.28
CA ILE E 206 24.74 62.94 43.11
C ILE E 206 25.67 62.87 41.92
N ASN E 207 26.32 63.99 41.66
CA ASN E 207 27.27 64.14 40.57
C ASN E 207 28.16 62.92 40.49
N PHE E 208 29.08 62.83 41.45
CA PHE E 208 30.01 61.73 41.49
C PHE E 208 29.35 60.36 41.40
N PHE E 209 28.16 60.21 41.96
CA PHE E 209 27.47 58.93 41.89
C PHE E 209 27.31 58.53 40.42
N VAL E 210 26.89 59.48 39.60
CA VAL E 210 26.70 59.23 38.19
C VAL E 210 28.01 58.90 37.51
N THR E 211 29.02 59.74 37.76
CA THR E 211 30.33 59.55 37.16
C THR E 211 30.79 58.11 37.34
N ILE E 212 30.63 57.59 38.55
CA ILE E 212 31.05 56.22 38.84
C ILE E 212 30.13 55.17 38.22
N LEU E 213 28.83 55.43 38.18
CA LEU E 213 27.91 54.46 37.62
C LEU E 213 27.73 54.53 36.11
N LYS E 214 28.60 55.28 35.42
CA LYS E 214 28.50 55.42 33.95
C LYS E 214 29.77 55.90 33.23
N MET E 215 30.86 56.08 34.00
CA MET E 215 32.09 56.57 33.37
C MET E 215 33.44 56.05 33.84
N ARG E 216 33.50 54.77 34.22
CA ARG E 216 34.76 54.22 34.64
C ARG E 216 35.57 53.92 33.37
N ALA E 217 36.49 52.96 33.47
CA ALA E 217 37.30 52.56 32.33
C ALA E 217 36.58 51.47 31.54
N PRO E 218 36.52 51.61 30.20
CA PRO E 218 35.86 50.59 29.38
C PRO E 218 36.40 49.22 29.75
N GLY E 219 35.53 48.22 29.80
CA GLY E 219 35.98 46.88 30.15
C GLY E 219 35.95 46.60 31.63
N MET E 220 36.30 47.62 32.43
CA MET E 220 36.31 47.44 33.87
C MET E 220 34.93 47.05 34.37
N THR E 221 34.86 45.93 35.06
CA THR E 221 33.62 45.55 35.67
C THR E 221 33.56 46.25 37.00
N MET E 222 32.36 46.47 37.51
CA MET E 222 32.22 47.14 38.78
C MET E 222 33.10 46.51 39.85
N PHE E 223 33.49 45.25 39.63
CA PHE E 223 34.34 44.53 40.59
C PHE E 223 35.81 44.94 40.61
N LYS E 224 36.31 45.45 39.48
CA LYS E 224 37.70 45.89 39.38
C LYS E 224 37.88 47.27 40.02
N MET E 225 36.76 47.86 40.43
CA MET E 225 36.73 49.17 41.06
C MET E 225 37.74 49.26 42.20
N PRO E 226 38.59 50.29 42.19
CA PRO E 226 39.61 50.50 43.23
C PRO E 226 39.00 50.76 44.61
N VAL E 227 39.76 50.47 45.66
CA VAL E 227 39.27 50.65 47.02
C VAL E 227 38.74 52.06 47.23
N PHE E 228 39.59 53.06 47.02
CA PHE E 228 39.17 54.45 47.22
C PHE E 228 37.95 54.84 46.40
N THR E 229 37.50 53.94 45.51
CA THR E 229 36.33 54.23 44.68
C THR E 229 35.10 53.53 45.25
N TRP E 230 35.26 52.27 45.62
CA TRP E 230 34.16 51.53 46.19
C TRP E 230 33.61 52.34 47.35
N ALA E 231 34.49 52.65 48.30
CA ALA E 231 34.10 53.43 49.48
C ALA E 231 33.48 54.76 49.10
N SER E 232 34.07 55.41 48.09
CA SER E 232 33.60 56.70 47.61
C SER E 232 32.15 56.63 47.19
N LEU E 233 31.76 55.52 46.59
CA LEU E 233 30.38 55.31 46.19
C LEU E 233 29.58 55.33 47.48
N CYS E 234 29.69 54.24 48.24
CA CYS E 234 28.99 54.11 49.50
C CYS E 234 28.74 55.45 50.15
N ALA E 235 29.77 56.01 50.77
CA ALA E 235 29.66 57.31 51.45
C ALA E 235 28.95 58.33 50.57
N ASN E 236 29.23 58.30 49.27
CA ASN E 236 28.60 59.25 48.37
C ASN E 236 27.09 59.07 48.30
N VAL E 237 26.62 57.85 48.09
CA VAL E 237 25.18 57.61 48.03
C VAL E 237 24.58 58.17 49.30
N LEU E 238 25.30 57.98 50.40
CA LEU E 238 24.85 58.44 51.71
C LEU E 238 24.43 59.91 51.67
N ILE E 239 25.33 60.78 51.19
CA ILE E 239 25.02 62.20 51.11
C ILE E 239 23.68 62.43 50.41
N ILE E 240 23.24 61.42 49.67
CA ILE E 240 21.99 61.47 48.92
C ILE E 240 20.79 61.06 49.78
N ALA E 241 20.74 59.79 50.15
CA ALA E 241 19.63 59.30 50.95
C ALA E 241 19.65 59.78 52.39
N SER E 242 20.55 60.70 52.74
CA SER E 242 20.61 61.15 54.13
C SER E 242 20.69 62.64 54.40
N PHE E 243 21.57 63.32 53.69
CA PHE E 243 21.76 64.75 53.87
C PHE E 243 20.48 65.59 53.78
N PRO E 244 19.53 65.23 52.90
CA PRO E 244 18.31 66.04 52.81
C PRO E 244 17.62 66.20 54.17
N ILE E 245 17.57 65.12 54.95
CA ILE E 245 16.93 65.14 56.26
C ILE E 245 17.13 66.48 56.95
N LEU E 246 18.39 66.88 57.06
CA LEU E 246 18.76 68.13 57.71
C LEU E 246 18.06 69.34 57.11
N THR E 247 18.15 69.46 55.80
CA THR E 247 17.54 70.57 55.12
C THR E 247 16.13 70.78 55.67
N VAL E 248 15.32 69.73 55.66
CA VAL E 248 13.95 69.85 56.16
C VAL E 248 13.98 70.45 57.55
N THR E 249 14.69 69.76 58.43
CA THR E 249 14.80 70.19 59.81
C THR E 249 15.15 71.67 59.88
N VAL E 250 16.31 72.02 59.30
CA VAL E 250 16.80 73.41 59.28
C VAL E 250 15.72 74.41 58.87
N ALA E 251 14.87 73.99 57.94
CA ALA E 251 13.79 74.83 57.46
C ALA E 251 12.77 74.97 58.58
N LEU E 252 12.36 73.82 59.12
CA LEU E 252 11.38 73.81 60.20
C LEU E 252 11.70 74.90 61.21
N LEU E 253 12.97 74.97 61.61
CA LEU E 253 13.38 75.99 62.55
C LEU E 253 13.08 77.34 61.92
N THR E 254 13.63 77.54 60.73
CA THR E 254 13.45 78.76 59.96
C THR E 254 12.16 79.48 60.28
N LEU E 255 11.05 78.78 60.07
CA LEU E 255 9.76 79.37 60.33
C LEU E 255 9.62 79.71 61.81
N ASP E 256 10.04 78.78 62.68
CA ASP E 256 9.94 78.99 64.11
C ASP E 256 10.41 80.37 64.48
N ARG E 257 11.70 80.63 64.29
CA ARG E 257 12.28 81.92 64.65
C ARG E 257 11.98 83.08 63.71
N TYR E 258 11.54 82.78 62.49
CA TYR E 258 11.27 83.85 61.52
C TYR E 258 9.79 84.15 61.31
N LEU E 259 8.96 83.13 61.42
CA LEU E 259 7.54 83.30 61.20
C LEU E 259 6.66 83.06 62.43
N GLY E 260 7.29 82.72 63.54
CA GLY E 260 6.54 82.48 64.77
C GLY E 260 5.70 81.21 64.81
N THR E 261 6.04 80.24 63.96
CA THR E 261 5.33 78.96 63.91
C THR E 261 5.81 78.17 65.11
N HIS E 262 5.18 77.04 65.37
CA HIS E 262 5.56 76.24 66.53
C HIS E 262 5.82 74.78 66.17
N PHE E 263 6.83 74.57 65.35
CA PHE E 263 7.20 73.22 64.94
C PHE E 263 7.70 72.48 66.17
N PHE E 264 8.27 73.24 67.11
CA PHE E 264 8.83 72.66 68.32
C PHE E 264 8.47 73.34 69.65
N THR E 265 7.45 74.19 69.64
CA THR E 265 7.00 74.90 70.86
C THR E 265 5.86 74.10 71.50
N ASN E 266 6.13 73.47 72.64
CA ASN E 266 5.10 72.65 73.32
C ASN E 266 4.07 73.45 74.08
N ASP E 267 4.08 74.76 73.88
CA ASP E 267 3.14 75.62 74.57
C ASP E 267 1.91 75.94 73.70
N MET E 268 1.91 75.40 72.48
CA MET E 268 0.82 75.62 71.54
C MET E 268 0.48 74.34 70.78
N GLY E 269 1.48 73.48 70.58
CA GLY E 269 1.25 72.23 69.89
C GLY E 269 2.52 71.48 69.49
N GLY E 270 3.61 72.21 69.33
CA GLY E 270 4.89 71.63 68.93
C GLY E 270 5.56 70.73 69.94
N ASN E 271 6.62 70.04 69.50
CA ASN E 271 7.35 69.12 70.36
C ASN E 271 8.83 69.05 70.01
N MET E 272 9.66 68.92 71.05
CA MET E 272 11.11 68.83 70.90
C MET E 272 11.54 67.45 70.47
N MET E 273 10.85 66.43 70.97
CA MET E 273 11.15 65.04 70.65
C MET E 273 11.02 64.71 69.17
N MET E 274 10.91 65.74 68.33
CA MET E 274 10.78 65.56 66.87
C MET E 274 12.04 66.06 66.19
N TYR E 275 12.40 67.29 66.54
CA TYR E 275 13.59 67.94 66.03
C TYR E 275 14.83 67.11 66.33
N ILE E 276 14.85 66.53 67.53
CA ILE E 276 15.98 65.72 67.97
C ILE E 276 16.13 64.48 67.11
N ASN E 277 15.00 63.86 66.76
CA ASN E 277 15.02 62.67 65.94
C ASN E 277 15.66 62.87 64.57
N LEU E 278 15.27 63.95 63.89
CA LEU E 278 15.78 64.23 62.55
C LEU E 278 17.26 64.51 62.52
N ILE E 279 17.67 65.58 63.20
CA ILE E 279 19.07 65.92 63.22
C ILE E 279 19.91 64.69 63.56
N TRP E 280 19.51 63.97 64.60
CA TRP E 280 20.25 62.78 65.02
C TRP E 280 20.05 61.58 64.13
N ALA E 281 18.95 61.55 63.37
CA ALA E 281 18.69 60.46 62.46
C ALA E 281 19.71 60.56 61.32
N TRP E 282 19.85 61.77 60.77
CA TRP E 282 20.81 62.03 59.69
C TRP E 282 22.22 62.31 60.21
N GLY E 283 22.32 62.61 61.50
CA GLY E 283 23.61 62.90 62.08
C GLY E 283 24.57 61.73 62.06
N HIS E 284 24.14 60.59 62.57
CA HIS E 284 25.00 59.42 62.58
C HIS E 284 25.66 59.26 61.22
N PRO E 285 24.89 59.31 60.12
CA PRO E 285 25.46 59.17 58.78
C PRO E 285 26.63 60.12 58.54
N GLU E 286 26.47 61.38 58.95
CA GLU E 286 27.51 62.39 58.83
C GLU E 286 28.85 61.83 59.30
N VAL E 287 28.79 61.04 60.37
CA VAL E 287 29.99 60.46 60.94
C VAL E 287 30.47 59.28 60.10
N TYR E 288 29.66 58.84 59.14
CA TYR E 288 30.04 57.73 58.29
C TYR E 288 30.57 58.17 56.94
N ILE E 289 29.98 59.22 56.38
CA ILE E 289 30.46 59.73 55.08
C ILE E 289 31.83 60.37 55.27
N LEU E 290 32.13 60.79 56.50
CA LEU E 290 33.40 61.44 56.81
C LEU E 290 34.54 60.46 57.12
N ILE E 291 34.25 59.17 57.09
CA ILE E 291 35.27 58.17 57.35
C ILE E 291 35.24 56.99 56.38
N LEU E 292 34.10 56.75 55.74
CA LEU E 292 33.99 55.67 54.78
C LEU E 292 35.05 55.86 53.69
N PRO E 293 35.05 57.04 53.05
CA PRO E 293 36.03 57.32 52.00
C PRO E 293 37.47 57.05 52.45
N VAL E 294 37.81 57.51 53.64
CA VAL E 294 39.15 57.32 54.17
C VAL E 294 39.54 55.86 54.05
N PHE E 295 38.57 54.95 54.18
CA PHE E 295 38.88 53.53 54.04
C PHE E 295 39.64 53.38 52.73
N GLY E 296 39.12 54.00 51.68
CA GLY E 296 39.76 53.93 50.38
C GLY E 296 41.18 54.42 50.48
N VAL E 297 41.34 55.72 50.71
CA VAL E 297 42.65 56.36 50.84
C VAL E 297 43.57 55.50 51.70
N PHE E 298 43.03 55.02 52.82
CA PHE E 298 43.84 54.21 53.71
C PHE E 298 44.34 52.94 53.01
N SER E 299 43.43 52.21 52.37
CA SER E 299 43.77 50.96 51.67
C SER E 299 44.96 51.07 50.71
N GLU E 300 44.94 52.07 49.84
CA GLU E 300 46.01 52.27 48.87
C GLU E 300 47.35 52.65 49.49
N ILE E 301 47.32 53.55 50.48
CA ILE E 301 48.54 53.98 51.13
C ILE E 301 49.16 52.78 51.82
N ALA E 302 48.29 51.88 52.29
CA ALA E 302 48.76 50.69 52.96
C ALA E 302 49.40 49.74 51.93
N ALA E 303 48.56 49.20 51.07
CA ALA E 303 48.96 48.26 50.03
C ALA E 303 50.23 48.63 49.26
N THR E 304 50.27 49.85 48.74
CA THR E 304 51.42 50.32 47.98
C THR E 304 52.73 49.99 48.69
N PHE E 305 53.05 50.79 49.72
CA PHE E 305 54.28 50.64 50.50
C PHE E 305 54.57 49.30 51.18
N SER E 306 53.54 48.56 51.53
CA SER E 306 53.79 47.26 52.14
C SER E 306 54.15 46.30 51.01
N ARG E 307 53.71 46.66 49.80
CA ARG E 307 53.93 45.91 48.58
C ARG E 307 53.15 44.59 48.61
N LYS E 308 51.83 44.71 48.75
CA LYS E 308 50.96 43.55 48.82
C LYS E 308 49.51 43.99 48.64
N ARG E 309 48.77 43.28 47.80
CA ARG E 309 47.38 43.60 47.52
C ARG E 309 46.51 43.60 48.79
N LEU E 310 45.42 44.36 48.76
CA LEU E 310 44.51 44.46 49.91
C LEU E 310 43.78 43.14 50.10
N PHE E 311 44.11 42.44 51.17
CA PHE E 311 43.50 41.16 51.45
C PHE E 311 41.97 41.19 51.57
N GLY E 312 41.37 40.02 51.73
CA GLY E 312 39.92 39.92 51.89
C GLY E 312 39.11 40.87 51.03
N TYR E 313 39.38 40.84 49.73
CA TYR E 313 38.69 41.70 48.77
C TYR E 313 37.17 41.63 48.91
N THR E 314 36.58 40.52 48.48
CA THR E 314 35.14 40.36 48.57
C THR E 314 34.67 40.77 49.97
N SER E 315 35.29 40.15 50.97
CA SER E 315 34.97 40.43 52.36
C SER E 315 34.75 41.92 52.55
N LEU E 316 35.83 42.69 52.37
CA LEU E 316 35.80 44.14 52.51
C LEU E 316 34.74 44.76 51.63
N VAL E 317 34.61 44.23 50.43
CA VAL E 317 33.63 44.73 49.47
C VAL E 317 32.29 44.95 50.18
N TRP E 318 31.61 43.87 50.53
CA TRP E 318 30.33 43.97 51.19
C TRP E 318 30.36 44.75 52.48
N ALA E 319 31.48 44.68 53.18
CA ALA E 319 31.64 45.43 54.43
C ALA E 319 31.18 46.84 54.09
N THR E 320 31.89 47.44 53.13
CA THR E 320 31.60 48.78 52.66
C THR E 320 30.10 48.87 52.42
N VAL E 321 29.55 47.85 51.77
CA VAL E 321 28.11 47.81 51.49
C VAL E 321 27.33 47.78 52.81
N CYS E 322 27.55 46.72 53.57
CA CYS E 322 26.89 46.52 54.86
C CYS E 322 26.86 47.80 55.66
N ILE E 323 28.06 48.30 55.94
CA ILE E 323 28.25 49.51 56.72
C ILE E 323 27.34 50.65 56.25
N THR E 324 27.02 50.67 54.96
CA THR E 324 26.17 51.72 54.39
C THR E 324 24.69 51.53 54.69
N VAL E 325 24.29 50.28 54.92
CA VAL E 325 22.91 49.97 55.23
C VAL E 325 22.60 50.27 56.69
N LEU E 326 23.24 49.55 57.58
CA LEU E 326 23.02 49.72 59.01
C LEU E 326 23.46 51.08 59.54
N SER E 327 22.83 52.14 59.05
CA SER E 327 23.18 53.48 59.48
C SER E 327 21.96 54.37 59.64
N PHE E 328 20.93 54.08 58.85
CA PHE E 328 19.70 54.85 58.91
C PHE E 328 18.79 54.34 60.01
N ILE E 329 19.31 53.42 60.82
CA ILE E 329 18.54 52.82 61.91
C ILE E 329 19.44 52.48 63.10
N VAL E 330 19.82 53.51 63.87
CA VAL E 330 20.68 53.38 65.05
C VAL E 330 20.91 54.73 65.69
N TRP E 331 20.26 55.76 65.20
CA TRP E 331 20.45 57.12 65.71
C TRP E 331 20.07 57.36 67.18
N LEU E 332 19.15 56.59 67.72
CA LEU E 332 18.77 56.79 69.11
C LEU E 332 19.89 56.66 70.11
N HIS E 333 21.09 56.27 69.67
CA HIS E 333 22.18 56.16 70.63
C HIS E 333 22.67 57.54 71.04
N HIS E 334 21.93 58.53 70.58
CA HIS E 334 22.16 59.95 70.83
C HIS E 334 20.91 60.40 71.62
N PHE E 335 19.99 59.44 71.87
CA PHE E 335 18.74 59.75 72.55
C PHE E 335 18.56 59.21 73.96
N PHE E 336 19.07 58.01 74.21
CA PHE E 336 18.94 57.30 75.50
C PHE E 336 18.42 58.11 76.72
N THR E 337 19.04 59.25 77.04
CA THR E 337 18.64 60.06 78.19
C THR E 337 17.29 60.73 78.00
N MET E 338 17.07 61.28 76.82
CA MET E 338 15.82 61.97 76.49
C MET E 338 14.60 61.04 76.48
N GLY E 339 14.56 60.09 77.43
CA GLY E 339 13.44 59.18 77.55
C GLY E 339 13.10 58.21 76.42
N ALA E 340 13.85 57.13 76.33
CA ALA E 340 13.61 56.14 75.29
C ALA E 340 12.98 54.87 75.85
N GLY E 341 12.02 54.33 75.12
CA GLY E 341 11.35 53.12 75.56
C GLY E 341 12.34 52.01 75.83
N ALA E 342 12.28 51.43 77.02
CA ALA E 342 13.19 50.34 77.37
C ALA E 342 13.36 49.36 76.21
N ASN E 343 12.31 49.18 75.40
CA ASN E 343 12.39 48.26 74.26
C ASN E 343 12.88 48.98 73.01
N VAL E 344 12.62 50.27 72.92
CA VAL E 344 13.07 51.04 71.77
C VAL E 344 14.56 51.30 71.98
N ASN E 345 15.04 51.05 73.20
CA ASN E 345 16.45 51.24 73.53
C ASN E 345 17.27 50.27 72.70
N ALA E 346 16.89 49.00 72.75
CA ALA E 346 17.56 47.95 72.01
C ALA E 346 17.50 48.13 70.49
N PHE E 347 16.31 48.33 69.94
CA PHE E 347 16.14 48.50 68.49
C PHE E 347 17.10 49.53 67.95
N PHE E 348 17.59 50.39 68.84
CA PHE E 348 18.54 51.42 68.44
C PHE E 348 19.87 51.30 69.16
N GLY E 349 19.88 50.50 70.21
CA GLY E 349 21.12 50.31 70.96
C GLY E 349 21.84 49.08 70.48
N ILE E 350 21.09 48.01 70.31
CA ILE E 350 21.63 46.73 69.85
C ILE E 350 22.12 46.78 68.41
N THR E 351 21.35 47.44 67.54
CA THR E 351 21.70 47.56 66.13
C THR E 351 23.14 48.08 66.03
N THR E 352 23.39 49.23 66.63
CA THR E 352 24.71 49.83 66.60
C THR E 352 25.82 48.94 67.20
N MET E 353 25.43 47.98 68.04
CA MET E 353 26.39 47.05 68.69
C MET E 353 26.96 46.00 67.73
N ILE E 354 26.21 45.69 66.68
CA ILE E 354 26.64 44.70 65.71
C ILE E 354 27.64 45.34 64.75
N ILE E 355 27.47 46.65 64.54
CA ILE E 355 28.31 47.43 63.65
C ILE E 355 29.82 47.34 63.91
N ALA E 356 30.22 46.48 64.85
CA ALA E 356 31.64 46.30 65.13
C ALA E 356 32.14 45.31 64.11
N ILE E 357 31.43 44.19 64.03
CA ILE E 357 31.74 43.11 63.12
C ILE E 357 32.18 43.65 61.77
N PRO E 358 31.52 44.68 61.27
CA PRO E 358 31.89 45.25 59.98
C PRO E 358 33.21 46.01 60.07
N THR E 359 33.47 46.57 61.26
CA THR E 359 34.69 47.34 61.47
C THR E 359 35.89 46.41 61.54
N GLY E 360 35.71 45.27 62.20
CA GLY E 360 36.80 44.30 62.33
C GLY E 360 37.27 43.84 60.97
N VAL E 361 36.31 43.54 60.11
CA VAL E 361 36.60 43.10 58.77
C VAL E 361 37.77 43.92 58.22
N LYS E 362 37.49 45.18 57.92
CA LYS E 362 38.47 46.12 57.37
C LYS E 362 39.86 45.97 58.00
N ILE E 363 39.93 46.29 59.29
CA ILE E 363 41.16 46.21 60.04
C ILE E 363 41.83 44.90 59.73
N PHE E 364 41.35 43.83 60.35
CA PHE E 364 41.91 42.52 60.14
C PHE E 364 42.34 42.27 58.70
N ASN E 365 41.52 42.69 57.75
CA ASN E 365 41.83 42.51 56.34
C ASN E 365 43.09 43.24 55.89
N TRP E 366 43.38 44.40 56.49
CA TRP E 366 44.59 45.15 56.13
C TRP E 366 45.80 44.47 56.75
N LEU E 367 45.58 43.92 57.94
CA LEU E 367 46.62 43.22 58.66
C LEU E 367 47.18 42.12 57.76
N PHE E 368 46.32 41.20 57.34
CA PHE E 368 46.73 40.11 56.46
C PHE E 368 47.51 40.66 55.28
N THR E 369 47.25 41.91 54.92
CA THR E 369 47.94 42.56 53.81
C THR E 369 49.36 42.93 54.23
N MET E 370 49.66 42.72 55.51
CA MET E 370 50.97 43.03 56.05
C MET E 370 51.75 41.76 56.40
N TYR E 371 51.02 40.77 56.89
CA TYR E 371 51.55 39.48 57.34
C TYR E 371 52.69 38.87 56.52
N GLN E 372 52.73 39.13 55.21
CA GLN E 372 53.76 38.48 54.40
C GLN E 372 55.02 39.35 54.16
N GLY E 373 55.16 40.45 54.89
CA GLY E 373 56.36 41.28 54.87
C GLY E 373 56.53 42.36 53.77
N ARG E 374 57.80 42.77 53.65
CA ARG E 374 58.30 43.76 52.69
C ARG E 374 57.47 45.06 52.66
N ILE E 375 57.28 45.64 53.84
CA ILE E 375 56.56 46.91 53.97
C ILE E 375 57.57 48.03 54.16
N VAL E 376 57.21 49.21 53.67
CA VAL E 376 58.08 50.39 53.83
C VAL E 376 57.35 51.29 54.81
N PHE E 377 58.09 52.16 55.51
CA PHE E 377 57.46 53.05 56.50
C PHE E 377 57.80 54.50 56.28
N HIS E 378 57.43 55.04 55.11
CA HIS E 378 57.68 56.44 54.79
C HIS E 378 56.44 57.24 55.11
N SER E 379 56.62 58.57 55.23
CA SER E 379 55.54 59.49 55.55
C SER E 379 54.17 58.85 55.51
N ALA E 380 53.73 58.51 54.30
CA ALA E 380 52.43 57.88 54.05
C ALA E 380 52.16 56.64 54.90
N MET E 381 52.95 55.60 54.70
CA MET E 381 52.77 54.36 55.42
C MET E 381 52.78 54.60 56.93
N LEU E 382 53.39 55.71 57.36
CA LEU E 382 53.47 56.03 58.79
C LEU E 382 52.12 56.40 59.41
N TRP E 383 51.35 57.24 58.71
CA TRP E 383 50.04 57.59 59.14
C TRP E 383 49.24 56.32 59.18
N THR E 384 49.28 55.60 58.06
CA THR E 384 48.59 54.31 57.90
C THR E 384 48.68 53.53 59.22
N ILE E 385 49.84 53.62 59.84
CA ILE E 385 50.09 52.95 61.11
C ILE E 385 49.09 53.49 62.12
N GLY E 386 49.24 54.77 62.43
CA GLY E 386 48.38 55.46 63.39
C GLY E 386 46.93 55.03 63.28
N PHE E 387 46.40 55.08 62.06
CA PHE E 387 45.02 54.67 61.80
C PHE E 387 44.75 53.33 62.49
N ILE E 388 45.43 52.29 62.01
CA ILE E 388 45.32 50.91 62.51
C ILE E 388 45.48 50.82 64.03
N VAL E 389 45.93 51.93 64.62
CA VAL E 389 46.12 52.00 66.05
C VAL E 389 45.04 52.86 66.70
N THR E 390 45.28 54.17 66.74
CA THR E 390 44.35 55.10 67.36
C THR E 390 42.89 54.75 67.08
N PHE E 391 42.54 54.66 65.80
CA PHE E 391 41.17 54.36 65.38
C PHE E 391 40.55 53.24 66.21
N SER E 392 41.21 52.09 66.21
CA SER E 392 40.73 50.93 66.96
C SER E 392 40.79 51.19 68.47
N VAL E 393 41.48 52.25 68.87
CA VAL E 393 41.57 52.62 70.27
C VAL E 393 40.20 53.10 70.71
N GLY E 394 39.82 54.28 70.21
CA GLY E 394 38.53 54.85 70.55
C GLY E 394 37.37 53.94 70.18
N GLY E 395 37.63 52.96 69.31
CA GLY E 395 36.59 52.03 68.90
C GLY E 395 35.81 51.42 70.05
N MET E 396 36.55 50.84 71.00
CA MET E 396 35.97 50.20 72.17
C MET E 396 34.98 51.15 72.83
N THR E 397 35.43 52.37 73.03
CA THR E 397 34.62 53.40 73.64
C THR E 397 33.22 53.42 73.02
N GLY E 398 33.13 53.17 71.72
CA GLY E 398 31.83 53.16 71.05
C GLY E 398 31.11 51.85 71.32
N VAL E 399 31.89 50.77 71.38
CA VAL E 399 31.35 49.45 71.66
C VAL E 399 30.82 49.42 73.09
N LEU E 400 31.43 50.25 73.94
CA LEU E 400 31.03 50.35 75.34
C LEU E 400 29.74 51.15 75.46
N LEU E 401 29.78 52.40 75.02
CA LEU E 401 28.61 53.28 75.08
C LEU E 401 27.44 52.68 74.35
N ALA E 402 27.70 51.64 73.55
CA ALA E 402 26.67 50.96 72.78
C ALA E 402 25.49 50.55 73.64
N VAL E 403 25.78 49.94 74.79
CA VAL E 403 24.75 49.49 75.72
C VAL E 403 24.09 50.68 76.40
N PRO E 404 22.76 50.66 76.52
CA PRO E 404 21.98 51.74 77.14
C PRO E 404 22.58 52.32 78.43
N GLY E 405 22.53 51.54 79.51
CA GLY E 405 23.05 51.98 80.78
C GLY E 405 24.53 52.34 80.81
N ALA E 406 25.34 51.58 80.08
CA ALA E 406 26.78 51.83 80.06
C ALA E 406 27.09 53.31 79.84
N ASP E 407 26.15 54.03 79.24
CA ASP E 407 26.38 55.45 78.97
C ASP E 407 25.66 56.39 79.91
N PHE E 408 24.56 55.95 80.50
CA PHE E 408 23.80 56.80 81.40
C PHE E 408 24.64 57.71 82.29
N VAL E 409 25.81 57.23 82.69
CA VAL E 409 26.67 58.00 83.56
C VAL E 409 27.69 58.87 82.79
N LEU E 410 28.06 58.39 81.60
CA LEU E 410 29.03 59.06 80.73
C LEU E 410 28.47 60.01 79.67
N HIS E 411 27.22 59.81 79.28
CA HIS E 411 26.58 60.65 78.26
C HIS E 411 26.87 62.12 78.45
N ASN E 412 27.19 62.79 77.36
CA ASN E 412 27.46 64.20 77.41
C ASN E 412 28.46 64.59 78.50
N SER E 413 29.18 63.59 78.97
CA SER E 413 30.24 63.82 79.93
C SER E 413 31.58 63.85 79.16
N LEU E 414 32.63 64.30 79.79
CA LEU E 414 33.90 64.33 79.07
C LEU E 414 34.21 63.02 78.34
N PHE E 415 33.84 61.90 78.93
CA PHE E 415 34.09 60.60 78.30
C PHE E 415 33.66 60.66 76.85
N LEU E 416 32.50 61.26 76.65
CA LEU E 416 31.91 61.41 75.33
C LEU E 416 32.89 62.13 74.44
N ILE E 417 33.40 63.24 74.94
CA ILE E 417 34.35 64.05 74.20
C ILE E 417 35.59 63.23 73.88
N ALA E 418 35.98 62.39 74.83
CA ALA E 418 37.14 61.56 74.65
C ALA E 418 36.86 60.41 73.66
N HIS E 419 35.63 59.89 73.69
CA HIS E 419 35.25 58.80 72.78
C HIS E 419 35.42 59.18 71.32
N PHE E 420 34.80 60.29 70.95
CA PHE E 420 34.82 60.71 69.57
C PHE E 420 36.04 61.46 69.04
N HIS E 421 36.56 62.45 69.75
CA HIS E 421 37.72 63.13 69.20
C HIS E 421 38.76 62.05 68.79
N ASN E 422 38.74 60.95 69.51
CA ASN E 422 39.65 59.82 69.25
C ASN E 422 39.45 59.40 67.80
N VAL E 423 38.29 58.83 67.54
CA VAL E 423 37.94 58.36 66.22
C VAL E 423 37.93 59.42 65.13
N ILE E 424 37.97 60.68 65.53
CA ILE E 424 37.99 61.76 64.55
C ILE E 424 39.41 62.22 64.27
N ILE E 425 40.04 62.76 65.29
CA ILE E 425 41.40 63.24 65.15
C ILE E 425 42.30 62.11 64.67
N GLY E 426 42.47 61.10 65.52
CA GLY E 426 43.32 59.98 65.17
C GLY E 426 42.74 58.97 64.22
N GLY E 427 41.53 59.22 63.72
CA GLY E 427 40.88 58.29 62.81
C GLY E 427 40.50 58.92 61.49
N VAL E 428 40.13 60.20 61.53
CA VAL E 428 39.76 60.91 60.33
C VAL E 428 40.86 61.89 59.95
N VAL E 429 41.19 62.80 60.85
CA VAL E 429 42.23 63.80 60.58
C VAL E 429 43.55 63.15 60.16
N PHE E 430 43.69 61.86 60.46
CA PHE E 430 44.90 61.16 60.06
C PHE E 430 44.77 60.90 58.58
N GLY E 431 43.58 60.44 58.19
CA GLY E 431 43.31 60.15 56.80
C GLY E 431 43.76 61.32 55.96
N CYS E 432 43.03 62.42 56.07
CA CYS E 432 43.37 63.63 55.35
C CYS E 432 44.88 63.73 55.16
N PHE E 433 45.62 63.80 56.26
CA PHE E 433 47.06 63.89 56.18
C PHE E 433 47.67 62.69 55.46
N ALA E 434 47.40 61.49 55.99
CA ALA E 434 47.94 60.26 55.40
C ALA E 434 47.83 60.31 53.89
N GLY E 435 46.63 60.56 53.38
CA GLY E 435 46.44 60.62 51.94
C GLY E 435 47.26 61.75 51.34
N MET E 436 47.05 62.96 51.86
CA MET E 436 47.73 64.17 51.39
C MET E 436 49.16 63.90 50.93
N THR E 437 49.80 62.93 51.56
CA THR E 437 51.17 62.55 51.21
C THR E 437 51.10 61.75 49.90
N TYR E 438 50.59 60.52 50.02
CA TYR E 438 50.47 59.59 48.90
C TYR E 438 50.16 60.28 47.58
N TRP E 439 49.28 61.28 47.62
CA TRP E 439 48.90 62.00 46.42
C TRP E 439 49.49 63.39 46.20
N TRP E 440 50.17 63.95 47.20
CA TRP E 440 50.72 65.30 47.03
C TRP E 440 51.48 65.55 45.72
N PRO E 441 52.15 64.51 45.19
CA PRO E 441 52.86 64.74 43.93
C PRO E 441 51.86 64.72 42.79
N LYS E 442 51.09 63.64 42.73
CA LYS E 442 50.11 63.45 41.69
C LYS E 442 49.25 64.69 41.40
N ALA E 443 49.47 65.76 42.14
CA ALA E 443 48.69 66.98 41.95
C ALA E 443 49.50 68.27 42.00
N PHE E 444 50.74 68.17 42.48
CA PHE E 444 51.60 69.34 42.62
C PHE E 444 52.85 69.28 41.72
N GLY E 445 53.30 68.07 41.43
CA GLY E 445 54.46 67.92 40.60
C GLY E 445 55.68 67.62 41.43
N PHE E 446 55.48 67.49 42.74
CA PHE E 446 56.60 67.19 43.61
C PHE E 446 56.23 66.28 44.77
N LYS E 447 57.23 65.56 45.26
CA LYS E 447 57.06 64.63 46.38
C LYS E 447 57.15 65.36 47.73
N LEU E 448 56.96 64.62 48.81
CA LEU E 448 57.01 65.20 50.15
C LEU E 448 58.31 64.97 50.93
N ASN E 449 58.75 66.04 51.58
CA ASN E 449 59.95 66.02 52.40
C ASN E 449 59.77 64.93 53.44
N GLU E 450 60.51 63.85 53.30
CA GLU E 450 60.40 62.74 54.25
C GLU E 450 61.00 63.10 55.62
N THR E 451 61.79 64.17 55.67
CA THR E 451 62.40 64.60 56.93
C THR E 451 61.31 64.91 57.96
N TRP E 452 60.91 66.19 57.99
CA TRP E 452 59.90 66.69 58.90
C TRP E 452 58.59 65.89 58.88
N GLY E 453 58.33 65.20 57.77
CA GLY E 453 57.12 64.41 57.67
C GLY E 453 57.11 63.36 58.75
N LYS E 454 58.30 62.89 59.12
CA LYS E 454 58.41 61.90 60.17
C LYS E 454 58.38 62.66 61.47
N ARG E 455 58.62 63.96 61.39
CA ARG E 455 58.65 64.82 62.56
C ARG E 455 57.26 65.25 62.98
N ALA E 456 56.55 65.89 62.06
CA ALA E 456 55.21 66.35 62.35
C ALA E 456 54.42 65.18 62.90
N PHE E 457 54.64 63.99 62.34
CA PHE E 457 53.94 62.77 62.75
C PHE E 457 53.93 62.54 64.25
N TRP E 458 55.11 62.32 64.83
CA TRP E 458 55.21 62.07 66.27
C TRP E 458 54.46 63.10 67.11
N PHE E 459 54.81 64.37 66.94
CA PHE E 459 54.13 65.41 67.68
C PHE E 459 52.63 65.25 67.56
N TRP E 460 52.19 64.70 66.43
CA TRP E 460 50.77 64.50 66.19
C TRP E 460 50.19 63.28 66.88
N ILE E 461 50.97 62.22 66.97
CA ILE E 461 50.49 61.01 67.63
C ILE E 461 50.60 61.30 69.11
N ILE E 462 51.79 61.67 69.54
CA ILE E 462 52.01 61.94 70.94
C ILE E 462 50.93 62.82 71.56
N GLY E 463 50.94 64.09 71.21
CA GLY E 463 49.99 65.06 71.73
C GLY E 463 48.53 64.65 71.82
N PHE E 464 48.03 63.92 70.83
CA PHE E 464 46.64 63.52 70.88
C PHE E 464 46.36 62.97 72.25
N PHE E 465 47.12 61.96 72.65
CA PHE E 465 46.89 61.34 73.94
C PHE E 465 47.06 62.27 75.15
N VAL E 466 48.09 63.12 75.11
CA VAL E 466 48.33 64.03 76.23
C VAL E 466 47.26 65.12 76.21
N ALA E 467 46.32 65.01 75.28
CA ALA E 467 45.27 66.01 75.19
C ALA E 467 43.85 65.43 75.25
N PHE E 468 43.71 64.11 75.19
CA PHE E 468 42.36 63.56 75.22
C PHE E 468 42.17 62.31 76.07
N MET E 469 43.25 61.56 76.30
CA MET E 469 43.16 60.36 77.14
C MET E 469 42.79 60.85 78.53
N PRO E 470 43.32 62.02 78.94
CA PRO E 470 43.03 62.59 80.27
C PRO E 470 41.53 62.85 80.45
N LEU E 471 40.90 63.34 79.37
CA LEU E 471 39.48 63.66 79.37
C LEU E 471 38.64 62.47 79.78
N TYR E 472 39.09 61.28 79.43
CA TYR E 472 38.36 60.07 79.78
C TYR E 472 38.15 59.99 81.28
N ALA E 473 39.20 60.30 82.03
CA ALA E 473 39.16 60.28 83.48
C ALA E 473 38.05 61.21 83.94
N LEU E 474 38.23 62.49 83.62
CA LEU E 474 37.27 63.52 83.98
C LEU E 474 35.83 63.03 83.80
N GLY E 475 35.64 62.09 82.88
CA GLY E 475 34.32 61.55 82.60
C GLY E 475 33.80 60.64 83.71
N PHE E 476 34.66 59.75 84.20
CA PHE E 476 34.24 58.85 85.26
C PHE E 476 33.85 59.67 86.47
N MET E 477 34.65 60.67 86.80
CA MET E 477 34.29 61.48 87.94
C MET E 477 33.09 62.35 87.60
N GLY E 478 32.59 62.13 86.39
CA GLY E 478 31.43 62.85 85.92
C GLY E 478 31.60 64.35 85.69
N MET E 479 32.26 64.73 84.60
CA MET E 479 32.45 66.15 84.32
C MET E 479 31.42 66.61 83.32
N THR E 480 30.82 67.77 83.56
CA THR E 480 29.82 68.26 82.63
C THR E 480 30.51 68.96 81.44
N ARG E 481 30.16 68.50 80.24
CA ARG E 481 30.66 69.03 78.98
C ARG E 481 30.59 70.56 78.94
N ARG E 482 31.17 71.14 77.90
CA ARG E 482 31.16 72.59 77.68
C ARG E 482 30.97 73.49 78.90
N LEU E 483 31.44 73.09 80.08
CA LEU E 483 31.30 73.96 81.23
C LEU E 483 32.38 75.02 81.08
N SER E 484 32.20 76.16 81.75
CA SER E 484 33.20 77.22 81.70
C SER E 484 33.78 77.36 83.11
N GLN E 485 32.95 77.06 84.08
CA GLN E 485 33.33 77.16 85.48
C GLN E 485 33.08 75.88 86.29
N GLN E 486 34.17 75.32 86.79
CA GLN E 486 34.13 74.11 87.62
C GLN E 486 34.99 74.41 88.82
N ILE E 487 35.11 73.44 89.72
CA ILE E 487 35.88 73.65 90.94
C ILE E 487 36.60 72.40 91.49
N ASP E 488 35.92 71.27 91.56
CA ASP E 488 36.56 70.06 92.07
C ASP E 488 38.01 69.97 91.62
N PRO E 489 38.96 70.12 92.56
CA PRO E 489 40.39 70.07 92.30
C PRO E 489 40.83 68.95 91.34
N GLN E 490 40.20 67.79 91.45
CA GLN E 490 40.56 66.66 90.59
C GLN E 490 40.51 67.00 89.09
N PHE E 491 39.33 67.38 88.62
CA PHE E 491 39.16 67.75 87.23
C PHE E 491 40.21 68.80 86.90
N HIS E 492 40.27 69.81 87.76
CA HIS E 492 41.22 70.90 87.57
C HIS E 492 42.61 70.39 87.31
N THR E 493 42.83 69.10 87.52
CA THR E 493 44.15 68.52 87.30
C THR E 493 44.32 67.90 85.90
N MET E 494 43.49 66.90 85.60
CA MET E 494 43.57 66.25 84.30
C MET E 494 43.49 67.30 83.21
N LEU E 495 42.70 68.34 83.47
CA LEU E 495 42.52 69.44 82.52
C LEU E 495 43.87 70.02 82.13
N MET E 496 44.75 70.15 83.13
CA MET E 496 46.09 70.71 82.91
C MET E 496 46.85 69.80 81.94
N ILE E 497 46.79 68.50 82.15
CA ILE E 497 47.48 67.55 81.29
C ILE E 497 46.95 67.73 79.87
N ALA E 498 45.62 67.69 79.78
CA ALA E 498 44.90 67.85 78.52
C ALA E 498 45.34 69.13 77.82
N ALA E 499 45.16 70.25 78.51
CA ALA E 499 45.53 71.58 78.00
C ALA E 499 47.05 71.65 77.76
N SER E 500 47.72 70.56 78.11
CA SER E 500 49.15 70.45 77.94
C SER E 500 49.44 69.57 76.73
N GLY E 501 48.60 68.55 76.55
CA GLY E 501 48.78 67.65 75.42
C GLY E 501 48.76 68.43 74.12
N ALA E 502 48.00 69.51 74.11
CA ALA E 502 47.87 70.35 72.93
C ALA E 502 49.10 71.20 72.58
N VAL E 503 49.64 71.90 73.57
CA VAL E 503 50.81 72.75 73.35
C VAL E 503 51.70 72.05 72.32
N LEU E 504 51.73 70.72 72.36
CA LEU E 504 52.54 69.98 71.41
C LEU E 504 51.82 69.91 70.05
N ILE E 505 50.61 69.37 70.05
CA ILE E 505 49.79 69.26 68.84
C ILE E 505 49.77 70.60 68.12
N ALA E 506 49.59 71.67 68.89
CA ALA E 506 49.53 73.03 68.35
C ALA E 506 50.74 73.33 67.47
N LEU E 507 51.91 73.31 68.12
CA LEU E 507 53.17 73.57 67.46
C LEU E 507 53.33 72.74 66.18
N GLY E 508 52.88 71.49 66.23
CA GLY E 508 53.00 70.63 65.06
C GLY E 508 52.19 71.07 63.86
N ILE E 509 51.01 71.64 64.11
CA ILE E 509 50.18 72.11 63.04
C ILE E 509 50.93 73.18 62.30
N LEU E 510 51.99 73.68 62.94
CA LEU E 510 52.81 74.73 62.34
C LEU E 510 53.94 74.12 61.51
N CYS E 511 54.66 73.17 62.13
CA CYS E 511 55.75 72.50 61.45
C CYS E 511 55.35 71.99 60.06
N LEU E 512 54.30 71.17 59.99
CA LEU E 512 53.84 70.63 58.72
C LEU E 512 53.53 71.76 57.76
N VAL E 513 52.59 72.60 58.17
CA VAL E 513 52.16 73.73 57.34
C VAL E 513 53.33 74.60 56.89
N ILE E 514 54.40 74.62 57.70
CA ILE E 514 55.55 75.41 57.30
C ILE E 514 56.44 74.58 56.38
N GLN E 515 56.43 73.27 56.59
CA GLN E 515 57.23 72.39 55.76
C GLN E 515 56.73 72.44 54.33
N MET E 516 55.42 72.22 54.14
CA MET E 516 54.82 72.24 52.81
C MET E 516 55.27 73.43 51.98
N TYR E 517 55.14 74.62 52.56
CA TYR E 517 55.56 75.86 51.90
C TYR E 517 56.93 75.55 51.29
N VAL E 518 57.80 75.10 52.19
CA VAL E 518 59.17 74.73 51.88
C VAL E 518 59.23 73.66 50.80
N SER E 519 58.12 72.96 50.60
CA SER E 519 58.10 71.91 49.62
C SER E 519 57.61 72.38 48.27
N ILE E 520 56.84 73.46 48.22
CA ILE E 520 56.37 73.94 46.93
C ILE E 520 57.44 74.84 46.32
N ARG E 521 57.74 75.93 47.01
CA ARG E 521 58.75 76.87 46.54
C ARG E 521 60.02 76.08 46.27
N ASP E 522 60.59 75.52 47.32
CA ASP E 522 61.79 74.69 47.23
C ASP E 522 61.31 73.28 46.94
N ARG E 523 61.88 72.64 45.92
CA ARG E 523 61.47 71.28 45.59
C ARG E 523 62.52 70.55 44.80
N ASP E 524 62.45 69.22 44.84
CA ASP E 524 63.39 68.38 44.11
C ASP E 524 62.74 67.91 42.81
N GLN E 525 61.99 68.83 42.19
CA GLN E 525 61.30 68.59 40.94
C GLN E 525 61.40 67.17 40.41
N ASN E 526 60.36 66.37 40.67
CA ASN E 526 60.32 64.99 40.21
C ASN E 526 59.78 64.97 38.79
N ARG E 527 60.42 64.19 37.93
CA ARG E 527 60.02 64.10 36.54
C ARG E 527 59.70 62.66 36.15
N ASP E 528 59.45 61.85 37.17
CA ASP E 528 59.11 60.45 36.95
C ASP E 528 57.60 60.35 36.76
N LEU E 529 57.09 59.13 36.59
CA LEU E 529 55.66 58.95 36.40
C LEU E 529 55.05 58.35 37.66
N THR E 530 55.87 57.62 38.39
CA THR E 530 55.48 56.97 39.64
C THR E 530 56.67 56.95 40.60
N GLY E 531 56.65 57.86 41.57
CA GLY E 531 57.73 57.92 42.54
C GLY E 531 57.71 56.76 43.51
N ASP E 532 56.57 56.09 43.61
CA ASP E 532 56.44 54.95 44.50
C ASP E 532 56.62 53.62 43.77
N PRO E 533 56.99 52.57 44.52
CA PRO E 533 57.20 51.22 43.97
C PRO E 533 56.04 50.73 43.11
N TRP E 534 56.27 49.64 42.38
CA TRP E 534 55.26 49.06 41.50
C TRP E 534 54.00 48.63 42.24
N GLY E 535 54.07 48.63 43.57
CA GLY E 535 52.92 48.25 44.36
C GLY E 535 51.74 49.17 44.10
N GLY E 536 52.01 50.46 44.03
CA GLY E 536 50.95 51.43 43.76
C GLY E 536 50.50 51.29 42.32
N ARG E 537 49.46 50.50 42.12
CA ARG E 537 48.94 50.27 40.78
C ARG E 537 47.47 50.62 40.59
N THR E 538 47.26 51.83 40.08
CA THR E 538 45.94 52.38 39.78
C THR E 538 46.15 53.32 38.59
N LEU E 539 45.27 53.20 37.59
CA LEU E 539 45.37 54.00 36.37
C LEU E 539 45.89 55.44 36.48
N GLU E 540 45.60 56.12 37.59
CA GLU E 540 46.05 57.50 37.78
C GLU E 540 47.56 57.66 37.66
N TRP E 541 48.27 56.90 38.47
CA TRP E 541 49.73 56.90 38.50
C TRP E 541 50.41 56.98 37.15
N ALA E 542 50.04 56.07 36.25
CA ALA E 542 50.63 56.03 34.93
C ALA E 542 50.64 57.42 34.34
N THR E 543 49.78 58.28 34.86
CA THR E 543 49.70 59.62 34.33
C THR E 543 50.79 60.52 34.84
N SER E 544 50.94 61.65 34.15
CA SER E 544 51.94 62.63 34.52
C SER E 544 51.50 63.36 35.77
N SER E 545 52.49 63.86 36.50
CA SER E 545 52.26 64.61 37.71
C SER E 545 52.95 65.95 37.61
N PRO E 546 52.20 67.04 37.37
CA PRO E 546 50.74 67.12 37.21
C PRO E 546 50.27 66.54 35.91
N PRO E 547 48.94 66.46 35.72
CA PRO E 547 48.42 65.91 34.47
C PRO E 547 48.20 66.98 33.38
N PRO E 548 48.31 66.62 32.11
CA PRO E 548 48.05 67.65 31.12
C PRO E 548 46.77 68.42 31.39
N PHE E 549 46.86 69.74 31.51
CA PHE E 549 45.71 70.66 31.77
C PHE E 549 44.34 70.22 31.25
N TYR E 550 44.32 69.45 30.17
CA TYR E 550 43.07 68.95 29.60
C TYR E 550 43.05 67.46 29.86
N ASN E 551 43.05 67.24 31.19
CA ASN E 551 43.06 65.99 31.97
C ASN E 551 43.84 64.82 31.43
N PHE E 552 44.44 64.14 32.37
CA PHE E 552 45.33 63.08 32.00
C PHE E 552 46.63 63.77 31.55
N SER F 27 41.99 62.98 89.67
CA SER F 27 42.92 61.97 90.23
C SER F 27 42.26 60.59 90.31
N ALA F 28 41.09 60.47 89.68
CA ALA F 28 40.36 59.22 89.65
C ALA F 28 40.39 58.64 88.23
N LEU F 29 40.36 57.32 88.13
CA LEU F 29 40.41 56.67 86.84
C LEU F 29 39.44 55.49 86.75
N LEU F 30 38.52 55.40 87.70
CA LEU F 30 37.53 54.33 87.71
C LEU F 30 36.13 54.88 87.95
N ASP F 31 35.13 54.01 87.84
CA ASP F 31 33.74 54.42 88.04
C ASP F 31 33.49 54.91 89.47
N PRO F 32 32.47 55.77 89.64
CA PRO F 32 32.07 56.34 90.92
C PRO F 32 32.10 55.41 92.13
N LYS F 33 32.14 56.02 93.31
CA LYS F 33 32.19 55.27 94.57
C LYS F 33 30.98 54.34 94.67
N GLY F 34 31.24 53.06 94.92
CA GLY F 34 30.17 52.09 95.03
C GLY F 34 29.29 52.29 96.24
N GLN F 35 28.30 53.16 96.15
CA GLN F 35 27.37 53.41 97.26
C GLN F 35 25.92 53.35 96.82
N ILE F 36 25.67 52.56 95.77
CA ILE F 36 24.33 52.39 95.24
C ILE F 36 24.13 51.01 94.61
N GLY F 37 22.95 50.45 94.83
CA GLY F 37 22.65 49.15 94.28
C GLY F 37 22.75 49.19 92.76
N LEU F 38 21.94 50.05 92.15
CA LEU F 38 21.92 50.20 90.70
C LEU F 38 23.31 50.32 90.09
N GLU F 39 24.05 51.34 90.53
CA GLU F 39 25.39 51.60 90.03
C GLU F 39 26.15 50.31 89.73
N GLN F 40 25.94 49.31 90.58
CA GLN F 40 26.58 48.02 90.40
C GLN F 40 26.15 47.55 89.03
N ARG F 41 24.90 47.11 88.91
CA ARG F 41 24.38 46.62 87.64
C ARG F 41 24.17 47.74 86.62
N SER F 42 25.08 48.72 86.61
CA SER F 42 25.00 49.83 85.66
C SER F 42 26.39 50.42 85.43
N LEU F 43 27.23 50.36 86.46
CA LEU F 43 28.60 50.87 86.37
C LEU F 43 29.55 49.71 86.18
N ILE F 44 29.23 48.58 86.83
CA ILE F 44 30.03 47.35 86.73
C ILE F 44 29.99 46.96 85.27
N LEU F 45 28.84 47.22 84.65
CA LEU F 45 28.61 46.94 83.26
C LEU F 45 29.88 47.27 82.50
N THR F 46 30.20 48.56 82.46
CA THR F 46 31.37 49.05 81.76
C THR F 46 32.64 48.22 82.00
N ALA F 47 33.15 48.22 83.23
CA ALA F 47 34.36 47.46 83.55
C ALA F 47 34.21 46.01 83.12
N PHE F 48 33.17 45.36 83.61
CA PHE F 48 32.89 43.97 83.29
C PHE F 48 33.13 43.69 81.81
N GLY F 49 32.44 44.44 80.96
CA GLY F 49 32.55 44.27 79.53
C GLY F 49 33.90 44.71 78.97
N LEU F 50 34.39 45.83 79.49
CA LEU F 50 35.68 46.33 79.03
C LEU F 50 36.77 45.29 79.22
N MET F 51 36.57 44.40 80.19
CA MET F 51 37.53 43.34 80.47
C MET F 51 37.25 42.15 79.56
N LEU F 52 36.06 42.16 78.97
CA LEU F 52 35.66 41.07 78.10
C LEU F 52 35.64 41.51 76.65
N ILE F 53 36.15 42.72 76.43
CA ILE F 53 36.25 43.29 75.09
C ILE F 53 37.72 43.23 74.73
N VAL F 54 38.57 43.60 75.68
CA VAL F 54 40.02 43.62 75.52
C VAL F 54 40.53 42.42 74.75
N VAL F 55 39.75 41.34 74.79
CA VAL F 55 40.09 40.11 74.09
C VAL F 55 40.35 40.46 72.63
N ILE F 56 39.88 41.63 72.21
CA ILE F 56 40.05 42.09 70.82
C ILE F 56 41.09 43.20 70.65
N PRO F 57 40.85 44.38 71.27
CA PRO F 57 41.76 45.52 71.16
C PRO F 57 43.20 45.14 71.47
N ALA F 58 43.38 44.30 72.48
CA ALA F 58 44.71 43.85 72.87
C ALA F 58 45.30 43.07 71.71
N ILE F 59 44.50 42.19 71.13
CA ILE F 59 44.95 41.39 70.01
C ILE F 59 45.00 42.29 68.78
N LEU F 60 44.26 43.39 68.81
CA LEU F 60 44.26 44.33 67.69
C LEU F 60 45.47 45.22 67.92
N MET F 61 45.68 45.61 69.17
CA MET F 61 46.82 46.43 69.46
C MET F 61 48.00 45.48 69.47
N ALA F 62 47.78 44.29 68.89
CA ALA F 62 48.82 43.25 68.80
C ALA F 62 49.23 43.01 67.34
N VAL F 63 48.25 42.74 66.48
CA VAL F 63 48.54 42.49 65.07
C VAL F 63 49.09 43.71 64.36
N GLY F 64 48.50 44.86 64.64
CA GLY F 64 48.96 46.09 64.02
C GLY F 64 50.40 46.39 64.39
N PHE F 65 50.71 46.24 65.67
CA PHE F 65 52.05 46.50 66.17
C PHE F 65 53.04 45.59 65.43
N ALA F 66 53.04 44.32 65.82
CA ALA F 66 53.91 43.33 65.21
C ALA F 66 53.65 43.24 63.70
N TRP F 67 54.49 43.92 62.93
CA TRP F 67 54.37 43.93 61.48
C TRP F 67 55.58 44.68 61.00
N LYS F 68 55.65 45.95 61.40
CA LYS F 68 56.75 46.80 61.05
C LYS F 68 57.98 46.12 61.61
N TYR F 69 57.74 44.98 62.22
CA TYR F 69 58.75 44.15 62.85
C TYR F 69 59.43 43.21 61.84
N ARG F 70 58.95 41.98 61.78
CA ARG F 70 59.49 40.93 60.90
C ARG F 70 59.09 41.00 59.43
N ALA F 71 57.90 41.53 59.16
CA ALA F 71 57.43 41.65 57.78
C ALA F 71 58.15 42.81 57.09
N SER F 72 59.25 43.27 57.67
CA SER F 72 60.01 44.38 57.11
C SER F 72 60.97 43.97 55.99
N ASN F 73 61.60 44.97 55.38
CA ASN F 73 62.56 44.77 54.29
C ASN F 73 63.76 43.92 54.70
N LYS F 74 64.39 44.29 55.81
CA LYS F 74 65.56 43.56 56.31
C LYS F 74 65.17 42.31 57.09
N ASP F 75 63.92 41.88 56.92
CA ASP F 75 63.41 40.68 57.60
C ASP F 75 62.65 39.78 56.64
N ALA F 76 62.38 40.29 55.44
CA ALA F 76 61.64 39.57 54.41
C ALA F 76 62.15 39.96 53.02
N LYS F 77 63.07 39.17 52.49
CA LYS F 77 63.66 39.43 51.19
C LYS F 77 62.75 40.14 50.17
N TYR F 78 61.47 39.78 50.16
CA TYR F 78 60.54 40.37 49.20
C TYR F 78 59.09 40.39 49.67
N SER F 79 58.20 40.65 48.71
CA SER F 79 56.78 40.71 49.01
C SER F 79 55.95 39.72 48.21
N PRO F 80 56.01 38.43 48.59
CA PRO F 80 55.23 37.41 47.88
C PRO F 80 53.75 37.83 47.76
N ASN F 81 52.96 37.13 46.95
CA ASN F 81 51.56 37.49 46.82
C ASN F 81 50.56 36.35 46.70
N TRP F 82 49.39 36.56 47.28
CA TRP F 82 48.29 35.60 47.27
C TRP F 82 46.95 36.34 47.32
N SER F 83 45.84 35.61 47.28
CA SER F 83 44.50 36.21 47.31
C SER F 83 43.58 35.97 48.52
N HIS F 84 43.26 34.71 48.80
CA HIS F 84 42.36 34.37 49.92
C HIS F 84 42.56 32.97 50.52
N SER F 85 41.47 32.45 51.08
CA SER F 85 41.40 31.13 51.71
C SER F 85 40.02 31.03 52.32
N ASN F 86 39.44 32.19 52.60
CA ASN F 86 38.10 32.32 53.17
C ASN F 86 37.96 31.89 54.63
N LYS F 87 39.03 31.31 55.18
CA LYS F 87 39.04 30.88 56.57
C LYS F 87 39.97 31.84 57.27
N VAL F 88 40.24 32.91 56.53
CA VAL F 88 41.09 34.01 56.97
C VAL F 88 40.14 34.96 57.66
N GLU F 89 38.92 34.98 57.15
CA GLU F 89 37.85 35.81 57.68
C GLU F 89 37.43 35.09 58.95
N ALA F 90 37.20 33.79 58.80
CA ALA F 90 36.81 32.95 59.91
C ALA F 90 37.77 33.27 61.06
N VAL F 91 39.06 33.27 60.74
CA VAL F 91 40.13 33.57 61.70
C VAL F 91 39.62 34.63 62.66
N VAL F 92 39.13 35.71 62.08
CA VAL F 92 38.60 36.85 62.82
C VAL F 92 37.14 37.05 62.39
N TRP F 93 36.37 35.97 62.43
CA TRP F 93 34.99 36.03 62.02
C TRP F 93 34.06 35.68 63.17
N THR F 94 34.07 34.41 63.54
CA THR F 94 33.23 33.90 64.62
C THR F 94 33.52 34.52 65.97
N VAL F 95 34.77 34.93 66.19
CA VAL F 95 35.13 35.52 67.46
C VAL F 95 34.52 36.91 67.69
N PRO F 96 34.62 37.80 66.67
CA PRO F 96 33.96 39.14 66.81
C PRO F 96 32.52 39.03 67.28
N ILE F 97 31.77 38.36 66.44
CA ILE F 97 30.37 38.11 66.68
C ILE F 97 30.19 37.36 67.99
N LEU F 98 31.23 36.66 68.42
CA LEU F 98 31.19 35.94 69.69
C LEU F 98 31.20 36.97 70.80
N ILE F 99 31.91 38.04 70.54
CA ILE F 99 31.98 39.15 71.44
C ILE F 99 30.67 39.88 71.44
N ILE F 100 30.29 40.24 70.25
CA ILE F 100 29.03 40.96 70.27
C ILE F 100 27.96 40.17 71.03
N ILE F 101 27.90 38.87 70.79
CA ILE F 101 26.94 38.02 71.47
C ILE F 101 27.12 38.09 72.96
N PHE F 102 28.34 37.83 73.40
CA PHE F 102 28.54 37.88 74.83
C PHE F 102 28.42 39.28 75.36
N LEU F 103 28.61 40.25 74.51
CA LEU F 103 28.51 41.54 75.11
C LEU F 103 27.08 42.11 74.97
N ALA F 104 26.28 41.57 74.05
CA ALA F 104 24.90 42.02 73.79
C ALA F 104 23.84 41.23 74.54
N VAL F 105 24.03 39.96 74.73
CA VAL F 105 23.02 39.34 75.53
C VAL F 105 22.90 40.25 76.74
N LEU F 106 24.04 40.65 77.29
CA LEU F 106 24.08 41.54 78.45
C LEU F 106 23.22 42.77 78.20
N THR F 107 23.51 43.45 77.10
CA THR F 107 22.81 44.66 76.72
C THR F 107 21.34 44.54 77.04
N TRP F 108 20.66 43.73 76.23
CA TRP F 108 19.24 43.48 76.37
C TRP F 108 18.85 43.42 77.86
N LYS F 109 19.20 42.31 78.53
CA LYS F 109 18.87 42.14 79.95
C LYS F 109 19.17 43.42 80.74
N THR F 110 20.46 43.73 80.85
CA THR F 110 20.93 44.91 81.58
C THR F 110 20.11 46.17 81.27
N THR F 111 19.61 46.29 80.04
CA THR F 111 18.83 47.45 79.65
C THR F 111 17.46 47.58 80.31
N HIS F 112 17.45 47.92 81.59
CA HIS F 112 16.20 48.09 82.32
C HIS F 112 16.40 48.98 83.56
N ALA F 113 15.96 48.46 84.71
CA ALA F 113 16.05 49.15 86.00
C ALA F 113 15.65 50.62 85.99
N LEU F 114 16.63 51.49 85.77
CA LEU F 114 16.42 52.93 85.75
C LEU F 114 15.31 53.40 84.79
N GLU F 115 15.02 52.58 83.77
CA GLU F 115 14.01 52.93 82.78
C GLU F 115 12.64 53.32 83.35
N PRO F 116 11.99 54.30 82.69
CA PRO F 116 10.67 54.86 83.02
C PRO F 116 9.49 53.89 83.01
N SER F 117 8.43 54.28 82.30
CA SER F 117 7.18 53.53 82.13
C SER F 117 6.25 53.60 83.35
N LYS F 118 6.42 52.67 84.28
CA LYS F 118 5.58 52.65 85.47
C LYS F 118 6.09 51.85 86.69
N PRO F 119 6.73 50.68 86.47
CA PRO F 119 7.24 49.83 87.54
C PRO F 119 6.85 50.17 88.98
N LEU F 120 5.99 49.34 89.56
CA LEU F 120 5.52 49.54 90.92
C LEU F 120 6.40 48.82 91.94
N ALA F 121 6.56 49.46 93.10
CA ALA F 121 7.36 48.92 94.20
C ALA F 121 7.30 49.92 95.35
N HIS F 122 6.33 49.74 96.24
CA HIS F 122 6.17 50.66 97.36
C HIS F 122 5.98 49.97 98.70
N ASP F 123 6.17 50.75 99.77
CA ASP F 123 6.03 50.27 101.13
C ASP F 123 5.65 51.43 102.05
N GLU F 124 5.01 52.44 101.47
CA GLU F 124 4.58 53.63 102.21
C GLU F 124 5.72 54.35 102.92
N LYS F 125 6.77 54.64 102.17
CA LYS F 125 7.92 55.32 102.73
C LYS F 125 8.64 56.16 101.66
N PRO F 126 8.84 55.61 100.43
CA PRO F 126 9.52 56.30 99.31
C PRO F 126 9.04 57.71 98.95
N ILE F 127 9.79 58.72 99.36
CA ILE F 127 9.41 60.09 99.05
C ILE F 127 9.33 60.25 97.53
N THR F 128 8.66 61.31 97.08
CA THR F 128 8.49 61.56 95.64
C THR F 128 8.81 63.01 95.30
N ILE F 129 10.07 63.30 94.99
CA ILE F 129 10.41 64.68 94.66
C ILE F 129 9.93 65.06 93.25
N GLU F 130 9.86 66.36 92.99
CA GLU F 130 9.43 66.89 91.70
C GLU F 130 10.38 68.04 91.33
N VAL F 131 11.19 67.82 90.30
CA VAL F 131 12.18 68.78 89.83
C VAL F 131 11.61 69.92 89.02
N VAL F 132 12.04 71.13 89.31
CA VAL F 132 11.57 72.30 88.55
C VAL F 132 12.78 73.16 88.19
N SER F 133 13.74 72.55 87.50
CA SER F 133 14.96 73.24 87.08
C SER F 133 14.65 74.46 86.21
N MET F 134 14.68 75.63 86.84
CA MET F 134 14.42 76.90 86.18
C MET F 134 15.76 77.49 85.72
N ASP F 135 15.79 78.81 85.51
CA ASP F 135 17.02 79.44 85.05
C ASP F 135 18.20 79.45 86.01
N TRP F 136 19.12 78.52 85.76
CA TRP F 136 20.36 78.36 86.52
C TRP F 136 20.19 78.03 87.99
N LYS F 137 19.07 77.39 88.31
CA LYS F 137 18.78 76.99 89.68
C LYS F 137 17.98 75.69 89.66
N TRP F 138 17.87 75.03 90.82
CA TRP F 138 17.13 73.77 90.91
C TRP F 138 16.09 73.76 92.03
N PHE F 139 14.89 74.25 91.71
CA PHE F 139 13.78 74.31 92.65
C PHE F 139 13.15 72.92 92.80
N PHE F 140 12.56 72.66 93.97
CA PHE F 140 11.94 71.38 94.23
C PHE F 140 10.57 71.50 94.89
N ILE F 141 9.74 70.49 94.66
CA ILE F 141 8.37 70.43 95.22
C ILE F 141 8.12 69.15 96.01
N TYR F 142 7.78 69.29 97.28
CA TYR F 142 7.47 68.17 98.15
C TYR F 142 5.94 68.11 98.27
N PRO F 143 5.32 67.11 97.59
CA PRO F 143 3.87 66.90 97.58
C PRO F 143 3.19 66.72 98.93
N GLU F 144 3.79 65.93 99.81
CA GLU F 144 3.20 65.69 101.12
C GLU F 144 4.07 66.20 102.26
N GLN F 145 4.70 67.35 102.06
CA GLN F 145 5.56 67.93 103.09
C GLN F 145 5.23 69.39 103.41
N GLY F 146 5.14 70.23 102.39
CA GLY F 146 4.79 71.62 102.62
C GLY F 146 5.88 72.66 102.49
N ILE F 147 7.07 72.24 102.09
CA ILE F 147 8.21 73.14 101.91
C ILE F 147 8.72 73.19 100.47
N ALA F 148 9.78 73.96 100.26
CA ALA F 148 10.39 74.11 98.94
C ALA F 148 11.90 74.31 99.03
N THR F 149 12.61 73.91 97.98
CA THR F 149 14.06 74.03 97.95
C THR F 149 14.58 74.63 96.66
N VAL F 150 15.88 74.90 96.67
CA VAL F 150 16.62 75.49 95.56
C VAL F 150 18.11 75.12 95.68
N ASN F 151 18.59 74.29 94.75
CA ASN F 151 19.99 73.84 94.69
C ASN F 151 20.41 72.79 95.74
N GLU F 152 19.43 72.14 96.37
CA GLU F 152 19.71 71.09 97.34
C GLU F 152 18.47 70.28 97.77
N ILE F 153 18.59 68.96 97.62
CA ILE F 153 17.54 68.00 97.97
C ILE F 153 18.11 66.90 98.85
N ALA F 154 17.65 66.84 100.10
CA ALA F 154 18.10 65.82 101.04
C ALA F 154 17.14 64.64 100.99
N PHE F 155 17.56 63.53 101.58
CA PHE F 155 16.74 62.33 101.60
C PHE F 155 17.42 61.26 102.42
N PRO F 156 16.63 60.35 103.00
CA PRO F 156 17.18 59.27 103.82
C PRO F 156 18.10 58.35 103.03
N ALA F 157 18.66 57.37 103.74
CA ALA F 157 19.54 56.39 103.12
C ALA F 157 18.72 55.14 102.82
N ASN F 158 19.32 54.21 102.08
CA ASN F 158 18.65 52.96 101.72
C ASN F 158 17.16 53.17 101.64
N THR F 159 16.74 53.85 100.58
CA THR F 159 15.33 54.12 100.37
C THR F 159 15.09 54.55 98.91
N PRO F 160 13.84 54.49 98.46
CA PRO F 160 13.53 54.88 97.07
C PRO F 160 13.35 56.39 96.89
N VAL F 161 14.04 56.94 95.88
CA VAL F 161 13.93 58.36 95.58
C VAL F 161 13.14 58.52 94.26
N TYR F 162 11.83 58.79 94.38
CA TYR F 162 10.95 58.98 93.21
C TYR F 162 11.11 60.35 92.57
N PHE F 163 11.62 60.35 91.34
CA PHE F 163 11.88 61.59 90.61
C PHE F 163 10.87 61.99 89.54
N LYS F 164 10.20 63.12 89.78
CA LYS F 164 9.23 63.69 88.84
C LYS F 164 9.96 64.87 88.22
N VAL F 165 10.18 64.85 86.91
CA VAL F 165 10.92 65.93 86.31
C VAL F 165 10.33 66.52 85.02
N THR F 166 10.68 67.77 84.78
CA THR F 166 10.23 68.51 83.62
C THR F 166 11.03 69.79 83.51
N SER F 167 10.47 70.80 82.85
CA SER F 167 11.18 72.06 82.66
C SER F 167 10.28 73.31 82.55
N ASN F 168 10.78 74.45 83.03
CA ASN F 168 10.04 75.71 82.96
C ASN F 168 10.62 76.57 81.85
N SER F 169 11.93 76.44 81.64
CA SER F 169 12.65 77.20 80.61
C SER F 169 13.09 76.20 79.56
N VAL F 170 14.40 76.08 79.35
CA VAL F 170 14.86 75.13 78.37
C VAL F 170 15.03 73.82 79.10
N MET F 171 15.15 72.75 78.33
CA MET F 171 15.31 71.42 78.88
C MET F 171 16.65 71.31 79.62
N ASN F 172 16.83 70.23 80.37
CA ASN F 172 18.07 70.05 81.10
C ASN F 172 18.19 68.59 81.51
N SER F 173 19.25 68.30 82.24
CA SER F 173 19.56 66.95 82.70
C SER F 173 19.64 66.86 84.21
N PHE F 174 19.00 65.81 84.73
CA PHE F 174 19.02 65.53 86.17
C PHE F 174 20.04 64.40 86.29
N PHE F 175 21.16 64.69 86.94
CA PHE F 175 22.23 63.70 87.09
C PHE F 175 23.10 63.77 88.34
N ILE F 176 23.29 62.61 88.95
CA ILE F 176 24.11 62.45 90.13
C ILE F 176 25.18 61.41 89.77
N PRO F 177 26.42 61.88 89.53
CA PRO F 177 27.57 61.03 89.16
C PRO F 177 27.76 59.80 90.02
N ARG F 178 28.24 60.00 91.24
CA ARG F 178 28.46 58.92 92.19
C ARG F 178 27.23 58.03 92.38
N LEU F 179 26.17 58.33 91.65
CA LEU F 179 24.94 57.55 91.74
C LEU F 179 24.48 57.07 90.37
N GLY F 180 25.24 57.44 89.34
CA GLY F 180 24.91 57.03 87.99
C GLY F 180 23.43 57.20 87.72
N SER F 181 22.95 58.41 87.92
CA SER F 181 21.54 58.69 87.72
C SER F 181 21.35 59.89 86.82
N GLN F 182 21.20 59.66 85.53
CA GLN F 182 21.00 60.77 84.60
C GLN F 182 19.70 60.60 83.83
N ILE F 183 19.16 61.73 83.39
CA ILE F 183 17.92 61.71 82.63
C ILE F 183 17.66 63.13 82.18
N TYR F 184 16.87 63.27 81.12
CA TYR F 184 16.57 64.59 80.62
C TYR F 184 15.48 65.24 81.45
N ALA F 185 15.04 66.41 81.01
CA ALA F 185 14.00 67.18 81.67
C ALA F 185 13.47 68.15 80.61
N MET F 186 12.68 67.62 79.69
CA MET F 186 12.13 68.43 78.61
C MET F 186 10.96 69.26 79.07
N ALA F 187 10.84 70.47 78.52
CA ALA F 187 9.74 71.34 78.90
C ALA F 187 8.41 70.65 78.57
N GLY F 188 7.40 70.90 79.40
CA GLY F 188 6.09 70.31 79.16
C GLY F 188 5.97 68.80 79.19
N MET F 189 6.75 68.13 80.05
CA MET F 189 6.69 66.68 80.18
C MET F 189 7.31 66.12 81.46
N GLN F 190 6.79 64.98 81.90
CA GLN F 190 7.22 64.31 83.13
C GLN F 190 8.25 63.22 82.89
N THR F 191 9.40 63.34 83.55
CA THR F 191 10.45 62.34 83.40
C THR F 191 10.41 61.36 84.56
N ARG F 192 10.50 60.06 84.28
CA ARG F 192 10.45 59.06 85.34
C ARG F 192 11.78 58.39 85.61
N LEU F 193 12.15 58.38 86.90
CA LEU F 193 13.40 57.78 87.34
C LEU F 193 13.37 57.65 88.86
N HIS F 194 13.92 56.55 89.36
CA HIS F 194 13.96 56.31 90.80
C HIS F 194 15.40 56.00 91.19
N LEU F 195 15.70 56.10 92.47
CA LEU F 195 17.05 55.85 92.97
C LEU F 195 17.18 55.37 94.41
N ILE F 196 18.25 54.61 94.64
CA ILE F 196 18.58 54.03 95.93
C ILE F 196 20.00 54.39 96.36
N ALA F 197 20.08 55.11 97.47
CA ALA F 197 21.36 55.49 98.04
C ALA F 197 21.64 54.46 99.11
N ASN F 198 22.89 54.01 99.20
CA ASN F 198 23.26 53.01 100.19
C ASN F 198 24.36 53.48 101.13
N GLU F 199 24.47 54.79 101.32
CA GLU F 199 25.49 55.35 102.22
C GLU F 199 25.27 56.84 102.45
N PRO F 200 25.43 57.30 103.71
CA PRO F 200 25.25 58.72 104.06
C PRO F 200 26.14 59.64 103.23
N GLY F 201 26.26 60.89 103.70
CA GLY F 201 27.07 61.87 103.00
C GLY F 201 26.30 62.71 102.00
N THR F 202 26.83 63.89 101.67
CA THR F 202 26.21 64.79 100.71
C THR F 202 26.75 64.45 99.34
N TYR F 203 26.16 65.05 98.31
CA TYR F 203 26.60 64.78 96.94
C TYR F 203 26.37 66.00 96.07
N ASP F 204 26.56 65.84 94.76
CA ASP F 204 26.37 66.94 93.81
C ASP F 204 25.72 66.47 92.51
N GLY F 205 24.95 67.37 91.90
CA GLY F 205 24.29 67.05 90.65
C GLY F 205 24.56 68.09 89.57
N ILE F 206 24.89 67.60 88.37
CA ILE F 206 25.18 68.47 87.23
C ILE F 206 24.02 68.62 86.25
N SER F 207 24.19 69.55 85.30
CA SER F 207 23.19 69.89 84.28
C SER F 207 23.11 69.00 83.02
N ALA F 208 22.73 69.61 81.90
CA ALA F 208 22.61 68.88 80.64
C ALA F 208 23.59 69.40 79.60
N SER F 209 23.77 68.63 78.53
CA SER F 209 24.69 68.96 77.43
C SER F 209 24.63 70.40 76.89
N TYR F 210 23.58 71.13 77.23
CA TYR F 210 23.43 72.49 76.74
C TYR F 210 24.35 73.47 77.42
N SER F 211 24.93 74.37 76.63
CA SER F 211 25.84 75.38 77.16
C SER F 211 25.39 76.81 76.95
N GLY F 212 25.55 77.64 77.99
CA GLY F 212 25.16 79.03 77.91
C GLY F 212 25.36 79.70 79.27
N PRO F 213 25.15 81.02 79.39
CA PRO F 213 25.34 81.73 80.66
C PRO F 213 24.78 81.02 81.89
N GLY F 214 25.63 80.26 82.59
CA GLY F 214 25.19 79.57 83.79
C GLY F 214 24.94 78.08 83.68
N PHE F 215 25.04 77.54 82.48
CA PHE F 215 24.82 76.12 82.32
C PHE F 215 25.96 75.39 83.02
N SER F 216 26.99 76.13 83.41
CA SER F 216 28.17 75.57 84.08
C SER F 216 28.24 75.92 85.55
N GLY F 217 27.10 76.37 86.08
CA GLY F 217 27.05 76.72 87.49
C GLY F 217 25.92 76.05 88.24
N MET F 218 25.01 75.43 87.49
CA MET F 218 23.84 74.72 88.01
C MET F 218 24.18 73.36 88.68
N LYS F 219 24.78 73.47 89.86
CA LYS F 219 25.18 72.33 90.66
C LYS F 219 24.40 72.32 91.98
N PHE F 220 23.95 71.14 92.39
CA PHE F 220 23.21 71.00 93.64
C PHE F 220 23.78 69.82 94.40
N LYS F 221 23.36 69.66 95.65
CA LYS F 221 23.87 68.53 96.44
C LYS F 221 22.83 67.43 96.58
N ALA F 222 23.18 66.40 97.36
CA ALA F 222 22.31 65.26 97.63
C ALA F 222 22.47 64.79 99.09
N ILE F 223 22.49 65.73 100.02
CA ILE F 223 22.65 65.42 101.45
C ILE F 223 22.01 64.11 101.87
N ALA F 224 22.83 63.08 102.06
CA ALA F 224 22.31 61.79 102.49
C ALA F 224 22.70 61.55 103.95
N THR F 225 21.83 61.97 104.88
CA THR F 225 22.10 61.82 106.30
C THR F 225 22.01 60.37 106.80
N PRO F 226 22.53 60.11 108.01
CA PRO F 226 22.56 58.81 108.69
C PRO F 226 21.22 58.06 108.72
N ASP F 227 20.16 58.74 109.18
CA ASP F 227 18.81 58.15 109.23
C ASP F 227 17.76 59.24 108.93
N ARG F 228 16.49 58.83 108.83
CA ARG F 228 15.39 59.75 108.53
C ARG F 228 14.98 60.61 109.72
N ALA F 229 15.44 60.25 110.92
CA ALA F 229 15.13 61.03 112.11
C ALA F 229 15.64 62.45 111.90
N ALA F 230 16.85 62.55 111.37
CA ALA F 230 17.46 63.84 111.08
C ALA F 230 16.90 64.41 109.77
N PHE F 231 16.19 63.56 109.03
CA PHE F 231 15.58 63.93 107.74
C PHE F 231 14.28 64.67 108.00
N ASP F 232 13.56 64.23 109.01
CA ASP F 232 12.30 64.83 109.39
C ASP F 232 12.57 66.29 109.75
N GLN F 233 13.80 66.57 110.18
CA GLN F 233 14.20 67.92 110.58
C GLN F 233 14.60 68.83 109.42
N TRP F 234 15.03 68.23 108.32
CA TRP F 234 15.43 68.98 107.14
C TRP F 234 14.23 69.78 106.64
N VAL F 235 13.06 69.15 106.72
CA VAL F 235 11.81 69.78 106.32
C VAL F 235 11.51 70.82 107.38
N ALA F 236 11.70 70.43 108.63
CA ALA F 236 11.45 71.29 109.76
C ALA F 236 12.09 72.66 109.59
N LYS F 237 13.42 72.67 109.42
CA LYS F 237 14.18 73.91 109.25
C LYS F 237 13.58 74.81 108.18
N ALA F 238 13.18 74.19 107.07
CA ALA F 238 12.56 74.91 105.96
C ALA F 238 11.20 75.44 106.40
N LYS F 239 10.40 74.60 107.04
CA LYS F 239 9.09 74.99 107.53
C LYS F 239 9.18 76.37 108.17
N GLN F 240 10.32 76.63 108.80
CA GLN F 240 10.56 77.91 109.46
C GLN F 240 10.79 79.03 108.44
N SER F 241 11.46 78.70 107.33
CA SER F 241 11.75 79.70 106.30
C SER F 241 10.60 80.70 106.21
N PRO F 242 10.92 82.00 106.28
CA PRO F 242 9.95 83.10 106.21
C PRO F 242 9.44 83.39 104.80
N ASN F 243 9.52 82.40 103.93
CA ASN F 243 9.09 82.54 102.55
C ASN F 243 8.38 81.28 102.08
N THR F 244 7.31 81.48 101.32
CA THR F 244 6.51 80.38 100.78
C THR F 244 6.23 80.54 99.27
N MET F 245 6.01 79.39 98.62
CA MET F 245 5.71 79.33 97.19
C MET F 245 4.21 78.96 97.12
N SER F 246 3.37 79.96 97.36
CA SER F 246 1.93 79.75 97.37
C SER F 246 1.27 79.98 96.02
N ASP F 247 1.90 80.78 95.16
CA ASP F 247 1.30 81.04 93.85
C ASP F 247 2.22 81.14 92.64
N MET F 248 1.58 81.19 91.47
CA MET F 248 2.24 81.29 90.17
C MET F 248 2.85 82.66 89.93
N ALA F 249 2.27 83.68 90.56
CA ALA F 249 2.79 85.03 90.43
C ALA F 249 4.11 85.07 91.19
N ALA F 250 4.11 84.42 92.35
CA ALA F 250 5.30 84.37 93.18
C ALA F 250 6.25 83.36 92.55
N PHE F 251 5.67 82.34 91.91
CA PHE F 251 6.43 81.29 91.27
C PHE F 251 7.35 81.80 90.16
N GLU F 252 6.83 82.67 89.31
CA GLU F 252 7.63 83.22 88.23
C GLU F 252 8.69 84.13 88.83
N LYS F 253 8.49 84.50 90.10
CA LYS F 253 9.43 85.37 90.79
C LYS F 253 10.72 84.61 91.16
N LEU F 254 10.57 83.39 91.63
CA LEU F 254 11.73 82.57 92.01
C LEU F 254 12.40 82.01 90.76
N ALA F 255 11.71 82.08 89.63
CA ALA F 255 12.22 81.57 88.36
C ALA F 255 12.74 82.69 87.49
N ALA F 256 12.80 83.90 88.04
CA ALA F 256 13.28 85.05 87.30
C ALA F 256 14.80 84.96 87.10
N PRO F 257 15.32 85.60 86.03
CA PRO F 257 16.74 85.61 85.68
C PRO F 257 17.73 85.85 86.83
N SER F 258 18.40 84.77 87.23
CA SER F 258 19.38 84.82 88.30
C SER F 258 20.25 83.56 88.29
N GLU F 259 21.52 83.71 87.89
CA GLU F 259 22.46 82.59 87.84
C GLU F 259 22.87 82.22 89.27
N TYR F 260 23.43 81.02 89.43
CA TYR F 260 23.87 80.54 90.75
C TYR F 260 23.01 80.99 91.93
N ASN F 261 21.91 80.30 92.17
CA ASN F 261 21.06 80.68 93.26
C ASN F 261 21.51 79.98 94.54
N GLN F 262 21.66 80.74 95.62
CA GLN F 262 22.09 80.21 96.91
C GLN F 262 21.04 79.23 97.42
N VAL F 263 21.48 78.22 98.15
CA VAL F 263 20.55 77.23 98.68
C VAL F 263 19.43 77.95 99.50
N GLU F 264 18.33 78.27 98.82
CA GLU F 264 17.19 78.94 99.47
C GLU F 264 16.15 77.93 99.93
N TYR F 265 14.99 78.41 100.36
CA TYR F 265 13.94 77.53 100.85
C TYR F 265 12.57 78.18 100.73
N PHE F 266 11.55 77.48 101.23
CA PHE F 266 10.16 77.95 101.23
C PHE F 266 9.39 77.10 102.22
N SER F 267 8.60 77.76 103.06
CA SER F 267 7.80 77.08 104.07
C SER F 267 6.36 76.76 103.64
N ASN F 268 6.11 76.76 102.33
CA ASN F 268 4.77 76.50 101.82
C ASN F 268 4.81 76.35 100.30
N VAL F 269 4.05 75.38 99.77
CA VAL F 269 4.00 75.11 98.32
C VAL F 269 2.58 74.79 97.84
N LYS F 270 2.03 75.67 96.99
CA LYS F 270 0.69 75.49 96.45
C LYS F 270 0.38 74.00 96.21
N PRO F 271 -0.78 73.51 96.71
CA PRO F 271 -1.23 72.12 96.59
C PRO F 271 -0.88 71.40 95.30
N ASP F 272 -0.87 72.12 94.19
CA ASP F 272 -0.57 71.47 92.92
C ASP F 272 0.33 72.32 92.04
N LEU F 273 1.54 72.60 92.52
CA LEU F 273 2.47 73.41 91.75
C LEU F 273 2.99 72.67 90.52
N PHE F 274 3.30 71.39 90.70
CA PHE F 274 3.82 70.57 89.61
C PHE F 274 2.90 70.78 88.43
N ALA F 275 1.68 70.29 88.58
CA ALA F 275 0.69 70.41 87.52
C ALA F 275 0.57 71.86 87.12
N ASP F 276 0.83 72.77 88.04
CA ASP F 276 0.72 74.19 87.72
C ASP F 276 1.63 74.54 86.56
N VAL F 277 2.81 73.90 86.51
CA VAL F 277 3.81 74.16 85.45
C VAL F 277 3.44 73.57 84.10
N ILE F 278 3.36 72.24 84.04
CA ILE F 278 3.01 71.57 82.80
C ILE F 278 1.85 72.29 82.15
N ASN F 279 0.74 72.40 82.87
CA ASN F 279 -0.45 73.05 82.34
C ASN F 279 -0.16 74.34 81.57
N LYS F 280 0.38 75.33 82.27
CA LYS F 280 0.69 76.60 81.63
C LYS F 280 1.50 76.38 80.36
N PHE F 281 2.39 75.40 80.39
CA PHE F 281 3.21 75.10 79.23
C PHE F 281 2.68 73.92 78.43
N MET F 282 1.36 73.88 78.26
CA MET F 282 0.70 72.83 77.49
C MET F 282 -0.55 73.43 76.93
N ALA F 283 -0.90 74.62 77.41
CA ALA F 283 -2.09 75.28 76.92
C ALA F 283 -1.89 76.81 76.84
N HIS G 19 28.12 59.00 21.96
CA HIS G 19 27.00 58.05 21.70
C HIS G 19 26.85 57.17 22.93
N ASP G 20 26.57 57.83 24.05
CA ASP G 20 26.36 57.18 25.33
C ASP G 20 26.09 58.27 26.37
N ALA G 21 26.79 59.38 26.24
CA ALA G 21 26.64 60.50 27.15
C ALA G 21 25.33 61.24 26.92
N GLY G 22 24.62 60.86 25.85
CA GLY G 22 23.34 61.48 25.54
C GLY G 22 22.44 61.49 26.75
N GLY G 23 21.87 60.32 27.07
CA GLY G 23 20.99 60.21 28.22
C GLY G 23 21.72 60.00 29.54
N THR G 24 22.63 60.92 29.84
CA THR G 24 23.40 60.83 31.07
C THR G 24 22.79 61.68 32.16
N LYS G 25 22.38 62.89 31.83
CA LYS G 25 21.77 63.77 32.81
C LYS G 25 20.46 63.17 33.31
N ILE G 26 19.98 62.13 32.62
CA ILE G 26 18.74 61.46 32.99
C ILE G 26 18.92 60.65 34.28
N PHE G 27 19.75 59.62 34.22
CA PHE G 27 20.01 58.81 35.40
C PHE G 27 20.74 59.78 36.33
N GLY G 28 21.17 60.89 35.76
CA GLY G 28 21.86 61.91 36.51
C GLY G 28 20.89 62.94 37.02
N PHE G 29 19.62 62.54 37.06
CA PHE G 29 18.60 63.43 37.56
C PHE G 29 17.59 62.51 38.20
N TRP G 30 17.49 61.33 37.57
CA TRP G 30 16.61 60.32 38.11
C TRP G 30 17.05 59.86 39.49
N ILE G 31 18.19 60.47 39.88
CA ILE G 31 18.76 60.20 41.18
C ILE G 31 18.56 61.51 41.92
N TYR G 32 18.51 62.59 41.15
CA TYR G 32 18.31 63.94 41.67
C TYR G 32 16.94 64.03 42.35
N LEU G 33 16.13 63.01 42.14
CA LEU G 33 14.80 62.93 42.73
C LEU G 33 14.99 62.46 44.16
N MET G 34 16.02 61.64 44.38
CA MET G 34 16.32 61.11 45.69
C MET G 34 16.61 62.23 46.68
N SER G 35 16.50 63.47 46.22
CA SER G 35 16.70 64.62 47.10
C SER G 35 15.34 65.19 47.41
N ASP G 36 14.48 65.20 46.42
CA ASP G 36 13.14 65.73 46.62
C ASP G 36 12.18 64.58 46.81
N CYS G 37 12.72 63.40 47.02
CA CYS G 37 11.89 62.21 47.24
C CYS G 37 11.92 61.83 48.70
N ILE G 38 13.04 62.11 49.36
CA ILE G 38 13.19 61.81 50.78
C ILE G 38 12.69 63.02 51.56
N LEU G 39 12.89 64.21 51.01
CA LEU G 39 12.40 65.41 51.68
C LEU G 39 10.92 65.18 51.99
N PHE G 40 10.16 64.82 50.96
CA PHE G 40 8.73 64.58 51.13
C PHE G 40 8.38 63.37 52.00
N SER G 41 9.41 62.71 52.53
CA SER G 41 9.17 61.56 53.39
C SER G 41 9.46 61.93 54.84
N ILE G 42 10.57 62.61 55.08
CA ILE G 42 10.83 62.96 56.46
C ILE G 42 9.77 63.98 56.87
N LEU G 43 9.43 64.88 55.96
CA LEU G 43 8.43 65.91 56.20
C LEU G 43 7.14 65.25 56.73
N PHE G 44 6.65 64.27 55.97
CA PHE G 44 5.44 63.50 56.29
C PHE G 44 5.58 62.90 57.68
N ALA G 45 6.81 62.51 58.01
CA ALA G 45 7.11 61.92 59.31
C ALA G 45 6.83 62.95 60.39
N THR G 46 7.20 64.20 60.15
CA THR G 46 6.97 65.28 61.11
C THR G 46 5.46 65.39 61.31
N TYR G 47 4.74 65.63 60.22
CA TYR G 47 3.29 65.74 60.27
C TYR G 47 2.79 64.48 60.97
N ALA G 48 3.14 63.33 60.41
CA ALA G 48 2.75 62.04 60.96
C ALA G 48 2.99 61.98 62.47
N VAL G 49 3.69 62.98 62.99
CA VAL G 49 3.96 63.05 64.42
C VAL G 49 3.00 64.14 64.91
N LEU G 50 3.20 65.34 64.37
CA LEU G 50 2.38 66.50 64.72
C LEU G 50 0.94 66.26 64.33
N VAL G 51 0.39 65.15 64.82
CA VAL G 51 -0.98 64.79 64.52
C VAL G 51 -1.71 64.15 65.71
N ASN G 52 -1.16 63.03 66.18
CA ASN G 52 -1.74 62.29 67.29
C ASN G 52 -1.84 63.12 68.57
N GLY G 53 -1.62 64.42 68.44
CA GLY G 53 -1.71 65.30 69.60
C GLY G 53 -3.16 65.54 69.99
N THR G 54 -4.07 64.83 69.33
CA THR G 54 -5.50 64.96 69.59
C THR G 54 -6.02 66.34 69.20
N ALA G 55 -7.01 66.36 68.34
CA ALA G 55 -7.61 67.62 67.88
C ALA G 55 -8.22 68.36 69.06
N GLY G 56 -7.46 69.29 69.64
CA GLY G 56 -7.94 70.04 70.78
C GLY G 56 -8.63 71.34 70.42
N GLY G 57 -9.95 71.32 70.41
CA GLY G 57 -10.72 72.51 70.10
C GLY G 57 -10.55 73.02 68.67
N PRO G 58 -9.96 74.21 68.49
CA PRO G 58 -9.72 74.82 67.18
C PRO G 58 -9.19 73.84 66.14
N THR G 59 -10.02 73.55 65.13
CA THR G 59 -9.65 72.63 64.07
C THR G 59 -10.29 73.03 62.76
N GLY G 60 -9.48 73.23 61.73
CA GLY G 60 -10.00 73.61 60.43
C GLY G 60 -10.31 72.40 59.56
N LYS G 61 -11.56 72.26 59.16
CA LYS G 61 -11.98 71.15 58.33
C LYS G 61 -11.97 71.52 56.85
N ASP G 62 -11.96 70.50 55.99
CA ASP G 62 -11.94 70.70 54.56
C ASP G 62 -13.06 69.88 53.90
N ILE G 63 -13.85 70.52 53.05
CA ILE G 63 -14.95 69.87 52.36
C ILE G 63 -14.44 69.18 51.09
N PHE G 64 -14.94 67.99 50.82
CA PHE G 64 -14.54 67.20 49.66
C PHE G 64 -15.08 67.73 48.34
N GLU G 65 -14.47 68.82 47.85
CA GLU G 65 -14.84 69.43 46.59
C GLU G 65 -13.56 70.00 45.97
N LEU G 66 -12.86 70.83 46.73
CA LEU G 66 -11.60 71.39 46.27
C LEU G 66 -10.58 70.26 46.07
N PRO G 67 -10.48 69.34 47.05
CA PRO G 67 -9.54 68.22 46.97
C PRO G 67 -10.02 67.17 45.97
N PHE G 68 -10.77 67.63 44.98
CA PHE G 68 -11.29 66.79 43.93
C PHE G 68 -11.11 67.59 42.67
N VAL G 69 -11.15 68.90 42.81
CA VAL G 69 -10.95 69.80 41.69
C VAL G 69 -9.46 70.10 41.63
N LEU G 70 -8.83 70.11 42.79
CA LEU G 70 -7.39 70.33 42.87
C LEU G 70 -6.75 69.08 42.31
N VAL G 71 -7.20 67.93 42.82
CA VAL G 71 -6.71 66.64 42.41
C VAL G 71 -6.88 66.40 40.91
N GLU G 72 -8.13 66.45 40.45
CA GLU G 72 -8.47 66.24 39.05
C GLU G 72 -7.50 67.03 38.19
N THR G 73 -7.50 68.34 38.36
CA THR G 73 -6.60 69.23 37.62
C THR G 73 -5.23 68.57 37.54
N PHE G 74 -4.55 68.54 38.68
CA PHE G 74 -3.22 67.97 38.79
C PHE G 74 -3.17 66.53 38.30
N LEU G 75 -4.34 65.90 38.18
CA LEU G 75 -4.43 64.52 37.72
C LEU G 75 -4.43 64.44 36.19
N LEU G 76 -5.03 65.43 35.55
CA LEU G 76 -5.08 65.45 34.09
C LEU G 76 -3.65 65.56 33.54
N LEU G 77 -2.76 66.18 34.32
CA LEU G 77 -1.36 66.37 33.93
C LEU G 77 -0.60 65.05 33.91
N PHE G 78 -1.01 64.14 34.83
CA PHE G 78 -0.45 62.82 34.89
C PHE G 78 -0.63 62.23 33.50
N SER G 79 -1.65 62.71 32.82
CA SER G 79 -1.97 62.24 31.47
C SER G 79 -2.10 63.39 30.48
N SER G 80 -1.45 64.49 30.79
CA SER G 80 -1.37 65.65 29.93
C SER G 80 0.00 65.57 29.30
N ILE G 81 0.64 64.44 29.61
CA ILE G 81 1.99 64.10 29.18
C ILE G 81 1.99 62.66 28.72
N THR G 82 0.93 61.93 29.13
CA THR G 82 0.77 60.50 28.75
C THR G 82 0.19 60.47 27.35
N TYR G 83 -0.68 61.42 27.07
CA TYR G 83 -1.28 61.51 25.75
C TYR G 83 -0.40 62.44 24.93
N GLY G 84 0.67 62.94 25.56
CA GLY G 84 1.59 63.85 24.90
C GLY G 84 2.97 63.30 24.52
N MET G 85 3.72 62.77 25.49
CA MET G 85 5.06 62.20 25.24
C MET G 85 5.20 61.66 23.83
N ALA G 86 4.25 60.83 23.42
CA ALA G 86 4.25 60.23 22.10
C ALA G 86 4.18 61.33 21.06
N ALA G 87 3.05 62.04 21.05
CA ALA G 87 2.83 63.16 20.13
C ALA G 87 3.71 64.32 20.59
N ILE G 88 4.93 63.96 20.98
CA ILE G 88 5.91 64.91 21.45
C ILE G 88 7.25 64.58 20.78
N ALA G 89 7.44 63.30 20.47
CA ALA G 89 8.67 62.83 19.83
C ALA G 89 8.62 61.32 19.63
N MET G 90 8.42 60.59 20.72
CA MET G 90 8.29 59.12 20.64
C MET G 90 7.54 58.81 19.37
N TYR G 91 6.26 59.12 19.39
CA TYR G 91 5.49 58.95 18.17
C TYR G 91 6.01 60.02 17.19
N LYS G 92 6.03 59.71 15.93
CA LYS G 92 6.54 60.66 14.95
C LYS G 92 6.19 62.12 15.27
N ASN G 93 7.17 62.84 15.81
CA ASN G 93 7.00 64.23 16.19
C ASN G 93 6.25 65.06 15.17
N ASN G 94 5.69 66.17 15.64
CA ASN G 94 4.94 67.05 14.78
C ASN G 94 5.09 68.48 15.24
N LYS G 95 6.32 68.83 15.62
CA LYS G 95 6.67 70.17 16.07
C LYS G 95 5.63 70.74 17.03
N SER G 96 4.87 71.73 16.56
CA SER G 96 3.85 72.37 17.38
C SER G 96 3.08 71.36 18.21
N GLN G 97 2.74 70.23 17.61
CA GLN G 97 1.98 69.18 18.30
C GLN G 97 2.65 68.72 19.58
N VAL G 98 3.61 69.50 20.05
CA VAL G 98 4.34 69.18 21.27
C VAL G 98 4.44 70.44 22.12
N ILE G 99 3.71 71.47 21.72
CA ILE G 99 3.73 72.75 22.42
C ILE G 99 2.38 73.20 22.97
N SER G 100 1.36 73.21 22.11
CA SER G 100 0.02 73.63 22.52
C SER G 100 -0.39 72.81 23.71
N TRP G 101 0.08 71.55 23.73
CA TRP G 101 -0.20 70.62 24.80
C TRP G 101 0.53 71.03 26.08
N LEU G 102 1.81 71.36 25.94
CA LEU G 102 2.60 71.80 27.09
C LEU G 102 1.81 72.97 27.67
N ALA G 103 1.37 73.86 26.78
CA ALA G 103 0.59 75.04 27.15
C ALA G 103 -0.57 74.66 28.07
N LEU G 104 -1.46 73.83 27.57
CA LEU G 104 -2.60 73.36 28.36
C LEU G 104 -2.05 72.92 29.69
N THR G 105 -1.06 72.04 29.61
CA THR G 105 -0.40 71.51 30.78
C THR G 105 0.02 72.63 31.73
N TRP G 106 0.72 73.65 31.21
CA TRP G 106 1.15 74.76 32.06
C TRP G 106 -0.08 75.46 32.63
N LEU G 107 -1.19 75.36 31.91
CA LEU G 107 -2.43 75.98 32.34
C LEU G 107 -2.93 75.33 33.62
N PHE G 108 -3.13 74.02 33.58
CA PHE G 108 -3.57 73.33 34.78
C PHE G 108 -2.60 73.71 35.88
N GLY G 109 -1.38 74.06 35.48
CA GLY G 109 -0.36 74.46 36.43
C GLY G 109 -0.88 75.49 37.40
N ALA G 110 -0.75 76.76 37.02
CA ALA G 110 -1.21 77.86 37.85
C ALA G 110 -2.58 77.57 38.46
N GLY G 111 -3.40 76.82 37.73
CA GLY G 111 -4.70 76.48 38.26
C GLY G 111 -4.46 75.78 39.57
N PHE G 112 -3.94 74.56 39.50
CA PHE G 112 -3.65 73.77 40.68
C PHE G 112 -3.01 74.61 41.77
N ILE G 113 -2.18 75.57 41.36
CA ILE G 113 -1.50 76.47 42.30
C ILE G 113 -2.49 77.52 42.81
N GLY G 114 -3.52 77.77 42.00
CA GLY G 114 -4.53 78.73 42.39
C GLY G 114 -5.32 78.33 43.62
N MET G 115 -6.04 77.21 43.55
CA MET G 115 -6.81 76.77 44.71
C MET G 115 -5.86 76.67 45.89
N GLU G 116 -4.60 76.32 45.60
CA GLU G 116 -3.56 76.18 46.62
C GLU G 116 -3.32 77.53 47.29
N ILE G 117 -3.91 78.57 46.70
CA ILE G 117 -3.79 79.93 47.22
C ILE G 117 -5.14 80.45 47.70
N TYR G 118 -6.21 80.07 47.01
CA TYR G 118 -7.53 80.52 47.41
C TYR G 118 -7.74 80.00 48.83
N GLU G 119 -7.50 78.70 49.03
CA GLU G 119 -7.66 78.06 50.34
C GLU G 119 -6.87 78.79 51.41
N PHE G 120 -5.55 78.86 51.25
CA PHE G 120 -4.72 79.56 52.22
C PHE G 120 -5.39 80.88 52.59
N HIS G 121 -5.55 81.78 51.62
CA HIS G 121 -6.19 83.07 51.89
C HIS G 121 -7.32 82.86 52.88
N HIS G 122 -8.26 82.01 52.50
CA HIS G 122 -9.42 81.69 53.32
C HIS G 122 -9.03 81.17 54.69
N LEU G 123 -7.81 80.68 54.80
CA LEU G 123 -7.32 80.16 56.06
C LEU G 123 -6.48 81.22 56.79
N ILE G 124 -6.66 82.47 56.40
CA ILE G 124 -5.95 83.59 57.01
C ILE G 124 -6.80 84.86 56.87
N VAL G 125 -8.01 84.68 56.36
CA VAL G 125 -8.97 85.77 56.20
C VAL G 125 -9.73 85.79 57.53
N ASN G 126 -10.02 84.59 58.03
CA ASN G 126 -10.72 84.43 59.29
C ASN G 126 -9.67 84.68 60.36
N GLY G 127 -8.55 83.96 60.25
CA GLY G 127 -7.46 84.14 61.20
C GLY G 127 -6.80 85.46 60.87
N MET G 128 -7.08 86.47 61.68
CA MET G 128 -6.54 87.81 61.46
C MET G 128 -5.05 87.94 61.78
N GLY G 129 -4.25 87.02 61.22
CA GLY G 129 -2.82 87.08 61.45
C GLY G 129 -2.24 85.93 62.26
N PRO G 130 -2.39 85.95 63.59
CA PRO G 130 -1.87 84.90 64.48
C PRO G 130 -2.24 83.48 64.07
N ASP G 131 -1.22 82.63 63.93
CA ASP G 131 -1.43 81.24 63.57
C ASP G 131 -1.37 80.42 64.85
N ARG G 132 -2.05 79.28 64.87
CA ARG G 132 -2.08 78.43 66.06
C ARG G 132 -2.03 76.94 65.77
N SER G 133 -1.59 76.17 66.76
CA SER G 133 -1.50 74.72 66.64
C SER G 133 -0.53 74.26 65.56
N GLY G 134 -0.16 72.98 65.60
CA GLY G 134 0.75 72.46 64.61
C GLY G 134 0.04 71.81 63.44
N PHE G 135 -1.18 71.36 63.71
CA PHE G 135 -2.01 70.70 62.71
C PHE G 135 -2.48 71.68 61.64
N LEU G 136 -2.09 72.94 61.82
CA LEU G 136 -2.41 73.98 60.86
C LEU G 136 -1.03 74.60 60.71
N SER G 137 -0.03 73.77 61.00
CA SER G 137 1.35 74.19 60.90
C SER G 137 2.03 73.24 59.94
N ALA G 138 2.30 72.03 60.39
CA ALA G 138 2.94 71.04 59.55
C ALA G 138 2.15 71.00 58.25
N PHE G 139 0.87 70.68 58.33
CA PHE G 139 0.03 70.64 57.13
C PHE G 139 0.27 71.96 56.42
N PHE G 140 0.10 73.05 57.17
CA PHE G 140 0.29 74.41 56.67
C PHE G 140 1.58 74.57 55.88
N ALA G 141 2.45 73.56 55.94
CA ALA G 141 3.71 73.61 55.22
C ALA G 141 3.86 72.45 54.24
N LEU G 142 3.45 71.26 54.66
CA LEU G 142 3.54 70.08 53.81
C LEU G 142 3.18 70.39 52.37
N VAL G 143 2.09 71.11 52.18
CA VAL G 143 1.66 71.48 50.84
C VAL G 143 2.58 72.59 50.31
N GLY G 144 2.79 73.62 51.14
CA GLY G 144 3.64 74.72 50.72
C GLY G 144 4.76 74.23 49.84
N THR G 145 5.48 73.22 50.32
CA THR G 145 6.56 72.64 49.57
C THR G 145 5.93 72.21 48.25
N HIS G 146 5.03 71.25 48.34
CA HIS G 146 4.34 70.73 47.18
C HIS G 146 3.73 71.91 46.43
N GLY G 147 3.77 73.09 47.05
CA GLY G 147 3.23 74.31 46.47
C GLY G 147 4.32 75.24 46.00
N LEU G 148 5.53 74.72 46.00
CA LEU G 148 6.70 75.46 45.55
C LEU G 148 7.31 74.60 44.46
N HIS G 149 7.46 73.30 44.76
CA HIS G 149 8.00 72.37 43.79
C HIS G 149 7.22 72.57 42.50
N VAL G 150 5.91 72.78 42.63
CA VAL G 150 5.07 73.00 41.47
C VAL G 150 4.99 74.51 41.17
N THR G 151 6.13 75.18 41.33
CA THR G 151 6.22 76.60 41.04
C THR G 151 7.38 76.70 40.07
N SER G 152 8.54 76.23 40.52
CA SER G 152 9.74 76.22 39.70
C SER G 152 9.59 75.09 38.70
N GLY G 153 9.18 73.92 39.19
CA GLY G 153 8.96 72.78 38.34
C GLY G 153 7.79 73.10 37.43
N LEU G 154 7.28 74.32 37.57
CA LEU G 154 6.18 74.76 36.75
C LEU G 154 6.63 75.96 35.95
N ILE G 155 7.76 76.52 36.37
CA ILE G 155 8.36 77.67 35.70
C ILE G 155 9.48 77.19 34.77
N TRP G 156 10.26 76.20 35.20
CA TRP G 156 11.33 75.68 34.36
C TRP G 156 10.66 75.08 33.13
N MET G 157 9.46 74.54 33.33
CA MET G 157 8.71 73.94 32.25
C MET G 157 8.39 74.98 31.18
N ALA G 158 7.64 76.01 31.56
CA ALA G 158 7.25 77.08 30.65
C ALA G 158 8.44 77.80 30.04
N VAL G 159 9.55 77.87 30.78
CA VAL G 159 10.74 78.53 30.27
C VAL G 159 11.27 77.72 29.10
N LEU G 160 11.47 76.44 29.35
CA LEU G 160 11.96 75.55 28.31
C LEU G 160 10.97 75.58 27.17
N MET G 161 9.73 75.92 27.49
CA MET G 161 8.69 76.01 26.47
C MET G 161 9.18 76.98 25.40
N VAL G 162 9.46 78.20 25.82
CA VAL G 162 9.95 79.24 24.91
C VAL G 162 11.29 78.77 24.36
N GLN G 163 11.90 77.83 25.05
CA GLN G 163 13.18 77.30 24.62
C GLN G 163 12.94 76.37 23.44
N ILE G 164 12.02 75.41 23.62
CA ILE G 164 11.71 74.45 22.58
C ILE G 164 11.27 75.14 21.31
N ALA G 165 10.96 76.42 21.41
CA ALA G 165 10.55 77.19 20.25
C ALA G 165 11.74 77.34 19.29
N ARG G 166 12.50 78.41 19.48
CA ARG G 166 13.69 78.72 18.67
C ARG G 166 14.61 77.52 18.49
N ARG G 167 14.95 76.87 19.61
CA ARG G 167 15.82 75.70 19.55
C ARG G 167 15.08 74.56 18.89
N GLY G 168 13.90 74.26 19.43
CA GLY G 168 13.09 73.18 18.91
C GLY G 168 13.79 71.84 19.00
N LEU G 169 13.23 70.94 19.81
CA LEU G 169 13.80 69.60 19.95
C LEU G 169 13.06 68.63 19.06
N THR G 170 13.61 67.43 18.90
CA THR G 170 13.01 66.41 18.03
C THR G 170 13.30 64.99 18.51
N SER G 171 12.60 64.02 17.90
CA SER G 171 12.74 62.60 18.23
C SER G 171 14.15 62.18 18.68
N THR G 172 14.20 61.39 19.75
CA THR G 172 15.44 60.91 20.32
C THR G 172 16.21 62.04 20.97
N ASN G 173 16.20 63.19 20.31
CA ASN G 173 16.91 64.37 20.78
C ASN G 173 16.23 65.11 21.93
N ARG G 174 15.05 64.64 22.33
CA ARG G 174 14.34 65.25 23.45
C ARG G 174 14.82 64.63 24.76
N THR G 175 15.65 65.39 25.47
CA THR G 175 16.21 64.94 26.74
C THR G 175 15.37 65.49 27.89
N ARG G 176 15.38 66.82 28.03
CA ARG G 176 14.67 67.48 29.14
C ARG G 176 13.16 67.23 29.22
N ILE G 177 12.45 67.36 28.12
CA ILE G 177 11.01 67.16 28.15
C ILE G 177 10.63 65.70 28.49
N MET G 178 11.59 64.78 28.36
CA MET G 178 11.31 63.38 28.73
C MET G 178 11.89 63.15 30.11
N CYS G 179 12.66 64.15 30.57
CA CYS G 179 13.24 64.14 31.88
C CYS G 179 12.14 64.71 32.76
N LEU G 180 11.77 65.94 32.47
CA LEU G 180 10.71 66.61 33.20
C LEU G 180 9.51 65.69 33.27
N SER G 181 9.28 64.93 32.21
CA SER G 181 8.16 63.98 32.17
C SER G 181 8.43 62.81 33.11
N LEU G 182 9.31 63.02 34.07
CA LEU G 182 9.63 62.00 35.04
C LEU G 182 9.69 62.69 36.39
N PHE G 183 10.07 63.96 36.36
CA PHE G 183 10.12 64.78 37.58
C PHE G 183 8.65 64.96 37.99
N TRP G 184 7.92 65.65 37.13
CA TRP G 184 6.51 65.93 37.35
C TRP G 184 5.73 64.65 37.53
N HIS G 185 5.94 63.70 36.62
CA HIS G 185 5.26 62.43 36.78
C HIS G 185 5.41 61.81 38.16
N PHE G 186 6.46 62.28 38.85
CA PHE G 186 6.75 61.84 40.22
C PHE G 186 5.92 62.70 41.16
N LEU G 187 5.91 63.99 40.88
CA LEU G 187 5.17 64.94 41.68
C LEU G 187 3.75 64.45 41.93
N ASP G 188 2.97 64.31 40.85
CA ASP G 188 1.58 63.87 41.00
C ASP G 188 1.53 62.64 41.88
N VAL G 189 2.49 61.73 41.70
CA VAL G 189 2.52 60.52 42.51
C VAL G 189 2.50 60.93 43.97
N VAL G 190 3.34 61.89 44.32
CA VAL G 190 3.39 62.36 45.69
C VAL G 190 2.05 62.99 46.05
N TRP G 191 1.32 63.45 45.03
CA TRP G 191 0.02 64.06 45.26
C TRP G 191 -1.09 63.00 45.24
N ILE G 192 -0.76 61.77 44.85
CA ILE G 192 -1.78 60.71 44.85
C ILE G 192 -1.73 60.08 46.24
N CYS G 193 -1.35 60.89 47.20
CA CYS G 193 -1.23 60.48 48.59
C CYS G 193 -1.71 61.65 49.42
N VAL G 194 -1.02 62.78 49.28
CA VAL G 194 -1.34 64.00 49.99
C VAL G 194 -2.78 64.00 50.44
N PHE G 195 -3.68 63.89 49.48
CA PHE G 195 -5.10 63.87 49.76
C PHE G 195 -5.46 62.50 50.34
N THR G 196 -4.92 61.48 49.71
CA THR G 196 -5.13 60.09 50.07
C THR G 196 -4.35 59.71 51.34
N VAL G 197 -4.30 60.66 52.27
CA VAL G 197 -3.61 60.46 53.55
C VAL G 197 -3.94 61.63 54.49
N VAL G 198 -3.63 62.85 54.06
CA VAL G 198 -3.87 64.05 54.85
C VAL G 198 -5.35 64.42 54.90
N TYR G 199 -5.87 64.87 53.77
CA TYR G 199 -7.25 65.29 53.63
C TYR G 199 -8.29 64.29 54.11
N LEU G 200 -8.58 63.30 53.26
CA LEU G 200 -9.57 62.28 53.60
C LEU G 200 -9.31 61.63 54.97
N MET G 201 -8.24 60.85 55.07
CA MET G 201 -7.88 60.17 56.31
C MET G 201 -7.85 61.16 57.47
N GLY G 202 -6.97 62.15 57.39
CA GLY G 202 -6.89 63.14 58.44
C GLY G 202 -8.26 63.71 58.76
N ALA G 203 -8.57 64.83 58.13
CA ALA G 203 -9.86 65.49 58.34
C ALA G 203 -9.99 66.07 59.75
N UNK H 1 1.25 48.56 16.06
CA UNK H 1 2.47 47.76 16.10
C UNK H 1 3.53 48.40 16.93
N UNK H 2 4.74 48.58 16.40
CA UNK H 2 5.69 49.25 17.25
C UNK H 2 4.97 50.46 17.83
N UNK H 3 4.39 51.27 16.96
CA UNK H 3 3.70 52.48 17.40
C UNK H 3 2.35 52.19 18.09
N UNK H 4 1.68 51.06 17.80
CA UNK H 4 0.36 50.65 18.36
C UNK H 4 0.48 50.17 19.80
N UNK H 5 1.47 49.35 20.02
CA UNK H 5 1.73 48.86 21.37
C UNK H 5 2.18 50.05 22.22
N UNK H 6 2.88 50.97 21.57
CA UNK H 6 3.33 52.20 22.20
C UNK H 6 2.10 53.01 22.63
N UNK H 7 1.17 53.13 21.68
CA UNK H 7 -0.07 53.86 21.92
C UNK H 7 -1.00 53.19 22.95
N UNK H 8 -1.24 51.89 22.82
CA UNK H 8 -2.12 51.26 23.81
C UNK H 8 -1.51 51.39 25.21
N UNK H 9 -0.20 51.13 25.29
CA UNK H 9 0.49 51.23 26.56
C UNK H 9 0.47 52.65 27.06
N UNK H 10 0.52 53.60 26.13
CA UNK H 10 0.48 54.99 26.53
C UNK H 10 -0.86 55.27 27.20
N UNK H 11 -1.97 54.89 26.54
CA UNK H 11 -3.36 55.11 27.00
C UNK H 11 -3.71 54.35 28.29
N UNK H 12 -3.16 53.14 28.41
CA UNK H 12 -3.34 52.34 29.59
C UNK H 12 -2.81 53.12 30.75
N UNK H 13 -1.81 53.91 30.49
CA UNK H 13 -1.34 54.76 31.55
C UNK H 13 -2.49 55.73 31.85
N UNK H 14 -3.04 56.32 30.77
CA UNK H 14 -4.11 57.30 30.92
C UNK H 14 -5.37 56.69 31.55
N UNK H 15 -5.75 55.49 31.08
CA UNK H 15 -6.91 54.76 31.57
C UNK H 15 -6.71 54.37 33.03
N UNK H 16 -5.49 53.95 33.36
CA UNK H 16 -5.14 53.57 34.72
C UNK H 16 -5.31 54.78 35.68
N UNK H 17 -4.98 55.97 35.15
CA UNK H 17 -5.10 57.21 35.91
C UNK H 17 -6.55 57.54 36.15
N UNK H 18 -7.29 57.71 35.05
CA UNK H 18 -8.72 58.02 35.14
C UNK H 18 -9.41 57.09 36.12
N UNK H 19 -9.04 55.83 36.09
CA UNK H 19 -9.64 54.88 37.02
C UNK H 19 -9.13 55.13 38.45
N UNK H 20 -7.92 55.63 38.59
CA UNK H 20 -7.44 55.93 39.89
C UNK H 20 -8.22 57.11 40.47
N UNK H 21 -8.50 58.11 39.63
CA UNK H 21 -9.25 59.28 40.09
C UNK H 21 -10.64 58.87 40.59
N UNK H 22 -11.27 57.95 39.83
CA UNK H 22 -12.60 57.41 40.14
C UNK H 22 -12.48 56.76 41.51
N UNK H 23 -11.41 55.96 41.68
CA UNK H 23 -11.10 55.26 42.93
C UNK H 23 -10.89 56.25 44.08
N UNK H 24 -10.13 57.30 43.82
CA UNK H 24 -9.85 58.33 44.80
C UNK H 24 -11.11 59.11 45.20
N UNK H 25 -11.93 59.45 44.20
CA UNK H 25 -13.20 60.14 44.44
C UNK H 25 -14.06 59.19 45.22
N UNK H 26 -13.96 57.97 44.73
CA UNK H 26 -14.56 56.85 45.35
C UNK H 26 -14.17 56.97 46.81
N UNK H 27 -12.87 57.03 47.07
CA UNK H 27 -12.39 57.18 48.40
C UNK H 27 -13.08 58.36 49.08
N UNK H 28 -13.32 59.41 48.33
CA UNK H 28 -13.96 60.62 48.86
C UNK H 28 -15.44 60.32 49.14
N UNK H 29 -16.03 59.49 48.29
CA UNK H 29 -17.43 59.13 48.47
C UNK H 29 -17.59 58.20 49.66
N UNK H 30 -16.69 57.26 49.77
CA UNK H 30 -16.69 56.37 50.91
C UNK H 30 -16.32 57.19 52.18
N UNK H 31 -15.90 58.48 51.97
CA UNK H 31 -15.39 59.41 53.03
C UNK H 31 -16.38 60.50 53.54
N UNK H 32 -17.37 60.90 52.72
CA UNK H 32 -18.40 61.85 53.16
C UNK H 32 -19.30 61.06 54.09
N UNK H 33 -19.29 59.74 53.86
CA UNK H 33 -20.03 58.78 54.60
C UNK H 33 -19.39 57.42 54.41
N UNK H 34 -19.48 56.65 55.49
CA UNK H 34 -18.88 55.35 55.53
C UNK H 34 -19.64 54.43 56.48
N UNK H 35 -19.54 53.16 56.16
CA UNK H 35 -20.16 52.12 56.94
C UNK H 35 -19.13 51.04 57.17
N UNK H 36 -18.40 51.26 58.22
CA UNK H 36 -17.32 50.40 58.55
C UNK H 36 -17.80 49.07 58.96
N UNK H 37 -17.12 48.15 58.36
CA UNK H 37 -17.38 46.77 58.63
C UNK H 37 -16.05 46.04 58.75
N UNK H 38 -15.65 45.79 59.96
CA UNK H 38 -14.42 45.08 60.12
C UNK H 38 -13.20 45.91 59.70
N UNK H 39 -12.37 45.28 58.88
CA UNK H 39 -11.14 45.89 58.43
C UNK H 39 -11.27 46.49 57.06
N UNK H 40 -12.35 46.15 56.41
CA UNK H 40 -12.56 46.65 55.09
C UNK H 40 -13.36 47.92 55.09
N UNK H 41 -12.74 48.99 55.48
CA UNK H 41 -13.53 50.13 55.40
C UNK H 41 -12.79 51.18 54.64
N UNK H 42 -13.53 52.23 54.54
CA UNK H 42 -13.11 53.41 53.87
C UNK H 42 -11.62 53.66 53.92
N UNK H 43 -11.05 53.70 55.10
CA UNK H 43 -9.65 53.99 55.27
C UNK H 43 -8.73 53.03 54.57
N UNK H 44 -9.01 51.74 54.73
CA UNK H 44 -8.24 50.67 54.07
C UNK H 44 -8.52 50.73 52.56
N UNK H 45 -9.74 51.03 52.15
CA UNK H 45 -10.02 51.12 50.73
C UNK H 45 -9.25 52.29 50.08
N UNK H 46 -9.19 53.41 50.77
CA UNK H 46 -8.45 54.55 50.24
C UNK H 46 -6.94 54.20 50.11
N UNK H 47 -6.40 53.51 51.12
CA UNK H 47 -4.99 53.17 51.14
C UNK H 47 -4.63 52.22 50.00
N UNK H 48 -5.50 51.21 49.79
CA UNK H 48 -5.31 50.22 48.72
C UNK H 48 -5.41 50.88 47.36
N UNK H 49 -6.33 51.82 47.23
CA UNK H 49 -6.49 52.55 45.96
C UNK H 49 -5.24 53.38 45.64
N UNK H 50 -4.57 53.85 46.72
CA UNK H 50 -3.37 54.66 46.62
C UNK H 50 -2.20 53.85 46.03
N UNK H 51 -2.13 52.59 46.43
CA UNK H 51 -1.05 51.71 46.00
C UNK H 51 -1.21 51.23 44.55
N UNK H 52 -2.43 50.72 44.26
CA UNK H 52 -2.79 50.19 42.94
C UNK H 52 -2.66 51.21 41.84
N UNK H 53 -3.09 52.41 42.16
CA UNK H 53 -3.02 53.47 41.19
C UNK H 53 -1.59 53.93 40.99
N UNK H 54 -0.89 54.21 42.09
CA UNK H 54 0.48 54.73 42.07
C UNK H 54 1.46 53.78 41.39
N UNK H 55 1.28 52.47 41.56
CA UNK H 55 2.14 51.50 40.90
C UNK H 55 1.97 51.62 39.40
N UNK H 56 0.77 52.03 39.02
CA UNK H 56 0.44 52.19 37.62
C UNK H 56 1.20 53.35 36.98
N UNK H 57 1.23 54.45 37.69
CA UNK H 57 1.92 55.68 37.26
C UNK H 57 3.44 55.48 37.15
N UNK H 58 3.99 54.72 38.11
CA UNK H 58 5.42 54.40 38.08
C UNK H 58 5.72 53.53 36.86
N UNK H 59 4.83 52.63 36.52
CA UNK H 59 5.01 51.76 35.36
C UNK H 59 4.99 52.53 34.08
N UNK H 60 4.03 53.48 34.00
CA UNK H 60 3.84 54.31 32.81
C UNK H 60 5.09 55.19 32.54
N UNK H 61 5.59 55.77 33.60
CA UNK H 61 6.77 56.64 33.58
C UNK H 61 8.00 55.85 33.18
N UNK H 62 8.16 54.65 33.72
CA UNK H 62 9.32 53.85 33.41
C UNK H 62 9.30 53.35 31.95
N UNK H 63 8.09 53.30 31.38
CA UNK H 63 7.89 52.84 30.00
C UNK H 63 8.18 53.96 28.98
N UNK H 64 7.84 55.18 29.36
CA UNK H 64 8.12 56.36 28.53
C UNK H 64 9.66 56.49 28.41
N UNK H 65 10.38 56.42 29.53
CA UNK H 65 11.84 56.55 29.51
C UNK H 65 12.47 55.46 28.63
N UNK H 66 11.98 54.22 28.82
CA UNK H 66 12.42 53.07 28.07
C UNK H 66 11.95 53.18 26.63
N UNK H 67 10.66 53.37 26.38
CA UNK H 67 10.23 53.52 25.00
C UNK H 67 11.29 54.31 24.26
N UNK H 68 11.80 55.37 24.92
CA UNK H 68 12.80 56.22 24.31
C UNK H 68 14.20 55.60 24.33
N UNK H 69 15.04 56.10 23.42
CA UNK H 69 16.40 55.63 23.33
C UNK H 69 17.28 56.41 24.30
N UNK H 70 17.08 56.13 25.57
CA UNK H 70 17.82 56.69 26.67
C UNK H 70 17.65 55.70 27.77
N UNK H 71 18.62 54.85 27.99
CA UNK H 71 18.42 53.90 29.04
C UNK H 71 17.55 52.74 28.51
N UNK H 72 17.28 52.71 27.20
CA UNK H 72 16.44 51.67 26.61
C UNK H 72 16.69 50.32 27.31
N UNK H 73 15.61 49.66 27.72
CA UNK H 73 15.61 48.37 28.40
C UNK H 73 16.34 48.37 29.77
N UNK H 74 17.41 47.56 29.82
CA UNK H 74 18.29 47.32 31.01
C UNK H 74 18.65 48.58 31.82
N UNK H 75 17.62 49.02 32.54
CA UNK H 75 17.60 50.19 33.41
C UNK H 75 16.17 50.48 33.75
N UNK H 76 15.24 50.28 32.81
CA UNK H 76 13.82 50.51 33.16
C UNK H 76 13.48 49.64 34.37
N UNK H 77 13.97 48.40 34.31
CA UNK H 77 13.72 47.47 35.39
C UNK H 77 14.49 47.88 36.64
N UNK H 78 15.76 48.21 36.47
CA UNK H 78 16.61 48.60 37.61
C UNK H 78 16.20 49.96 38.21
N UNK H 79 15.77 50.88 37.37
CA UNK H 79 15.32 52.17 37.83
C UNK H 79 14.09 51.99 38.71
N UNK H 80 13.25 51.05 38.29
CA UNK H 80 12.01 50.71 39.03
C UNK H 80 12.35 50.03 40.37
N UNK H 81 13.23 49.04 40.32
CA UNK H 81 13.63 48.30 41.49
C UNK H 81 14.35 49.15 42.55
N UNK H 82 15.36 49.90 42.14
CA UNK H 82 16.18 50.76 43.02
C UNK H 82 15.36 51.93 43.56
N UNK H 83 14.43 52.44 42.75
CA UNK H 83 13.58 53.57 43.20
C UNK H 83 12.56 53.12 44.22
N UNK H 84 11.99 51.97 43.92
CA UNK H 84 11.00 51.44 44.83
C UNK H 84 11.70 51.03 46.13
N UNK H 85 12.89 50.43 46.03
CA UNK H 85 13.61 49.99 47.23
C UNK H 85 13.96 51.20 48.12
N UNK H 86 14.63 52.18 47.50
CA UNK H 86 15.09 53.46 48.05
C UNK H 86 13.97 54.23 48.76
N UNK H 87 12.88 54.52 48.01
CA UNK H 87 11.74 55.18 48.60
C UNK H 87 11.20 54.27 49.70
N UNK H 88 11.23 52.98 49.44
CA UNK H 88 10.74 52.00 50.40
C UNK H 88 11.49 52.05 51.73
N UNK H 89 12.83 52.02 51.65
CA UNK H 89 13.64 52.16 52.84
C UNK H 89 13.32 53.54 53.41
N UNK H 90 13.59 54.56 52.63
CA UNK H 90 13.37 55.94 53.06
C UNK H 90 12.05 56.22 53.78
N UNK H 91 10.97 55.68 53.24
CA UNK H 91 9.67 55.85 53.87
C UNK H 91 9.68 55.24 55.28
N UNK H 92 10.16 54.01 55.33
CA UNK H 92 10.22 53.22 56.54
C UNK H 92 11.14 53.86 57.60
N UNK H 93 12.33 54.29 57.23
CA UNK H 93 13.25 54.90 58.19
C UNK H 93 12.61 56.14 58.83
N UNK H 94 11.99 56.97 57.94
CA UNK H 94 11.30 58.19 58.33
C UNK H 94 10.10 57.90 59.20
N UNK H 95 9.25 56.99 58.76
CA UNK H 95 8.04 56.65 59.53
C UNK H 95 8.34 56.03 60.90
N UNK H 96 9.18 55.00 60.92
CA UNK H 96 9.53 54.27 62.13
C UNK H 96 10.30 55.15 63.12
N UNK H 97 11.04 56.13 62.64
CA UNK H 97 11.74 57.01 63.59
C UNK H 97 10.67 57.84 64.34
N UNK H 98 9.60 58.16 63.61
CA UNK H 98 8.45 58.90 64.16
C UNK H 98 7.75 58.09 65.25
N UNK H 99 7.44 56.82 64.98
CA UNK H 99 6.77 55.97 66.00
C UNK H 99 7.61 55.81 67.24
N UNK H 100 8.92 55.64 67.05
CA UNK H 100 9.91 55.49 68.14
C UNK H 100 9.89 56.75 68.99
N UNK H 101 9.88 57.92 68.35
CA UNK H 101 9.84 59.18 69.08
C UNK H 101 8.58 59.22 69.92
N UNK H 102 7.46 58.82 69.29
CA UNK H 102 6.12 58.77 69.91
C UNK H 102 6.10 57.88 71.13
N UNK H 103 6.71 56.71 71.02
CA UNK H 103 6.78 55.81 72.14
C UNK H 103 7.52 56.45 73.32
N UNK H 104 8.71 56.98 73.08
CA UNK H 104 9.47 57.61 74.16
C UNK H 104 8.64 58.70 74.86
N UNK H 105 7.79 59.36 74.04
CA UNK H 105 6.87 60.45 74.43
C UNK H 105 5.90 59.87 75.47
N UNK H 106 5.90 58.54 75.40
CA UNK H 106 5.21 57.60 76.25
C UNK H 106 3.70 57.60 76.30
N UNK H 107 3.25 57.00 77.44
CA UNK H 107 1.87 56.78 77.93
C UNK H 107 1.01 55.92 77.01
N UNK H 108 -0.19 56.48 76.74
CA UNK H 108 -1.22 55.97 75.85
C UNK H 108 -1.44 57.01 74.77
N UNK H 109 -0.99 58.23 75.08
CA UNK H 109 -1.15 59.34 74.17
C UNK H 109 -0.86 60.68 74.86
CU CU I . -20.03 -68.12 -56.62
CHA HEM J . -11.24 -56.05 -51.28
CHB HEM J . -6.44 -55.81 -51.02
CHC HEM J . -6.09 -57.58 -55.49
CHD HEM J . -10.89 -57.89 -55.73
C1A HEM J . -9.97 -55.83 -50.83
C2A HEM J . -9.67 -55.33 -49.51
C3A HEM J . -8.32 -55.28 -49.45
C4A HEM J . -7.80 -55.72 -50.71
CMA HEM J . -7.49 -54.86 -48.24
CAA HEM J . -10.68 -54.93 -48.41
CBA HEM J . -11.05 -56.06 -47.41
CGA HEM J . -11.99 -55.60 -46.29
O1A HEM J . -11.61 -54.70 -45.51
O2A HEM J . -13.11 -56.13 -46.20
C1B HEM J . -5.93 -56.25 -52.21
C2B HEM J . -4.50 -56.33 -52.53
C3B HEM J . -4.44 -56.82 -53.78
C4B HEM J . -5.79 -57.06 -54.26
CMB HEM J . -3.33 -55.98 -51.62
CAB HEM J . -3.18 -57.07 -54.56
CBB HEM J . -2.43 -58.27 -53.99
C1C HEM J . -7.38 -57.83 -55.94
C2C HEM J . -7.68 -58.40 -57.22
C3C HEM J . -9.02 -58.50 -57.32
C4C HEM J . -9.55 -57.98 -56.05
CMC HEM J . -6.66 -58.84 -58.27
CAC HEM J . -9.71 -59.11 -58.36
CBC HEM J . -10.53 -58.47 -59.21
C1D HEM J . -11.41 -57.40 -54.53
C2D HEM J . -12.82 -57.30 -54.23
C3D HEM J . -12.92 -56.77 -52.98
C4D HEM J . -11.57 -56.56 -52.52
CMD HEM J . -13.96 -57.70 -55.13
CAD HEM J . -14.20 -56.33 -52.28
CBD HEM J . -14.65 -54.93 -52.73
CGD HEM J . -15.72 -54.32 -51.84
O1D HEM J . -15.48 -54.15 -50.63
O2D HEM J . -16.81 -53.98 -52.36
NA HEM J . -8.83 -56.07 -51.57
NB HEM J . -6.72 -56.70 -53.29
NC HEM J . -8.54 -57.57 -55.20
ND HEM J . -10.64 -56.94 -53.48
FE HEM J . -8.71 -56.82 -53.37
FE HEO K . -15.26 -68.79 -54.42
CHA HEO K . -17.46 -66.72 -52.85
CHB HEO K . -17.05 -71.45 -53.29
CHC HEO K . -13.94 -70.79 -56.85
CHD HEO K . -14.22 -66.08 -56.26
NA HEO K . -16.90 -69.03 -53.36
C1A HEO K . -17.61 -68.07 -52.68
C2A HEO K . -18.54 -68.64 -51.74
C3A HEO K . -18.40 -69.98 -51.85
C4A HEO K . -17.40 -70.21 -52.85
CMA HEO K . -19.10 -71.04 -51.02
CAA HEO K . -19.44 -67.88 -50.77
CBA HEO K . -18.68 -67.23 -49.60
CGA HEO K . -19.28 -65.90 -49.17
O1A HEO K . -19.53 -65.04 -50.06
O2A HEO K . -19.47 -65.68 -47.96
NB HEO K . -15.45 -70.68 -54.95
C1B HEO K . -16.13 -71.67 -54.28
C2B HEO K . -15.82 -72.98 -54.79
C3B HEO K . -14.97 -72.79 -55.80
C4B HEO K . -14.75 -71.37 -55.92
CMB HEO K . -16.30 -74.32 -54.22
NC HEO K . -14.29 -68.50 -56.14
C1C HEO K . -13.72 -69.45 -56.96
C2C HEO K . -12.90 -68.85 -58.00
C3C HEO K . -12.97 -67.51 -57.81
C4C HEO K . -13.83 -67.30 -56.68
CMC HEO K . -12.10 -69.60 -59.06
CAC HEO K . -12.32 -66.53 -58.55
CBC HEO K . -12.65 -66.22 -59.81
ND HEO K . -15.73 -66.88 -54.54
C1D HEO K . -15.12 -65.87 -55.28
C2D HEO K . -15.56 -64.56 -54.86
C3D HEO K . -16.46 -64.74 -53.89
C4D HEO K . -16.59 -66.16 -53.72
CMD HEO K . -15.11 -63.22 -55.44
CAD HEO K . -17.02 -63.68 -52.98
CBD HEO K . -18.08 -62.81 -53.58
CGD HEO K . -18.40 -61.68 -52.64
O1D HEO K . -17.58 -60.74 -52.54
O2D HEO K . -19.47 -61.73 -51.99
C11 HEO K . -14.42 -73.87 -56.68
O11 HEO K . -14.22 -73.39 -58.02
C12 HEO K . -13.06 -74.34 -56.18
C13 HEO K . -12.42 -75.32 -57.16
C14 HEO K . -11.14 -75.86 -56.61
C15 HEO K . -11.10 -77.00 -55.84
C16 HEO K . -9.87 -77.36 -55.08
C17 HEO K . -8.84 -78.04 -55.98
C18 HEO K . -8.80 -79.50 -55.62
C19 HEO K . -9.60 -80.42 -56.22
C20 HEO K . -9.51 -81.87 -55.84
C21 HEO K . -10.87 -82.40 -55.40
C22 HEO K . -11.15 -81.98 -53.99
C23 HEO K . -12.13 -82.56 -53.26
C24 HEO K . -12.97 -83.66 -53.83
C25 HEO K . -12.41 -82.15 -51.85
C26 HEO K . -12.28 -77.93 -55.73
C27 HEO K . -10.57 -80.05 -57.29
CU CU L . 26.03 58.15 65.90
CHA HEM M . 34.59 70.36 71.13
CHB HEM M . 39.38 70.65 71.43
CHC HEM M . 39.78 68.83 67.00
CHD HEM M . 34.99 68.47 66.73
C1A HEM M . 35.86 70.59 71.60
C2A HEM M . 36.14 71.09 72.92
C3A HEM M . 37.49 71.17 72.99
C4A HEM M . 38.03 70.71 71.73
CMA HEM M . 38.30 71.61 74.19
CAA HEM M . 35.12 71.51 74.00
CBA HEM M . 34.76 70.40 75.02
CGA HEM M . 33.81 70.87 76.13
O1A HEM M . 34.18 71.78 76.91
O2A HEM M . 32.69 70.32 76.23
C1B HEM M . 39.91 70.19 70.24
C2B HEM M . 41.34 70.12 69.93
C3B HEM M . 41.42 69.62 68.69
C4B HEM M . 40.09 69.37 68.22
CMB HEM M . 42.50 70.51 70.85
CAB HEM M . 42.69 69.38 67.92
CBB HEM M . 43.45 68.20 68.52
C1C HEM M . 38.51 68.56 66.54
C2C HEM M . 38.22 67.97 65.24
C3C HEM M . 36.89 67.84 65.14
C4C HEM M . 36.34 68.37 66.41
CMC HEM M . 39.27 67.56 64.20
CAC HEM M . 36.22 67.23 64.09
CBC HEM M . 35.40 67.87 63.24
C1D HEM M . 34.48 68.97 67.91
C2D HEM M . 33.07 69.07 68.20
C3D HEM M . 32.94 69.61 69.42
C4D HEM M . 34.29 69.83 69.90
CMD HEM M . 31.93 68.65 67.29
CAD HEM M . 31.65 70.06 70.13
CBD HEM M . 31.18 71.46 69.67
CGD HEM M . 30.09 72.04 70.53
O1D HEM M . 30.33 72.23 71.74
O2D HEM M . 29.00 72.34 70.02
NA HEM M . 37.02 70.35 70.87
NB HEM M . 39.14 69.72 69.18
NC HEM M . 37.35 68.80 67.26
ND HEM M . 35.23 69.45 68.95
FE HEM M . 37.18 69.58 69.07
FE HEO N . 30.76 57.55 68.10
CHA HEO N . 28.51 59.60 69.62
CHB HEO N . 28.98 54.88 69.23
CHC HEO N . 32.10 55.53 65.70
CHD HEO N . 31.76 60.25 66.24
NA HEO N . 29.11 57.29 69.14
C1A HEO N . 28.38 58.25 69.81
C2A HEO N . 27.45 57.68 70.75
C3A HEO N . 27.60 56.34 70.65
C4A HEO N . 28.62 56.11 69.66
CMA HEO N . 26.92 55.29 71.49
CAA HEO N . 26.53 58.43 71.70
CBA HEO N . 27.27 59.10 72.88
CGA HEO N . 26.63 60.42 73.29
O1A HEO N . 26.35 61.25 72.40
O2A HEO N . 26.40 60.63 74.49
NB HEO N . 30.58 55.65 67.57
C1B HEO N . 29.89 54.65 68.25
C2B HEO N . 30.22 53.34 67.75
C3B HEO N . 31.07 53.54 66.74
C4B HEO N . 31.29 54.95 66.62
CMB HEO N . 29.73 52.00 68.31
NC HEO N . 31.73 57.83 66.39
C1C HEO N . 32.31 56.88 65.58
C2C HEO N . 33.12 57.48 64.54
C3C HEO N . 33.04 58.81 64.71
C4C HEO N . 32.17 59.02 65.84
CMC HEO N . 33.92 56.73 63.47
CAC HEO N . 33.69 59.80 63.96
CBC HEO N . 33.36 60.08 62.70
ND HEO N . 30.26 59.45 67.96
C1D HEO N . 30.86 60.45 67.23
C2D HEO N . 30.39 61.76 67.61
C3D HEO N . 29.50 61.58 68.57
C4D HEO N . 29.39 60.16 68.76
CMD HEO N . 30.83 63.10 67.03
CAD HEO N . 28.90 62.65 69.46
CBD HEO N . 27.84 63.50 68.84
CGD HEO N . 27.49 64.63 69.76
O1D HEO N . 28.28 65.58 69.86
O2D HEO N . 26.44 64.56 70.42
C11 HEO N . 31.65 52.46 65.87
O11 HEO N . 31.86 52.95 64.54
C12 HEO N . 33.01 52.00 66.39
C13 HEO N . 33.68 51.03 65.41
C14 HEO N . 34.95 50.50 65.99
C15 HEO N . 35.00 49.39 66.78
C16 HEO N . 36.24 49.04 67.56
C17 HEO N . 37.30 48.36 66.68
C18 HEO N . 37.37 46.91 67.07
C19 HEO N . 36.56 45.95 66.48
C20 HEO N . 36.66 44.51 66.88
C21 HEO N . 35.29 43.98 67.28
C22 HEO N . 34.96 44.41 68.67
C23 HEO N . 33.97 43.83 69.39
C24 HEO N . 33.15 42.72 68.81
C25 HEO N . 33.66 44.25 70.79
C26 HEO N . 33.83 48.45 66.91
C27 HEO N . 35.58 46.30 65.40
#